data_5ETV
# 
_entry.id   5ETV 
# 
_audit_conform.dict_name       mmcif_pdbx.dic 
_audit_conform.dict_version    5.399 
_audit_conform.dict_location   http://mmcif.pdb.org/dictionaries/ascii/mmcif_pdbx.dic 
# 
loop_
_database_2.database_id 
_database_2.database_code 
_database_2.pdbx_database_accession 
_database_2.pdbx_DOI 
PDB   5ETV         pdb_00005etv 10.2210/pdb5etv/pdb 
WWPDB D_1000215447 ?            ?                   
# 
loop_
_pdbx_audit_revision_history.ordinal 
_pdbx_audit_revision_history.data_content_type 
_pdbx_audit_revision_history.major_revision 
_pdbx_audit_revision_history.minor_revision 
_pdbx_audit_revision_history.revision_date 
1 'Structure model' 1 0 2016-05-04 
2 'Structure model' 1 1 2016-06-22 
3 'Structure model' 1 2 2023-09-27 
4 'Structure model' 1 3 2023-11-15 
5 'Structure model' 1 4 2024-11-20 
# 
_pdbx_audit_revision_details.ordinal             1 
_pdbx_audit_revision_details.revision_ordinal    1 
_pdbx_audit_revision_details.data_content_type   'Structure model' 
_pdbx_audit_revision_details.provider            repository 
_pdbx_audit_revision_details.type                'Initial release' 
_pdbx_audit_revision_details.description         ? 
_pdbx_audit_revision_details.details             ? 
# 
loop_
_pdbx_audit_revision_group.ordinal 
_pdbx_audit_revision_group.revision_ordinal 
_pdbx_audit_revision_group.data_content_type 
_pdbx_audit_revision_group.group 
1 2 'Structure model' 'Database references'    
2 3 'Structure model' 'Data collection'        
3 3 'Structure model' 'Database references'    
4 3 'Structure model' 'Derived calculations'   
5 3 'Structure model' 'Refinement description' 
6 4 'Structure model' 'Data collection'        
7 5 'Structure model' 'Structure summary'      
# 
loop_
_pdbx_audit_revision_category.ordinal 
_pdbx_audit_revision_category.revision_ordinal 
_pdbx_audit_revision_category.data_content_type 
_pdbx_audit_revision_category.category 
1  3 'Structure model' chem_comp_atom                
2  3 'Structure model' chem_comp_bond                
3  3 'Structure model' citation                      
4  3 'Structure model' database_2                    
5  3 'Structure model' diffrn_source                 
6  3 'Structure model' pdbx_initial_refinement_model 
7  3 'Structure model' pdbx_struct_conn_angle        
8  3 'Structure model' pdbx_struct_oper_list         
9  3 'Structure model' struct_conn                   
10 4 'Structure model' chem_comp_atom                
11 4 'Structure model' chem_comp_bond                
12 5 'Structure model' pdbx_entry_details            
13 5 'Structure model' pdbx_modification_feature     
# 
loop_
_pdbx_audit_revision_item.ordinal 
_pdbx_audit_revision_item.revision_ordinal 
_pdbx_audit_revision_item.data_content_type 
_pdbx_audit_revision_item.item 
1  3 'Structure model' '_citation.journal_id_CSD'                    
2  3 'Structure model' '_database_2.pdbx_DOI'                        
3  3 'Structure model' '_database_2.pdbx_database_accession'         
4  3 'Structure model' '_diffrn_source.pdbx_synchrotron_site'        
5  3 'Structure model' '_pdbx_struct_conn_angle.ptnr1_auth_seq_id'   
6  3 'Structure model' '_pdbx_struct_conn_angle.ptnr1_label_atom_id' 
7  3 'Structure model' '_pdbx_struct_conn_angle.ptnr2_auth_seq_id'   
8  3 'Structure model' '_pdbx_struct_conn_angle.ptnr2_label_asym_id' 
9  3 'Structure model' '_pdbx_struct_conn_angle.ptnr3_auth_seq_id'   
10 3 'Structure model' '_pdbx_struct_conn_angle.ptnr3_label_atom_id' 
11 3 'Structure model' '_pdbx_struct_conn_angle.value'               
12 3 'Structure model' '_pdbx_struct_oper_list.symmetry_operation'   
13 3 'Structure model' '_struct_conn.pdbx_dist_value'                
14 3 'Structure model' '_struct_conn.ptnr1_label_atom_id'            
15 3 'Structure model' '_struct_conn.ptnr2_auth_seq_id'              
16 3 'Structure model' '_struct_conn.ptnr2_label_asym_id'            
17 4 'Structure model' '_chem_comp_atom.atom_id'                     
18 4 'Structure model' '_chem_comp_bond.atom_id_2'                   
# 
_pdbx_database_status.status_code                     REL 
_pdbx_database_status.status_code_sf                  REL 
_pdbx_database_status.status_code_mr                  ? 
_pdbx_database_status.entry_id                        5ETV 
_pdbx_database_status.recvd_initial_deposition_date   2015-11-18 
_pdbx_database_status.SG_entry                        N 
_pdbx_database_status.deposit_site                    RCSB 
_pdbx_database_status.process_site                    RCSB 
_pdbx_database_status.status_code_cs                  ? 
_pdbx_database_status.methods_development_category    ? 
_pdbx_database_status.pdb_format_compatible           Y 
_pdbx_database_status.status_code_nmr_data            ? 
# 
loop_
_pdbx_database_related.db_name 
_pdbx_database_related.details 
_pdbx_database_related.db_id 
_pdbx_database_related.content_type 
PDB '5ETP contains the same inhibitor complexed with the E. coli variant of HPPK' 5ETP unspecified 
PDB .                                                                             5ETK unspecified 
PDB .                                                                             5ETL unspecified 
PDB .                                                                             5ETM unspecified 
PDB .                                                                             5ETN unspecified 
PDB .                                                                             5ETO unspecified 
PDB .                                                                             5ETQ unspecified 
PDB .                                                                             5ETR unspecified 
PDB .                                                                             5ETS unspecified 
PDB .                                                                             5ETV unspecified 
# 
loop_
_audit_author.name 
_audit_author.pdbx_ordinal 
'Dennis, M.L.'    1 
'Peat, T.S.'      2 
'Swarbrick, J.D.' 3 
# 
_citation.abstract                  ? 
_citation.abstract_id_CAS           ? 
_citation.book_id_ISBN              ? 
_citation.book_publisher            ? 
_citation.book_publisher_city       ? 
_citation.book_title                ? 
_citation.coordinate_linkage        ? 
_citation.country                   US 
_citation.database_id_Medline       ? 
_citation.details                   ? 
_citation.id                        primary 
_citation.journal_abbrev            J.Med.Chem. 
_citation.journal_id_ASTM           JMCMAR 
_citation.journal_id_CSD            0151 
_citation.journal_id_ISSN           0022-2623 
_citation.journal_full              ? 
_citation.journal_issue             ? 
_citation.journal_volume            59 
_citation.language                  ? 
_citation.page_first                5248 
_citation.page_last                 5263 
_citation.title                     
;Structural Basis for the Selective Binding of Inhibitors to 6-Hydroxymethyl-7,8-dihydropterin Pyrophosphokinase from Staphylococcus aureus and Escherichia coli.
;
_citation.year                      2016 
_citation.database_id_CSD           ? 
_citation.pdbx_database_id_DOI      10.1021/acs.jmedchem.6b00002 
_citation.pdbx_database_id_PubMed   27094768 
_citation.unpublished_flag          ? 
# 
loop_
_citation_author.citation_id 
_citation_author.name 
_citation_author.ordinal 
_citation_author.identifier_ORCID 
primary 'Dennis, M.L.'    1  ? 
primary 'Pitcher, N.P.'   2  ? 
primary 'Lee, M.D.'       3  ? 
primary 'DeBono, A.J.'    4  ? 
primary 'Wang, Z.C.'      5  ? 
primary 'Harjani, J.R.'   6  ? 
primary 'Rahmani, R.'     7  ? 
primary 'Cleary, B.'      8  ? 
primary 'Peat, T.S.'      9  ? 
primary 'Baell, J.B.'     10 ? 
primary 'Swarbrick, J.D.' 11 ? 
# 
loop_
_entity.id 
_entity.type 
_entity.src_method 
_entity.pdbx_description 
_entity.formula_weight 
_entity.pdbx_number_of_molecules 
_entity.pdbx_ec 
_entity.pdbx_mutation 
_entity.pdbx_fragment 
_entity.details 
1 polymer     man '2-amino-4-hydroxy-6-hydroxymethyldihydropteridine pyrophosphokinase'                 18320.098 1   2.7.6.3 ? ? 
'Additional density was present at residue Cys80. This was modelled as the oxidized form of cysteine, S-hydroxycysteine' 
2 non-polymer syn 'DIPHOSPHOMETHYLPHOSPHONIC ACID ADENOSYL ESTER'                                       505.208   1   ?       ? ? 
?                                                                                                                        
3 non-polymer syn '2-azanyl-8-[2-(4-bromophenyl)-2-oxidanylidene-ethyl]sulfanyl-1,9-dihydropurin-6-one' 380.220   1   ?       ? ? 
?                                                                                                                        
4 non-polymer syn 'MAGNESIUM ION'                                                                       24.305    2   ?       ? ? 
?                                                                                                                        
5 non-polymer syn 'NITRATE ION'                                                                         62.005    1   ?       ? ? 
?                                                                                                                        
6 water       nat water                                                                                 18.015    101 ?       ? ? 
?                                                                                                                        
# 
_entity_poly.entity_id                      1 
_entity_poly.type                           'polypeptide(L)' 
_entity_poly.nstd_linkage                   no 
_entity_poly.nstd_monomer                   yes 
_entity_poly.pdbx_seq_one_letter_code       
;GSHMIQAYLGLGSNIGDRESQLNDAIKILNEYDGISVSNISPIYETAPVGYTEQPNFLNLCVEIQTTLTVLQLLECCLKT
EE(CSO)LHRIRKERWGPRTLDVDILLYGEEMIDLPKLSVPHPRMNERAFVLIPLNDIAANVVEPRSKLKVKDLVFVDDS
VKRYK
;
_entity_poly.pdbx_seq_one_letter_code_can   
;GSHMIQAYLGLGSNIGDRESQLNDAIKILNEYDGISVSNISPIYETAPVGYTEQPNFLNLCVEIQTTLTVLQLLECCLKT
EECLHRIRKERWGPRTLDVDILLYGEEMIDLPKLSVPHPRMNERAFVLIPLNDIAANVVEPRSKLKVKDLVFVDDSVKRY
K
;
_entity_poly.pdbx_strand_id                 A 
_entity_poly.pdbx_target_identifier         ? 
# 
loop_
_pdbx_entity_nonpoly.entity_id 
_pdbx_entity_nonpoly.name 
_pdbx_entity_nonpoly.comp_id 
2 'DIPHOSPHOMETHYLPHOSPHONIC ACID ADENOSYL ESTER'                                       APC 
3 '2-azanyl-8-[2-(4-bromophenyl)-2-oxidanylidene-ethyl]sulfanyl-1,9-dihydropurin-6-one' 5RZ 
4 'MAGNESIUM ION'                                                                       MG  
5 'NITRATE ION'                                                                         NO3 
6 water                                                                                 HOH 
# 
loop_
_entity_poly_seq.entity_id 
_entity_poly_seq.num 
_entity_poly_seq.mon_id 
_entity_poly_seq.hetero 
1 1   GLY n 
1 2   SER n 
1 3   HIS n 
1 4   MET n 
1 5   ILE n 
1 6   GLN n 
1 7   ALA n 
1 8   TYR n 
1 9   LEU n 
1 10  GLY n 
1 11  LEU n 
1 12  GLY n 
1 13  SER n 
1 14  ASN n 
1 15  ILE n 
1 16  GLY n 
1 17  ASP n 
1 18  ARG n 
1 19  GLU n 
1 20  SER n 
1 21  GLN n 
1 22  LEU n 
1 23  ASN n 
1 24  ASP n 
1 25  ALA n 
1 26  ILE n 
1 27  LYS n 
1 28  ILE n 
1 29  LEU n 
1 30  ASN n 
1 31  GLU n 
1 32  TYR n 
1 33  ASP n 
1 34  GLY n 
1 35  ILE n 
1 36  SER n 
1 37  VAL n 
1 38  SER n 
1 39  ASN n 
1 40  ILE n 
1 41  SER n 
1 42  PRO n 
1 43  ILE n 
1 44  TYR n 
1 45  GLU n 
1 46  THR n 
1 47  ALA n 
1 48  PRO n 
1 49  VAL n 
1 50  GLY n 
1 51  TYR n 
1 52  THR n 
1 53  GLU n 
1 54  GLN n 
1 55  PRO n 
1 56  ASN n 
1 57  PHE n 
1 58  LEU n 
1 59  ASN n 
1 60  LEU n 
1 61  CYS n 
1 62  VAL n 
1 63  GLU n 
1 64  ILE n 
1 65  GLN n 
1 66  THR n 
1 67  THR n 
1 68  LEU n 
1 69  THR n 
1 70  VAL n 
1 71  LEU n 
1 72  GLN n 
1 73  LEU n 
1 74  LEU n 
1 75  GLU n 
1 76  CYS n 
1 77  CYS n 
1 78  LEU n 
1 79  LYS n 
1 80  THR n 
1 81  GLU n 
1 82  GLU n 
1 83  CSO n 
1 84  LEU n 
1 85  HIS n 
1 86  ARG n 
1 87  ILE n 
1 88  ARG n 
1 89  LYS n 
1 90  GLU n 
1 91  ARG n 
1 92  TRP n 
1 93  GLY n 
1 94  PRO n 
1 95  ARG n 
1 96  THR n 
1 97  LEU n 
1 98  ASP n 
1 99  VAL n 
1 100 ASP n 
1 101 ILE n 
1 102 LEU n 
1 103 LEU n 
1 104 TYR n 
1 105 GLY n 
1 106 GLU n 
1 107 GLU n 
1 108 MET n 
1 109 ILE n 
1 110 ASP n 
1 111 LEU n 
1 112 PRO n 
1 113 LYS n 
1 114 LEU n 
1 115 SER n 
1 116 VAL n 
1 117 PRO n 
1 118 HIS n 
1 119 PRO n 
1 120 ARG n 
1 121 MET n 
1 122 ASN n 
1 123 GLU n 
1 124 ARG n 
1 125 ALA n 
1 126 PHE n 
1 127 VAL n 
1 128 LEU n 
1 129 ILE n 
1 130 PRO n 
1 131 LEU n 
1 132 ASN n 
1 133 ASP n 
1 134 ILE n 
1 135 ALA n 
1 136 ALA n 
1 137 ASN n 
1 138 VAL n 
1 139 VAL n 
1 140 GLU n 
1 141 PRO n 
1 142 ARG n 
1 143 SER n 
1 144 LYS n 
1 145 LEU n 
1 146 LYS n 
1 147 VAL n 
1 148 LYS n 
1 149 ASP n 
1 150 LEU n 
1 151 VAL n 
1 152 PHE n 
1 153 VAL n 
1 154 ASP n 
1 155 ASP n 
1 156 SER n 
1 157 VAL n 
1 158 LYS n 
1 159 ARG n 
1 160 TYR n 
1 161 LYS n 
# 
_entity_src_gen.entity_id                          1 
_entity_src_gen.pdbx_src_id                        1 
_entity_src_gen.pdbx_alt_source_flag               sample 
_entity_src_gen.pdbx_seq_type                      'Biological sequence' 
_entity_src_gen.pdbx_beg_seq_num                   1 
_entity_src_gen.pdbx_end_seq_num                   161 
_entity_src_gen.gene_src_common_name               ? 
_entity_src_gen.gene_src_genus                     ? 
_entity_src_gen.pdbx_gene_src_gene                 
;RK60_02090, RK67_01645, RK72_06915, RK74_04210, RK75_00240, RK80_01970, RK83_05435, RK84_03130, RK95_04415, RK96_04825, RK98_03440, RK99_07885, RL05_10010, RL06_09555, RL08_05305, TM59_02255
;
_entity_src_gen.gene_src_species                   ? 
_entity_src_gen.gene_src_strain                    ? 
_entity_src_gen.gene_src_tissue                    ? 
_entity_src_gen.gene_src_tissue_fraction           ? 
_entity_src_gen.gene_src_details                   ? 
_entity_src_gen.pdbx_gene_src_fragment             ? 
_entity_src_gen.pdbx_gene_src_scientific_name      'Staphylococcus aureus' 
_entity_src_gen.pdbx_gene_src_ncbi_taxonomy_id     1280 
_entity_src_gen.pdbx_gene_src_variant              ? 
_entity_src_gen.pdbx_gene_src_cell_line            ? 
_entity_src_gen.pdbx_gene_src_atcc                 ? 
_entity_src_gen.pdbx_gene_src_organ                ? 
_entity_src_gen.pdbx_gene_src_organelle            ? 
_entity_src_gen.pdbx_gene_src_cell                 ? 
_entity_src_gen.pdbx_gene_src_cellular_location    ? 
_entity_src_gen.host_org_common_name               ? 
_entity_src_gen.pdbx_host_org_scientific_name      'Escherichia coli' 
_entity_src_gen.pdbx_host_org_ncbi_taxonomy_id     562 
_entity_src_gen.host_org_genus                     ? 
_entity_src_gen.pdbx_host_org_gene                 ? 
_entity_src_gen.pdbx_host_org_organ                ? 
_entity_src_gen.host_org_species                   ? 
_entity_src_gen.pdbx_host_org_tissue               ? 
_entity_src_gen.pdbx_host_org_tissue_fraction      ? 
_entity_src_gen.pdbx_host_org_strain               ? 
_entity_src_gen.pdbx_host_org_variant              ? 
_entity_src_gen.pdbx_host_org_cell_line            ? 
_entity_src_gen.pdbx_host_org_atcc                 ? 
_entity_src_gen.pdbx_host_org_culture_collection   ? 
_entity_src_gen.pdbx_host_org_cell                 ? 
_entity_src_gen.pdbx_host_org_organelle            ? 
_entity_src_gen.pdbx_host_org_cellular_location    ? 
_entity_src_gen.pdbx_host_org_vector_type          ? 
_entity_src_gen.pdbx_host_org_vector               ? 
_entity_src_gen.host_org_details                   ? 
_entity_src_gen.expression_system_id               ? 
_entity_src_gen.plasmid_name                       ? 
_entity_src_gen.plasmid_details                    ? 
_entity_src_gen.pdbx_description                   ? 
# 
loop_
_chem_comp.id 
_chem_comp.type 
_chem_comp.mon_nstd_flag 
_chem_comp.name 
_chem_comp.pdbx_synonyms 
_chem_comp.formula 
_chem_comp.formula_weight 
5RZ non-polymer         . '2-azanyl-8-[2-(4-bromophenyl)-2-oxidanylidene-ethyl]sulfanyl-1,9-dihydropurin-6-one' ? 
'C13 H10 Br N5 O2 S' 380.220 
ALA 'L-peptide linking' y ALANINE                                                                               ? 'C3 H7 N O2' 
89.093  
APC non-polymer         . 'DIPHOSPHOMETHYLPHOSPHONIC ACID ADENOSYL ESTER'                                       
"ALPHA,BETA-METHYLENEADENOSINE-5'-TRIPHOSPHATE" 'C11 H18 N5 O12 P3'  505.208 
ARG 'L-peptide linking' y ARGININE                                                                              ? 'C6 H15 N4 O2 1' 
175.209 
ASN 'L-peptide linking' y ASPARAGINE                                                                            ? 'C4 H8 N2 O3' 
132.118 
ASP 'L-peptide linking' y 'ASPARTIC ACID'                                                                       ? 'C4 H7 N O4' 
133.103 
CSO 'L-peptide linking' n S-HYDROXYCYSTEINE                                                                     ? 'C3 H7 N O3 S' 
137.158 
CYS 'L-peptide linking' y CYSTEINE                                                                              ? 'C3 H7 N O2 S' 
121.158 
GLN 'L-peptide linking' y GLUTAMINE                                                                             ? 'C5 H10 N2 O3' 
146.144 
GLU 'L-peptide linking' y 'GLUTAMIC ACID'                                                                       ? 'C5 H9 N O4' 
147.129 
GLY 'peptide linking'   y GLYCINE                                                                               ? 'C2 H5 N O2' 
75.067  
HIS 'L-peptide linking' y HISTIDINE                                                                             ? 'C6 H10 N3 O2 1' 
156.162 
HOH non-polymer         . WATER                                                                                 ? 'H2 O' 18.015  
ILE 'L-peptide linking' y ISOLEUCINE                                                                            ? 'C6 H13 N O2' 
131.173 
LEU 'L-peptide linking' y LEUCINE                                                                               ? 'C6 H13 N O2' 
131.173 
LYS 'L-peptide linking' y LYSINE                                                                                ? 'C6 H15 N2 O2 1' 
147.195 
MET 'L-peptide linking' y METHIONINE                                                                            ? 'C5 H11 N O2 S' 
149.211 
MG  non-polymer         . 'MAGNESIUM ION'                                                                       ? 'Mg 2' 24.305  
NO3 non-polymer         . 'NITRATE ION'                                                                         ? 'N O3 -1' 62.005 
PHE 'L-peptide linking' y PHENYLALANINE                                                                         ? 'C9 H11 N O2' 
165.189 
PRO 'L-peptide linking' y PROLINE                                                                               ? 'C5 H9 N O2' 
115.130 
SER 'L-peptide linking' y SERINE                                                                                ? 'C3 H7 N O3' 
105.093 
THR 'L-peptide linking' y THREONINE                                                                             ? 'C4 H9 N O3' 
119.119 
TRP 'L-peptide linking' y TRYPTOPHAN                                                                            ? 'C11 H12 N2 O2' 
204.225 
TYR 'L-peptide linking' y TYROSINE                                                                              ? 'C9 H11 N O3' 
181.189 
VAL 'L-peptide linking' y VALINE                                                                                ? 'C5 H11 N O2' 
117.146 
# 
loop_
_pdbx_poly_seq_scheme.asym_id 
_pdbx_poly_seq_scheme.entity_id 
_pdbx_poly_seq_scheme.seq_id 
_pdbx_poly_seq_scheme.mon_id 
_pdbx_poly_seq_scheme.ndb_seq_num 
_pdbx_poly_seq_scheme.pdb_seq_num 
_pdbx_poly_seq_scheme.auth_seq_num 
_pdbx_poly_seq_scheme.pdb_mon_id 
_pdbx_poly_seq_scheme.auth_mon_id 
_pdbx_poly_seq_scheme.pdb_strand_id 
_pdbx_poly_seq_scheme.pdb_ins_code 
_pdbx_poly_seq_scheme.hetero 
A 1 1   GLY 1   -2  ?   ?   ?   A . n 
A 1 2   SER 2   -1  ?   ?   ?   A . n 
A 1 3   HIS 3   0   0   HIS HIS A . n 
A 1 4   MET 4   1   1   MET MET A . n 
A 1 5   ILE 5   2   2   ILE ILE A . n 
A 1 6   GLN 6   3   3   GLN GLN A . n 
A 1 7   ALA 7   4   4   ALA ALA A . n 
A 1 8   TYR 8   5   5   TYR TYR A . n 
A 1 9   LEU 9   6   6   LEU LEU A . n 
A 1 10  GLY 10  7   7   GLY GLY A . n 
A 1 11  LEU 11  8   8   LEU LEU A . n 
A 1 12  GLY 12  9   9   GLY GLY A . n 
A 1 13  SER 13  10  10  SER SER A . n 
A 1 14  ASN 14  11  11  ASN ASN A . n 
A 1 15  ILE 15  12  12  ILE ILE A . n 
A 1 16  GLY 16  13  13  GLY GLY A . n 
A 1 17  ASP 17  14  14  ASP ASP A . n 
A 1 18  ARG 18  15  15  ARG ARG A . n 
A 1 19  GLU 19  16  16  GLU GLU A . n 
A 1 20  SER 20  17  17  SER SER A . n 
A 1 21  GLN 21  18  18  GLN GLN A . n 
A 1 22  LEU 22  19  19  LEU LEU A . n 
A 1 23  ASN 23  20  20  ASN ASN A . n 
A 1 24  ASP 24  21  21  ASP ASP A . n 
A 1 25  ALA 25  22  22  ALA ALA A . n 
A 1 26  ILE 26  23  23  ILE ILE A . n 
A 1 27  LYS 27  24  24  LYS LYS A . n 
A 1 28  ILE 28  25  25  ILE ILE A . n 
A 1 29  LEU 29  26  26  LEU LEU A . n 
A 1 30  ASN 30  27  27  ASN ASN A . n 
A 1 31  GLU 31  28  28  GLU GLU A . n 
A 1 32  TYR 32  29  29  TYR TYR A . n 
A 1 33  ASP 33  30  30  ASP ASP A . n 
A 1 34  GLY 34  31  31  GLY GLY A . n 
A 1 35  ILE 35  32  32  ILE ILE A . n 
A 1 36  SER 36  33  33  SER SER A . n 
A 1 37  VAL 37  34  34  VAL VAL A . n 
A 1 38  SER 38  35  35  SER SER A . n 
A 1 39  ASN 39  36  36  ASN ASN A . n 
A 1 40  ILE 40  37  37  ILE ILE A . n 
A 1 41  SER 41  38  38  SER SER A . n 
A 1 42  PRO 42  39  39  PRO PRO A . n 
A 1 43  ILE 43  40  40  ILE ILE A . n 
A 1 44  TYR 44  41  41  TYR TYR A . n 
A 1 45  GLU 45  42  42  GLU GLU A . n 
A 1 46  THR 46  43  43  THR THR A . n 
A 1 47  ALA 47  44  44  ALA ALA A . n 
A 1 48  PRO 48  45  45  PRO PRO A . n 
A 1 49  VAL 49  46  46  VAL VAL A . n 
A 1 50  GLY 50  47  47  GLY GLY A . n 
A 1 51  TYR 51  48  48  TYR TYR A . n 
A 1 52  THR 52  49  49  THR THR A . n 
A 1 53  GLU 53  50  50  GLU GLU A . n 
A 1 54  GLN 54  51  51  GLN GLN A . n 
A 1 55  PRO 55  52  52  PRO PRO A . n 
A 1 56  ASN 56  53  53  ASN ASN A . n 
A 1 57  PHE 57  54  54  PHE PHE A . n 
A 1 58  LEU 58  55  55  LEU LEU A . n 
A 1 59  ASN 59  56  56  ASN ASN A . n 
A 1 60  LEU 60  57  57  LEU LEU A . n 
A 1 61  CYS 61  58  58  CYS CYS A . n 
A 1 62  VAL 62  59  59  VAL VAL A . n 
A 1 63  GLU 63  60  60  GLU GLU A . n 
A 1 64  ILE 64  61  61  ILE ILE A . n 
A 1 65  GLN 65  62  62  GLN GLN A . n 
A 1 66  THR 66  63  63  THR THR A . n 
A 1 67  THR 67  64  64  THR THR A . n 
A 1 68  LEU 68  65  65  LEU LEU A . n 
A 1 69  THR 69  66  66  THR THR A . n 
A 1 70  VAL 70  67  67  VAL VAL A . n 
A 1 71  LEU 71  68  68  LEU LEU A . n 
A 1 72  GLN 72  69  69  GLN GLN A . n 
A 1 73  LEU 73  70  70  LEU LEU A . n 
A 1 74  LEU 74  71  71  LEU LEU A . n 
A 1 75  GLU 75  72  72  GLU GLU A . n 
A 1 76  CYS 76  73  73  CYS CYS A . n 
A 1 77  CYS 77  74  74  CYS CYS A . n 
A 1 78  LEU 78  75  75  LEU LEU A . n 
A 1 79  LYS 79  76  76  LYS LYS A . n 
A 1 80  THR 80  77  77  THR THR A . n 
A 1 81  GLU 81  78  78  GLU GLU A . n 
A 1 82  GLU 82  79  79  GLU GLU A . n 
A 1 83  CSO 83  80  80  CSO CSO A . n 
A 1 84  LEU 84  81  81  LEU LEU A . n 
A 1 85  HIS 85  82  82  HIS HIS A . n 
A 1 86  ARG 86  83  83  ARG ARG A . n 
A 1 87  ILE 87  84  84  ILE ILE A . n 
A 1 88  ARG 88  85  85  ARG ARG A . n 
A 1 89  LYS 89  86  86  LYS LYS A . n 
A 1 90  GLU 90  87  87  GLU GLU A . n 
A 1 91  ARG 91  88  88  ARG ARG A . n 
A 1 92  TRP 92  89  89  TRP TRP A . n 
A 1 93  GLY 93  90  90  GLY GLY A . n 
A 1 94  PRO 94  91  91  PRO PRO A . n 
A 1 95  ARG 95  92  92  ARG ARG A . n 
A 1 96  THR 96  93  93  THR THR A . n 
A 1 97  LEU 97  94  94  LEU LEU A . n 
A 1 98  ASP 98  95  95  ASP ASP A . n 
A 1 99  VAL 99  96  96  VAL VAL A . n 
A 1 100 ASP 100 97  97  ASP ASP A . n 
A 1 101 ILE 101 98  98  ILE ILE A . n 
A 1 102 LEU 102 99  99  LEU LEU A . n 
A 1 103 LEU 103 100 100 LEU LEU A . n 
A 1 104 TYR 104 101 101 TYR TYR A . n 
A 1 105 GLY 105 102 102 GLY GLY A . n 
A 1 106 GLU 106 103 103 GLU GLU A . n 
A 1 107 GLU 107 104 104 GLU GLU A . n 
A 1 108 MET 108 105 105 MET MET A . n 
A 1 109 ILE 109 106 106 ILE ILE A . n 
A 1 110 ASP 110 107 107 ASP ASP A . n 
A 1 111 LEU 111 108 108 LEU LEU A . n 
A 1 112 PRO 112 109 109 PRO PRO A . n 
A 1 113 LYS 113 110 110 LYS LYS A . n 
A 1 114 LEU 114 111 111 LEU LEU A . n 
A 1 115 SER 115 112 112 SER SER A . n 
A 1 116 VAL 116 113 113 VAL VAL A . n 
A 1 117 PRO 117 114 114 PRO PRO A . n 
A 1 118 HIS 118 115 115 HIS HIS A . n 
A 1 119 PRO 119 116 116 PRO PRO A . n 
A 1 120 ARG 120 117 117 ARG ARG A . n 
A 1 121 MET 121 118 118 MET MET A . n 
A 1 122 ASN 122 119 119 ASN ASN A . n 
A 1 123 GLU 123 120 120 GLU GLU A . n 
A 1 124 ARG 124 121 121 ARG ARG A . n 
A 1 125 ALA 125 122 122 ALA ALA A . n 
A 1 126 PHE 126 123 123 PHE PHE A . n 
A 1 127 VAL 127 124 124 VAL VAL A . n 
A 1 128 LEU 128 125 125 LEU LEU A . n 
A 1 129 ILE 129 126 126 ILE ILE A . n 
A 1 130 PRO 130 127 127 PRO PRO A . n 
A 1 131 LEU 131 128 128 LEU LEU A . n 
A 1 132 ASN 132 129 129 ASN ASN A . n 
A 1 133 ASP 133 130 130 ASP ASP A . n 
A 1 134 ILE 134 131 131 ILE ILE A . n 
A 1 135 ALA 135 132 132 ALA ALA A . n 
A 1 136 ALA 136 133 133 ALA ALA A . n 
A 1 137 ASN 137 134 134 ASN ASN A . n 
A 1 138 VAL 138 135 135 VAL VAL A . n 
A 1 139 VAL 139 136 136 VAL VAL A . n 
A 1 140 GLU 140 137 137 GLU GLU A . n 
A 1 141 PRO 141 138 138 PRO PRO A . n 
A 1 142 ARG 142 139 139 ARG ARG A . n 
A 1 143 SER 143 140 140 SER SER A . n 
A 1 144 LYS 144 141 141 LYS LYS A . n 
A 1 145 LEU 145 142 142 LEU LEU A . n 
A 1 146 LYS 146 143 143 LYS LYS A . n 
A 1 147 VAL 147 144 144 VAL VAL A . n 
A 1 148 LYS 148 145 145 LYS LYS A . n 
A 1 149 ASP 149 146 146 ASP ASP A . n 
A 1 150 LEU 150 147 147 LEU LEU A . n 
A 1 151 VAL 151 148 148 VAL VAL A . n 
A 1 152 PHE 152 149 149 PHE PHE A . n 
A 1 153 VAL 153 150 150 VAL VAL A . n 
A 1 154 ASP 154 151 151 ASP ASP A . n 
A 1 155 ASP 155 152 152 ASP ASP A . n 
A 1 156 SER 156 153 153 SER SER A . n 
A 1 157 VAL 157 154 154 VAL VAL A . n 
A 1 158 LYS 158 155 155 LYS LYS A . n 
A 1 159 ARG 159 156 156 ARG ARG A . n 
A 1 160 TYR 160 157 157 TYR TYR A . n 
A 1 161 LYS 161 158 ?   ?   ?   A . n 
# 
loop_
_pdbx_nonpoly_scheme.asym_id 
_pdbx_nonpoly_scheme.entity_id 
_pdbx_nonpoly_scheme.mon_id 
_pdbx_nonpoly_scheme.ndb_seq_num 
_pdbx_nonpoly_scheme.pdb_seq_num 
_pdbx_nonpoly_scheme.auth_seq_num 
_pdbx_nonpoly_scheme.pdb_mon_id 
_pdbx_nonpoly_scheme.auth_mon_id 
_pdbx_nonpoly_scheme.pdb_strand_id 
_pdbx_nonpoly_scheme.pdb_ins_code 
B 2 APC 1   201 1  APC APC A . 
C 3 5RZ 1   202 1  5RZ UNL A . 
D 4 MG  1   203 1  MG  MG  A . 
E 4 MG  1   204 2  MG  MG  A . 
F 5 NO3 1   205 24 NO3 NO3 A . 
G 6 HOH 1   301 15 HOH HOH A . 
G 6 HOH 2   302 2  HOH HOH A . 
G 6 HOH 3   303 9  HOH HOH A . 
G 6 HOH 4   304 31 HOH HOH A . 
G 6 HOH 5   305 25 HOH HOH A . 
G 6 HOH 6   306 8  HOH HOH A . 
G 6 HOH 7   307 11 HOH HOH A . 
G 6 HOH 8   308 49 HOH HOH A . 
G 6 HOH 9   309 17 HOH HOH A . 
G 6 HOH 10  310 69 HOH HOH A . 
G 6 HOH 11  311 47 HOH HOH A . 
G 6 HOH 12  312 42 HOH HOH A . 
G 6 HOH 13  313 18 HOH HOH A . 
G 6 HOH 14  314 40 HOH HOH A . 
G 6 HOH 15  315 16 HOH HOH A . 
G 6 HOH 16  316 19 HOH HOH A . 
G 6 HOH 17  317 44 HOH HOH A . 
G 6 HOH 18  318 22 HOH HOH A . 
G 6 HOH 19  319 23 HOH HOH A . 
G 6 HOH 20  320 57 HOH HOH A . 
G 6 HOH 21  321 45 HOH HOH A . 
G 6 HOH 22  322 27 HOH HOH A . 
G 6 HOH 23  323 48 HOH HOH A . 
G 6 HOH 24  324 39 HOH HOH A . 
G 6 HOH 25  325 20 HOH HOH A . 
G 6 HOH 26  326 37 HOH HOH A . 
G 6 HOH 27  327 13 HOH HOH A . 
G 6 HOH 28  328 20 HOH HOH A . 
G 6 HOH 29  329 55 HOH HOH A . 
G 6 HOH 30  330 35 HOH HOH A . 
G 6 HOH 31  331 6  HOH HOH A . 
G 6 HOH 32  332 4  HOH HOH A . 
G 6 HOH 33  333 5  HOH HOH A . 
G 6 HOH 34  334 12 HOH HOH A . 
G 6 HOH 35  335 17 HOH HOH A . 
G 6 HOH 36  336 28 HOH HOH A . 
G 6 HOH 37  337 6  HOH HOH A . 
G 6 HOH 38  338 21 HOH HOH A . 
G 6 HOH 39  339 68 HOH HOH A . 
G 6 HOH 40  340 1  HOH HOH A . 
G 6 HOH 41  341 64 HOH HOH A . 
G 6 HOH 42  342 53 HOH HOH A . 
G 6 HOH 43  343 51 HOH HOH A . 
G 6 HOH 44  344 23 HOH HOH A . 
G 6 HOH 45  345 7  HOH HOH A . 
G 6 HOH 46  346 8  HOH HOH A . 
G 6 HOH 47  347 2  HOH HOH A . 
G 6 HOH 48  348 12 HOH HOH A . 
G 6 HOH 49  349 29 HOH HOH A . 
G 6 HOH 50  350 7  HOH HOH A . 
G 6 HOH 51  351 14 HOH HOH A . 
G 6 HOH 52  352 3  HOH HOH A . 
G 6 HOH 53  353 59 HOH HOH A . 
G 6 HOH 54  354 19 HOH HOH A . 
G 6 HOH 55  355 15 HOH HOH A . 
G 6 HOH 56  356 30 HOH HOH A . 
G 6 HOH 57  357 10 HOH HOH A . 
G 6 HOH 58  358 38 HOH HOH A . 
G 6 HOH 59  359 36 HOH HOH A . 
G 6 HOH 60  360 10 HOH HOH A . 
G 6 HOH 61  361 65 HOH HOH A . 
G 6 HOH 62  362 14 HOH HOH A . 
G 6 HOH 63  363 5  HOH HOH A . 
G 6 HOH 64  364 62 HOH HOH A . 
G 6 HOH 65  365 74 HOH HOH A . 
G 6 HOH 66  366 56 HOH HOH A . 
G 6 HOH 67  367 32 HOH HOH A . 
G 6 HOH 68  368 78 HOH HOH A . 
G 6 HOH 69  369 34 HOH HOH A . 
G 6 HOH 70  370 52 HOH HOH A . 
G 6 HOH 71  371 66 HOH HOH A . 
G 6 HOH 72  372 4  HOH HOH A . 
G 6 HOH 73  373 22 HOH HOH A . 
G 6 HOH 74  374 76 HOH HOH A . 
G 6 HOH 75  375 50 HOH HOH A . 
G 6 HOH 76  376 13 HOH HOH A . 
G 6 HOH 77  377 24 HOH HOH A . 
G 6 HOH 78  378 1  HOH HOH A . 
G 6 HOH 79  379 54 HOH HOH A . 
G 6 HOH 80  380 61 HOH HOH A . 
G 6 HOH 81  381 46 HOH HOH A . 
G 6 HOH 82  382 16 HOH HOH A . 
G 6 HOH 83  383 72 HOH HOH A . 
G 6 HOH 84  384 3  HOH HOH A . 
G 6 HOH 85  385 67 HOH HOH A . 
G 6 HOH 86  386 63 HOH HOH A . 
G 6 HOH 87  387 41 HOH HOH A . 
G 6 HOH 88  388 33 HOH HOH A . 
G 6 HOH 89  389 26 HOH HOH A . 
G 6 HOH 90  390 11 HOH HOH A . 
G 6 HOH 91  391 21 HOH HOH A . 
G 6 HOH 92  392 71 HOH HOH A . 
G 6 HOH 93  393 43 HOH HOH A . 
G 6 HOH 94  394 18 HOH HOH A . 
G 6 HOH 95  395 77 HOH HOH A . 
G 6 HOH 96  396 75 HOH HOH A . 
G 6 HOH 97  397 9  HOH HOH A . 
G 6 HOH 98  398 73 HOH HOH A . 
G 6 HOH 99  399 58 HOH HOH A . 
G 6 HOH 100 400 70 HOH HOH A . 
G 6 HOH 101 401 60 HOH HOH A . 
# 
loop_
_software.citation_id 
_software.classification 
_software.compiler_name 
_software.compiler_version 
_software.contact_author 
_software.contact_author_email 
_software.date 
_software.description 
_software.dependencies 
_software.hardware 
_software.language 
_software.location 
_software.mods 
_software.name 
_software.os 
_software.os_version 
_software.type 
_software.version 
_software.pdbx_ordinal 
? refinement       ? ? ? ? ? ? ? ? ? ? ? REFMAC  ? ? ? 5.8.0103 1 
? 'data reduction' ? ? ? ? ? ? ? ? ? ? ? XDS     ? ? ? .        2 
? 'model building' ? ? ? ? ? ? ? ? ? ? ? Coot    ? ? ? 0.8.1    3 
? 'data scaling'   ? ? ? ? ? ? ? ? ? ? ? Aimless ? ? ? .        4 
? phasing          ? ? ? ? ? ? ? ? ? ? ? MOLREP  ? ? ? .        5 
# 
_cell.angle_alpha                  90.00 
_cell.angle_alpha_esd              ? 
_cell.angle_beta                   90.00 
_cell.angle_beta_esd               ? 
_cell.angle_gamma                  120.00 
_cell.angle_gamma_esd              ? 
_cell.entry_id                     5ETV 
_cell.details                      ? 
_cell.formula_units_Z              ? 
_cell.length_a                     84.250 
_cell.length_a_esd                 ? 
_cell.length_b                     84.250 
_cell.length_b_esd                 ? 
_cell.length_c                     52.411 
_cell.length_c_esd                 ? 
_cell.volume                       ? 
_cell.volume_esd                   ? 
_cell.Z_PDB                        6 
_cell.reciprocal_angle_alpha       ? 
_cell.reciprocal_angle_beta        ? 
_cell.reciprocal_angle_gamma       ? 
_cell.reciprocal_angle_alpha_esd   ? 
_cell.reciprocal_angle_beta_esd    ? 
_cell.reciprocal_angle_gamma_esd   ? 
_cell.reciprocal_length_a          ? 
_cell.reciprocal_length_b          ? 
_cell.reciprocal_length_c          ? 
_cell.reciprocal_length_a_esd      ? 
_cell.reciprocal_length_b_esd      ? 
_cell.reciprocal_length_c_esd      ? 
_cell.pdbx_unique_axis             ? 
# 
_symmetry.entry_id                         5ETV 
_symmetry.cell_setting                     ? 
_symmetry.Int_Tables_number                169 
_symmetry.space_group_name_Hall            ? 
_symmetry.space_group_name_H-M             'P 61' 
_symmetry.pdbx_full_space_group_name_H-M   ? 
# 
_exptl.absorpt_coefficient_mu     ? 
_exptl.absorpt_correction_T_max   ? 
_exptl.absorpt_correction_T_min   ? 
_exptl.absorpt_correction_type    ? 
_exptl.absorpt_process_details    ? 
_exptl.entry_id                   5ETV 
_exptl.crystals_number            1 
_exptl.details                    ? 
_exptl.method                     'X-RAY DIFFRACTION' 
_exptl.method_details             ? 
# 
_exptl_crystal.colour                      ? 
_exptl_crystal.density_diffrn              ? 
_exptl_crystal.density_Matthews            2.93 
_exptl_crystal.density_method              ? 
_exptl_crystal.density_percent_sol         58.03 
_exptl_crystal.description                 ? 
_exptl_crystal.F_000                       ? 
_exptl_crystal.id                          1 
_exptl_crystal.preparation                 ? 
_exptl_crystal.size_max                    ? 
_exptl_crystal.size_mid                    ? 
_exptl_crystal.size_min                    ? 
_exptl_crystal.size_rad                    ? 
_exptl_crystal.colour_lustre               ? 
_exptl_crystal.colour_modifier             ? 
_exptl_crystal.colour_primary              ? 
_exptl_crystal.density_meas                ? 
_exptl_crystal.density_meas_esd            ? 
_exptl_crystal.density_meas_gt             ? 
_exptl_crystal.density_meas_lt             ? 
_exptl_crystal.density_meas_temp           ? 
_exptl_crystal.density_meas_temp_esd       ? 
_exptl_crystal.density_meas_temp_gt        ? 
_exptl_crystal.density_meas_temp_lt        ? 
_exptl_crystal.pdbx_crystal_image_url      ? 
_exptl_crystal.pdbx_crystal_image_format   ? 
_exptl_crystal.pdbx_mosaicity              ? 
_exptl_crystal.pdbx_mosaicity_esd          ? 
# 
_exptl_crystal_grow.apparatus       ? 
_exptl_crystal_grow.atmosphere      ? 
_exptl_crystal_grow.crystal_id      1 
_exptl_crystal_grow.details         ? 
_exptl_crystal_grow.method          'VAPOR DIFFUSION, SITTING DROP' 
_exptl_crystal_grow.method_ref      ? 
_exptl_crystal_grow.pH              ? 
_exptl_crystal_grow.pressure        ? 
_exptl_crystal_grow.pressure_esd    ? 
_exptl_crystal_grow.seeding         ? 
_exptl_crystal_grow.seeding_ref     ? 
_exptl_crystal_grow.temp            293 
_exptl_crystal_grow.temp_details    ? 
_exptl_crystal_grow.temp_esd        ? 
_exptl_crystal_grow.time            ? 
_exptl_crystal_grow.pdbx_details    
;Protein 6.9 mg/mL, 1 mM AMPCPP, 1 mM inhibitor, 2 mM magnesium chloride,0.186 M sodium nitrate, 18.4%w/v PEG3000, 50 mM sodium thiocyanate
;
_exptl_crystal_grow.pdbx_pH_range   7.5-8.5 
# 
_diffrn.ambient_environment    ? 
_diffrn.ambient_temp           100 
_diffrn.ambient_temp_details   ? 
_diffrn.ambient_temp_esd       ? 
_diffrn.crystal_id             1 
_diffrn.crystal_support        ? 
_diffrn.crystal_treatment      ? 
_diffrn.details                ? 
_diffrn.id                     1 
_diffrn.ambient_pressure       ? 
_diffrn.ambient_pressure_esd   ? 
_diffrn.ambient_pressure_gt    ? 
_diffrn.ambient_pressure_lt    ? 
_diffrn.ambient_temp_gt        ? 
_diffrn.ambient_temp_lt        ? 
# 
_diffrn_detector.details                      ? 
_diffrn_detector.detector                     CCD 
_diffrn_detector.diffrn_id                    1 
_diffrn_detector.type                         'ADSC QUANTUM 315r' 
_diffrn_detector.area_resol_mean              ? 
_diffrn_detector.dtime                        ? 
_diffrn_detector.pdbx_frames_total            ? 
_diffrn_detector.pdbx_collection_time_total   ? 
_diffrn_detector.pdbx_collection_date         2015-06-09 
# 
_diffrn_radiation.collimation                      ? 
_diffrn_radiation.diffrn_id                        1 
_diffrn_radiation.filter_edge                      ? 
_diffrn_radiation.inhomogeneity                    ? 
_diffrn_radiation.monochromator                    ? 
_diffrn_radiation.polarisn_norm                    ? 
_diffrn_radiation.polarisn_ratio                   ? 
_diffrn_radiation.probe                            ? 
_diffrn_radiation.type                             ? 
_diffrn_radiation.xray_symbol                      ? 
_diffrn_radiation.wavelength_id                    1 
_diffrn_radiation.pdbx_monochromatic_or_laue_m_l   M 
_diffrn_radiation.pdbx_wavelength_list             ? 
_diffrn_radiation.pdbx_wavelength                  ? 
_diffrn_radiation.pdbx_diffrn_protocol             'SINGLE WAVELENGTH' 
_diffrn_radiation.pdbx_analyzer                    ? 
_diffrn_radiation.pdbx_scattering_type             x-ray 
# 
_diffrn_radiation_wavelength.id           1 
_diffrn_radiation_wavelength.wavelength   0.9537 
_diffrn_radiation_wavelength.wt           1.0 
# 
_diffrn_source.current                     ? 
_diffrn_source.details                     ? 
_diffrn_source.diffrn_id                   1 
_diffrn_source.power                       ? 
_diffrn_source.size                        ? 
_diffrn_source.source                      SYNCHROTRON 
_diffrn_source.target                      ? 
_diffrn_source.type                        'AUSTRALIAN SYNCHROTRON BEAMLINE MX2' 
_diffrn_source.voltage                     ? 
_diffrn_source.take-off_angle              ? 
_diffrn_source.pdbx_wavelength_list        0.9537 
_diffrn_source.pdbx_wavelength             ? 
_diffrn_source.pdbx_synchrotron_beamline   MX2 
_diffrn_source.pdbx_synchrotron_site       'Australian Synchrotron' 
# 
_reflns.B_iso_Wilson_estimate            ? 
_reflns.entry_id                         5ETV 
_reflns.data_reduction_details           ? 
_reflns.data_reduction_method            ? 
_reflns.d_resolution_high                1.72 
_reflns.d_resolution_low                 42.57 
_reflns.details                          ? 
_reflns.limit_h_max                      ? 
_reflns.limit_h_min                      ? 
_reflns.limit_k_max                      ? 
_reflns.limit_k_min                      ? 
_reflns.limit_l_max                      ? 
_reflns.limit_l_min                      ? 
_reflns.number_all                       ? 
_reflns.number_obs                       22673 
_reflns.observed_criterion               ? 
_reflns.observed_criterion_F_max         ? 
_reflns.observed_criterion_F_min         ? 
_reflns.observed_criterion_I_max         ? 
_reflns.observed_criterion_I_min         ? 
_reflns.observed_criterion_sigma_F       ? 
_reflns.observed_criterion_sigma_I       ? 
_reflns.percent_possible_obs             100.0 
_reflns.R_free_details                   ? 
_reflns.Rmerge_F_all                     ? 
_reflns.Rmerge_F_obs                     ? 
_reflns.Friedel_coverage                 ? 
_reflns.number_gt                        ? 
_reflns.threshold_expression             ? 
_reflns.pdbx_redundancy                  20.2 
_reflns.pdbx_Rmerge_I_obs                0.124 
_reflns.pdbx_Rmerge_I_all                ? 
_reflns.pdbx_Rsym_value                  ? 
_reflns.pdbx_netI_over_av_sigmaI         ? 
_reflns.pdbx_netI_over_sigmaI            20.3 
_reflns.pdbx_res_netI_over_av_sigmaI_2   ? 
_reflns.pdbx_res_netI_over_sigmaI_2      ? 
_reflns.pdbx_chi_squared                 ? 
_reflns.pdbx_scaling_rejects             ? 
_reflns.pdbx_d_res_high_opt              ? 
_reflns.pdbx_d_res_low_opt               ? 
_reflns.pdbx_d_res_opt_method            ? 
_reflns.phase_calculation_details        ? 
_reflns.pdbx_Rrim_I_all                  ? 
_reflns.pdbx_Rpim_I_all                  ? 
_reflns.pdbx_d_opt                       ? 
_reflns.pdbx_number_measured_all         ? 
_reflns.pdbx_diffrn_id                   1 
_reflns.pdbx_ordinal                     1 
_reflns.pdbx_CC_half                     ? 
_reflns.pdbx_R_split                     ? 
# 
_reflns_shell.d_res_high                  1.72 
_reflns_shell.d_res_low                   1.75 
_reflns_shell.meanI_over_sigI_all         ? 
_reflns_shell.meanI_over_sigI_obs         5.0 
_reflns_shell.number_measured_all         ? 
_reflns_shell.number_measured_obs         ? 
_reflns_shell.number_possible             ? 
_reflns_shell.number_unique_all           ? 
_reflns_shell.number_unique_obs           ? 
_reflns_shell.percent_possible_all        100.0 
_reflns_shell.percent_possible_obs        ? 
_reflns_shell.Rmerge_F_all                ? 
_reflns_shell.Rmerge_F_obs                ? 
_reflns_shell.Rmerge_I_all                ? 
_reflns_shell.Rmerge_I_obs                0.959 
_reflns_shell.meanI_over_sigI_gt          ? 
_reflns_shell.meanI_over_uI_all           ? 
_reflns_shell.meanI_over_uI_gt            ? 
_reflns_shell.number_measured_gt          ? 
_reflns_shell.number_unique_gt            ? 
_reflns_shell.percent_possible_gt         ? 
_reflns_shell.Rmerge_F_gt                 ? 
_reflns_shell.Rmerge_I_gt                 ? 
_reflns_shell.pdbx_redundancy             20.1 
_reflns_shell.pdbx_Rsym_value             ? 
_reflns_shell.pdbx_chi_squared            ? 
_reflns_shell.pdbx_netI_over_sigmaI_all   ? 
_reflns_shell.pdbx_netI_over_sigmaI_obs   ? 
_reflns_shell.pdbx_Rrim_I_all             ? 
_reflns_shell.pdbx_Rpim_I_all             ? 
_reflns_shell.pdbx_rejects                ? 
_reflns_shell.pdbx_ordinal                1 
_reflns_shell.pdbx_diffrn_id              1 
_reflns_shell.pdbx_CC_half                ? 
_reflns_shell.pdbx_R_split                ? 
# 
_refine.aniso_B[1][1]                            0.30 
_refine.aniso_B[1][2]                            0.15 
_refine.aniso_B[1][3]                            -0.00 
_refine.aniso_B[2][2]                            0.30 
_refine.aniso_B[2][3]                            0.00 
_refine.aniso_B[3][3]                            -0.98 
_refine.B_iso_max                                ? 
_refine.B_iso_mean                               12.834 
_refine.B_iso_min                                ? 
_refine.correlation_coeff_Fo_to_Fc               0.956 
_refine.correlation_coeff_Fo_to_Fc_free          0.938 
_refine.details                                  'HYDROGENS HAVE BEEN ADDED IN THE RIDING POSITIONS' 
_refine.diff_density_max                         ? 
_refine.diff_density_max_esd                     ? 
_refine.diff_density_min                         ? 
_refine.diff_density_min_esd                     ? 
_refine.diff_density_rms                         ? 
_refine.diff_density_rms_esd                     ? 
_refine.entry_id                                 5ETV 
_refine.pdbx_refine_id                           'X-RAY DIFFRACTION' 
_refine.ls_abs_structure_details                 ? 
_refine.ls_abs_structure_Flack                   ? 
_refine.ls_abs_structure_Flack_esd               ? 
_refine.ls_abs_structure_Rogers                  ? 
_refine.ls_abs_structure_Rogers_esd              ? 
_refine.ls_d_res_high                            1.72 
_refine.ls_d_res_low                             42.57 
_refine.ls_extinction_coef                       ? 
_refine.ls_extinction_coef_esd                   ? 
_refine.ls_extinction_expression                 ? 
_refine.ls_extinction_method                     ? 
_refine.ls_goodness_of_fit_all                   ? 
_refine.ls_goodness_of_fit_all_esd               ? 
_refine.ls_goodness_of_fit_obs                   ? 
_refine.ls_goodness_of_fit_obs_esd               ? 
_refine.ls_hydrogen_treatment                    ? 
_refine.ls_matrix_type                           ? 
_refine.ls_number_constraints                    ? 
_refine.ls_number_parameters                     ? 
_refine.ls_number_reflns_all                     ? 
_refine.ls_number_reflns_obs                     21515 
_refine.ls_number_reflns_R_free                  1131 
_refine.ls_number_reflns_R_work                  ? 
_refine.ls_number_restraints                     ? 
_refine.ls_percent_reflns_obs                    99.98 
_refine.ls_percent_reflns_R_free                 5.0 
_refine.ls_R_factor_all                          ? 
_refine.ls_R_factor_obs                          0.18181 
_refine.ls_R_factor_R_free                       0.20717 
_refine.ls_R_factor_R_free_error                 ? 
_refine.ls_R_factor_R_free_error_details         ? 
_refine.ls_R_factor_R_work                       0.18052 
_refine.ls_R_Fsqd_factor_obs                     ? 
_refine.ls_R_I_factor_obs                        ? 
_refine.ls_redundancy_reflns_all                 ? 
_refine.ls_redundancy_reflns_obs                 ? 
_refine.ls_restrained_S_all                      ? 
_refine.ls_restrained_S_obs                      ? 
_refine.ls_shift_over_esd_max                    ? 
_refine.ls_shift_over_esd_mean                   ? 
_refine.ls_structure_factor_coef                 ? 
_refine.ls_weighting_details                     ? 
_refine.ls_weighting_scheme                      ? 
_refine.ls_wR_factor_all                         ? 
_refine.ls_wR_factor_obs                         ? 
_refine.ls_wR_factor_R_free                      ? 
_refine.ls_wR_factor_R_work                      ? 
_refine.occupancy_max                            ? 
_refine.occupancy_min                            ? 
_refine.solvent_model_details                    MASK 
_refine.solvent_model_param_bsol                 ? 
_refine.solvent_model_param_ksol                 ? 
_refine.ls_R_factor_gt                           ? 
_refine.ls_goodness_of_fit_gt                    ? 
_refine.ls_goodness_of_fit_ref                   ? 
_refine.ls_shift_over_su_max                     ? 
_refine.ls_shift_over_su_max_lt                  ? 
_refine.ls_shift_over_su_mean                    ? 
_refine.ls_shift_over_su_mean_lt                 ? 
_refine.pdbx_ls_sigma_I                          ? 
_refine.pdbx_ls_sigma_F                          ? 
_refine.pdbx_ls_sigma_Fsqd                       ? 
_refine.pdbx_data_cutoff_high_absF               ? 
_refine.pdbx_data_cutoff_high_rms_absF           ? 
_refine.pdbx_data_cutoff_low_absF                ? 
_refine.pdbx_isotropic_thermal_model             ? 
_refine.pdbx_ls_cross_valid_method               THROUGHOUT 
_refine.pdbx_method_to_determine_struct          'MOLECULAR REPLACEMENT' 
_refine.pdbx_starting_model                      4CWB 
_refine.pdbx_stereochemistry_target_values       'MAXIMUM LIKELIHOOD' 
_refine.pdbx_R_Free_selection_details            RANDOM 
_refine.pdbx_stereochem_target_val_spec_case     ? 
_refine.pdbx_overall_ESU_R                       0.095 
_refine.pdbx_overall_ESU_R_Free                  0.093 
_refine.pdbx_solvent_vdw_probe_radii             1.20 
_refine.pdbx_solvent_ion_probe_radii             0.80 
_refine.pdbx_solvent_shrinkage_radii             0.80 
_refine.pdbx_real_space_R                        ? 
_refine.pdbx_density_correlation                 ? 
_refine.pdbx_pd_number_of_powder_patterns        ? 
_refine.pdbx_pd_number_of_points                 ? 
_refine.pdbx_pd_meas_number_of_points            ? 
_refine.pdbx_pd_proc_ls_prof_R_factor            ? 
_refine.pdbx_pd_proc_ls_prof_wR_factor           ? 
_refine.pdbx_pd_Marquardt_correlation_coeff      ? 
_refine.pdbx_pd_Fsqrd_R_factor                   ? 
_refine.pdbx_pd_ls_matrix_band_width             ? 
_refine.pdbx_overall_phase_error                 ? 
_refine.pdbx_overall_SU_R_free_Cruickshank_DPI   ? 
_refine.pdbx_overall_SU_R_free_Blow_DPI          ? 
_refine.pdbx_overall_SU_R_Blow_DPI               ? 
_refine.pdbx_TLS_residual_ADP_flag               ? 
_refine.pdbx_diffrn_id                           1 
_refine.overall_SU_B                             ? 
_refine.overall_SU_ML                            ? 
_refine.overall_SU_R_Cruickshank_DPI             ? 
_refine.overall_SU_R_free                        ? 
_refine.overall_FOM_free_R_set                   ? 
_refine.overall_FOM_work_R_set                   ? 
_refine.pdbx_average_fsc_overall                 ? 
_refine.pdbx_average_fsc_work                    ? 
_refine.pdbx_average_fsc_free                    ? 
# 
_refine_hist.pdbx_refine_id                   'X-RAY DIFFRACTION' 
_refine_hist.cycle_id                         1 
_refine_hist.pdbx_number_atoms_protein        1264 
_refine_hist.pdbx_number_atoms_nucleic_acid   0 
_refine_hist.pdbx_number_atoms_ligand         59 
_refine_hist.number_atoms_solvent             101 
_refine_hist.number_atoms_total               1424 
_refine_hist.d_res_high                       1.72 
_refine_hist.d_res_low                        42.57 
# 
loop_
_refine_ls_restr.pdbx_refine_id 
_refine_ls_restr.criterion 
_refine_ls_restr.dev_ideal 
_refine_ls_restr.dev_ideal_target 
_refine_ls_restr.number 
_refine_ls_restr.rejects 
_refine_ls_restr.type 
_refine_ls_restr.weight 
_refine_ls_restr.pdbx_restraint_function 
'X-RAY DIFFRACTION' ? 0.013  0.019  1350 ? r_bond_refined_d             ? ? 
'X-RAY DIFFRACTION' ? 0.000  0.020  1291 ? r_bond_other_d               ? ? 
'X-RAY DIFFRACTION' ? 1.853  2.041  1841 ? r_angle_refined_deg          ? ? 
'X-RAY DIFFRACTION' ? 3.551  3.000  2976 ? r_angle_other_deg            ? ? 
'X-RAY DIFFRACTION' ? 6.466  5.000  159  ? r_dihedral_angle_1_deg       ? ? 
'X-RAY DIFFRACTION' ? 34.288 24.746 59   ? r_dihedral_angle_2_deg       ? ? 
'X-RAY DIFFRACTION' ? 10.639 15.000 236  ? r_dihedral_angle_3_deg       ? ? 
'X-RAY DIFFRACTION' ? 15.389 15.000 9    ? r_dihedral_angle_4_deg       ? ? 
'X-RAY DIFFRACTION' ? 0.107  0.200  210  ? r_chiral_restr               ? ? 
'X-RAY DIFFRACTION' ? 0.008  0.021  1504 ? r_gen_planes_refined         ? ? 
'X-RAY DIFFRACTION' ? 0.013  0.020  286  ? r_gen_planes_other           ? ? 
'X-RAY DIFFRACTION' ? ?      ?      ?    ? r_nbd_refined                ? ? 
'X-RAY DIFFRACTION' ? ?      ?      ?    ? r_nbd_other                  ? ? 
'X-RAY DIFFRACTION' ? ?      ?      ?    ? r_nbtor_refined              ? ? 
'X-RAY DIFFRACTION' ? ?      ?      ?    ? r_nbtor_other                ? ? 
'X-RAY DIFFRACTION' ? ?      ?      ?    ? r_xyhbond_nbd_refined        ? ? 
'X-RAY DIFFRACTION' ? ?      ?      ?    ? r_xyhbond_nbd_other          ? ? 
'X-RAY DIFFRACTION' ? ?      ?      ?    ? r_metal_ion_refined          ? ? 
'X-RAY DIFFRACTION' ? ?      ?      ?    ? r_metal_ion_other            ? ? 
'X-RAY DIFFRACTION' ? ?      ?      ?    ? r_symmetry_vdw_refined       ? ? 
'X-RAY DIFFRACTION' ? ?      ?      ?    ? r_symmetry_vdw_other         ? ? 
'X-RAY DIFFRACTION' ? ?      ?      ?    ? r_symmetry_hbond_refined     ? ? 
'X-RAY DIFFRACTION' ? ?      ?      ?    ? r_symmetry_hbond_other       ? ? 
'X-RAY DIFFRACTION' ? ?      ?      ?    ? r_symmetry_metal_ion_refined ? ? 
'X-RAY DIFFRACTION' ? ?      ?      ?    ? r_symmetry_metal_ion_other   ? ? 
'X-RAY DIFFRACTION' ? 1.111  0.994  633  ? r_mcbond_it                  ? ? 
'X-RAY DIFFRACTION' ? 1.063  0.991  632  ? r_mcbond_other               ? ? 
'X-RAY DIFFRACTION' ? 1.634  1.486  790  ? r_mcangle_it                 ? ? 
'X-RAY DIFFRACTION' ? 1.642  1.487  791  ? r_mcangle_other              ? ? 
'X-RAY DIFFRACTION' ? 2.507  1.347  717  ? r_scbond_it                  ? ? 
'X-RAY DIFFRACTION' ? 2.480  1.342  715  ? r_scbond_other               ? ? 
'X-RAY DIFFRACTION' ? ?      ?      ?    ? r_scangle_it                 ? ? 
'X-RAY DIFFRACTION' ? 3.755  1.899  1048 ? r_scangle_other              ? ? 
'X-RAY DIFFRACTION' ? 5.727  9.501  1550 ? r_long_range_B_refined       ? ? 
'X-RAY DIFFRACTION' ? 5.520  9.186  1519 ? r_long_range_B_other         ? ? 
'X-RAY DIFFRACTION' ? ?      ?      ?    ? r_rigid_bond_restr           ? ? 
'X-RAY DIFFRACTION' ? ?      ?      ?    ? r_sphericity_free            ? ? 
'X-RAY DIFFRACTION' ? ?      ?      ?    ? r_sphericity_bonded          ? ? 
# 
_refine_ls_shell.pdbx_refine_id                   'X-RAY DIFFRACTION' 
_refine_ls_shell.d_res_high                       1.720 
_refine_ls_shell.d_res_low                        1.765 
_refine_ls_shell.number_reflns_all                ? 
_refine_ls_shell.number_reflns_obs                ? 
_refine_ls_shell.number_reflns_R_free             98 
_refine_ls_shell.number_reflns_R_work             1563 
_refine_ls_shell.percent_reflns_obs               99.82 
_refine_ls_shell.percent_reflns_R_free            ? 
_refine_ls_shell.R_factor_all                     ? 
_refine_ls_shell.R_factor_obs                     ? 
_refine_ls_shell.R_factor_R_free                  0.275 
_refine_ls_shell.R_factor_R_free_error            ? 
_refine_ls_shell.R_factor_R_work                  0.252 
_refine_ls_shell.redundancy_reflns_all            ? 
_refine_ls_shell.redundancy_reflns_obs            ? 
_refine_ls_shell.wR_factor_all                    ? 
_refine_ls_shell.wR_factor_obs                    ? 
_refine_ls_shell.wR_factor_R_free                 ? 
_refine_ls_shell.wR_factor_R_work                 ? 
_refine_ls_shell.pdbx_total_number_of_bins_used   20 
_refine_ls_shell.pdbx_phase_error                 ? 
_refine_ls_shell.pdbx_fsc_work                    ? 
_refine_ls_shell.pdbx_fsc_free                    ? 
# 
_struct.entry_id                     5ETV 
_struct.title                        
'S. aureus 6-hydroxymethyl-7,8-dihydropterin pyrophosphokinase complexed with AMPCPP and inhibitor at 1.72 angstrom resolution' 
_struct.pdbx_model_details           ? 
_struct.pdbx_formula_weight          ? 
_struct.pdbx_formula_weight_method   ? 
_struct.pdbx_model_type_details      ? 
_struct.pdbx_CASP_flag               ? 
# 
_struct_keywords.entry_id        5ETV 
_struct_keywords.text            'inhibitor, complex, ampcpp, pyrophosphokinase, TRANSFERASE-TRANSFERASE inhibitor complex' 
_struct_keywords.pdbx_keywords   'TRANSFERASE/TRANSFERASE inhibitor' 
# 
loop_
_struct_asym.id 
_struct_asym.pdbx_blank_PDB_chainid_flag 
_struct_asym.pdbx_modified 
_struct_asym.entity_id 
_struct_asym.details 
A N N 1 ? 
B N N 2 ? 
C N N 3 ? 
D N N 4 ? 
E N N 4 ? 
F N N 5 ? 
G N N 6 ? 
# 
_struct_ref.id                         1 
_struct_ref.db_name                    UNP 
_struct_ref.db_code                    A0A0H1ZSM1_STAAU 
_struct_ref.pdbx_db_accession          A0A0H1ZSM1 
_struct_ref.pdbx_db_isoform            ? 
_struct_ref.entity_id                  1 
_struct_ref.pdbx_seq_one_letter_code   
;MIQAYLGLGSNIGDRESQLNDAIKILNEYDGISVSNISPIYETAPVGYTEQPNFLNLCVEIQTTLTVLQLLECCLKTEEC
LHRIRKERWGPRTLDVDILLYGEEMIDLPKLSVPHPRMNERAFVLIPLNDIAANVVEPRSKLKVKDLVFVDDSVKRYK
;
_struct_ref.pdbx_align_begin           1 
# 
_struct_ref_seq.align_id                      1 
_struct_ref_seq.ref_id                        1 
_struct_ref_seq.pdbx_PDB_id_code              5ETV 
_struct_ref_seq.pdbx_strand_id                A 
_struct_ref_seq.seq_align_beg                 4 
_struct_ref_seq.pdbx_seq_align_beg_ins_code   ? 
_struct_ref_seq.seq_align_end                 161 
_struct_ref_seq.pdbx_seq_align_end_ins_code   ? 
_struct_ref_seq.pdbx_db_accession             A0A0H1ZSM1 
_struct_ref_seq.db_align_beg                  1 
_struct_ref_seq.pdbx_db_align_beg_ins_code    ? 
_struct_ref_seq.db_align_end                  158 
_struct_ref_seq.pdbx_db_align_end_ins_code    ? 
_struct_ref_seq.pdbx_auth_seq_align_beg       1 
_struct_ref_seq.pdbx_auth_seq_align_end       158 
# 
loop_
_struct_ref_seq_dif.align_id 
_struct_ref_seq_dif.pdbx_pdb_id_code 
_struct_ref_seq_dif.mon_id 
_struct_ref_seq_dif.pdbx_pdb_strand_id 
_struct_ref_seq_dif.seq_num 
_struct_ref_seq_dif.pdbx_pdb_ins_code 
_struct_ref_seq_dif.pdbx_seq_db_name 
_struct_ref_seq_dif.pdbx_seq_db_accession_code 
_struct_ref_seq_dif.db_mon_id 
_struct_ref_seq_dif.pdbx_seq_db_seq_num 
_struct_ref_seq_dif.details 
_struct_ref_seq_dif.pdbx_auth_seq_num 
_struct_ref_seq_dif.pdbx_ordinal 
1 5ETV GLY A 1 ? UNP A0A0H1ZSM1 ? ? 'expression tag' -2 1 
1 5ETV SER A 2 ? UNP A0A0H1ZSM1 ? ? 'expression tag' -1 2 
1 5ETV HIS A 3 ? UNP A0A0H1ZSM1 ? ? 'expression tag' 0  3 
# 
_pdbx_struct_assembly.id                   1 
_pdbx_struct_assembly.details              author_and_software_defined_assembly 
_pdbx_struct_assembly.method_details       PISA 
_pdbx_struct_assembly.oligomeric_details   monomeric 
_pdbx_struct_assembly.oligomeric_count     1 
# 
_pdbx_struct_assembly_gen.assembly_id       1 
_pdbx_struct_assembly_gen.oper_expression   1 
_pdbx_struct_assembly_gen.asym_id_list      A,B,C,D,E,F,G 
# 
_pdbx_struct_oper_list.id                   1 
_pdbx_struct_oper_list.type                 'identity operation' 
_pdbx_struct_oper_list.name                 1_555 
_pdbx_struct_oper_list.symmetry_operation   x,y,z 
_pdbx_struct_oper_list.matrix[1][1]         1.0000000000 
_pdbx_struct_oper_list.matrix[1][2]         0.0000000000 
_pdbx_struct_oper_list.matrix[1][3]         0.0000000000 
_pdbx_struct_oper_list.vector[1]            0.0000000000 
_pdbx_struct_oper_list.matrix[2][1]         0.0000000000 
_pdbx_struct_oper_list.matrix[2][2]         1.0000000000 
_pdbx_struct_oper_list.matrix[2][3]         0.0000000000 
_pdbx_struct_oper_list.vector[2]            0.0000000000 
_pdbx_struct_oper_list.matrix[3][1]         0.0000000000 
_pdbx_struct_oper_list.matrix[3][2]         0.0000000000 
_pdbx_struct_oper_list.matrix[3][3]         1.0000000000 
_pdbx_struct_oper_list.vector[3]            0.0000000000 
# 
loop_
_struct_conf.conf_type_id 
_struct_conf.id 
_struct_conf.pdbx_PDB_helix_id 
_struct_conf.beg_label_comp_id 
_struct_conf.beg_label_asym_id 
_struct_conf.beg_label_seq_id 
_struct_conf.pdbx_beg_PDB_ins_code 
_struct_conf.end_label_comp_id 
_struct_conf.end_label_asym_id 
_struct_conf.end_label_seq_id 
_struct_conf.pdbx_end_PDB_ins_code 
_struct_conf.beg_auth_comp_id 
_struct_conf.beg_auth_asym_id 
_struct_conf.beg_auth_seq_id 
_struct_conf.end_auth_comp_id 
_struct_conf.end_auth_asym_id 
_struct_conf.end_auth_seq_id 
_struct_conf.pdbx_PDB_helix_class 
_struct_conf.details 
_struct_conf.pdbx_PDB_helix_length 
HELX_P HELX_P1 AA1 ASP A 17  ? TYR A 32  ? ASP A 14  TYR A 29  1 ? 16 
HELX_P HELX_P2 AA2 THR A 69  ? LEU A 84  ? THR A 66  LEU A 81  1 ? 16 
HELX_P HELX_P3 AA3 ARG A 120 ? GLU A 123 ? ARG A 117 GLU A 120 5 ? 4  
HELX_P HELX_P4 AA4 ARG A 124 ? ALA A 136 ? ARG A 121 ALA A 133 1 ? 13 
HELX_P HELX_P5 AA5 VAL A 147 ? VAL A 151 ? VAL A 144 VAL A 148 1 ? 5  
# 
_struct_conf_type.id          HELX_P 
_struct_conf_type.criteria    ? 
_struct_conf_type.reference   ? 
# 
loop_
_struct_conn.id 
_struct_conn.conn_type_id 
_struct_conn.pdbx_leaving_atom_flag 
_struct_conn.pdbx_PDB_id 
_struct_conn.ptnr1_label_asym_id 
_struct_conn.ptnr1_label_comp_id 
_struct_conn.ptnr1_label_seq_id 
_struct_conn.ptnr1_label_atom_id 
_struct_conn.pdbx_ptnr1_label_alt_id 
_struct_conn.pdbx_ptnr1_PDB_ins_code 
_struct_conn.pdbx_ptnr1_standard_comp_id 
_struct_conn.ptnr1_symmetry 
_struct_conn.ptnr2_label_asym_id 
_struct_conn.ptnr2_label_comp_id 
_struct_conn.ptnr2_label_seq_id 
_struct_conn.ptnr2_label_atom_id 
_struct_conn.pdbx_ptnr2_label_alt_id 
_struct_conn.pdbx_ptnr2_PDB_ins_code 
_struct_conn.ptnr1_auth_asym_id 
_struct_conn.ptnr1_auth_comp_id 
_struct_conn.ptnr1_auth_seq_id 
_struct_conn.ptnr2_auth_asym_id 
_struct_conn.ptnr2_auth_comp_id 
_struct_conn.ptnr2_auth_seq_id 
_struct_conn.ptnr2_symmetry 
_struct_conn.pdbx_ptnr3_label_atom_id 
_struct_conn.pdbx_ptnr3_label_seq_id 
_struct_conn.pdbx_ptnr3_label_comp_id 
_struct_conn.pdbx_ptnr3_label_asym_id 
_struct_conn.pdbx_ptnr3_label_alt_id 
_struct_conn.pdbx_ptnr3_PDB_ins_code 
_struct_conn.details 
_struct_conn.pdbx_dist_value 
_struct_conn.pdbx_value_order 
_struct_conn.pdbx_role 
covale1  covale both ? A GLU 82  C   ? ? ? 1_555 A CSO 83 N  ? ? A GLU 79  A CSO 80  1_555 ? ? ? ? ? ? ? 1.336 ? ? 
covale2  covale both ? A CSO 83  C   ? ? ? 1_555 A LEU 84 N  ? ? A CSO 80  A LEU 81  1_555 ? ? ? ? ? ? ? 1.329 ? ? 
metalc1  metalc ?    ? A ASP 98  OD2 ? ? ? 1_555 D MG  .  MG ? ? A ASP 95  A MG  203 1_555 ? ? ? ? ? ? ? 2.090 ? ? 
metalc2  metalc ?    ? A ASP 98  OD1 ? ? ? 1_555 E MG  .  MG ? ? A ASP 95  A MG  204 1_555 ? ? ? ? ? ? ? 2.022 ? ? 
metalc3  metalc ?    ? A ASP 100 OD2 ? ? ? 1_555 D MG  .  MG ? ? A ASP 97  A MG  203 1_555 ? ? ? ? ? ? ? 2.083 ? ? 
metalc4  metalc ?    ? A ASP 100 OD1 ? ? ? 1_555 E MG  .  MG ? ? A ASP 97  A MG  204 1_555 ? ? ? ? ? ? ? 2.106 ? ? 
metalc5  metalc ?    ? B APC .   O1G ? ? ? 1_555 D MG  .  MG ? ? A APC 201 A MG  203 1_555 ? ? ? ? ? ? ? 2.065 ? ? 
metalc6  metalc ?    ? B APC .   O1B ? ? ? 1_555 D MG  .  MG ? ? A APC 201 A MG  203 1_555 ? ? ? ? ? ? ? 2.273 ? ? 
metalc7  metalc ?    ? B APC .   O1B ? ? ? 1_555 E MG  .  MG ? ? A APC 201 A MG  204 1_555 ? ? ? ? ? ? ? 2.049 ? ? 
metalc8  metalc ?    ? B APC .   O1A ? ? ? 1_555 E MG  .  MG ? ? A APC 201 A MG  204 1_555 ? ? ? ? ? ? ? 2.069 ? ? 
metalc9  metalc ?    ? D MG  .   MG  ? ? ? 1_555 G HOH .  O  ? ? A MG  203 A HOH 320 1_555 ? ? ? ? ? ? ? 2.132 ? ? 
metalc10 metalc ?    ? D MG  .   MG  ? ? ? 1_555 G HOH .  O  ? ? A MG  203 A HOH 358 1_555 ? ? ? ? ? ? ? 2.061 ? ? 
metalc11 metalc ?    ? E MG  .   MG  ? ? ? 1_555 G HOH .  O  ? ? A MG  204 A HOH 324 1_555 ? ? ? ? ? ? ? 2.041 ? ? 
metalc12 metalc ?    ? E MG  .   MG  ? ? ? 1_555 G HOH .  O  ? ? A MG  204 A HOH 326 1_555 ? ? ? ? ? ? ? 2.177 ? ? 
# 
loop_
_struct_conn_type.id 
_struct_conn_type.criteria 
_struct_conn_type.reference 
covale ? ? 
metalc ? ? 
# 
loop_
_pdbx_struct_conn_angle.id 
_pdbx_struct_conn_angle.ptnr1_label_atom_id 
_pdbx_struct_conn_angle.ptnr1_label_alt_id 
_pdbx_struct_conn_angle.ptnr1_label_asym_id 
_pdbx_struct_conn_angle.ptnr1_label_comp_id 
_pdbx_struct_conn_angle.ptnr1_label_seq_id 
_pdbx_struct_conn_angle.ptnr1_auth_atom_id 
_pdbx_struct_conn_angle.ptnr1_auth_asym_id 
_pdbx_struct_conn_angle.ptnr1_auth_comp_id 
_pdbx_struct_conn_angle.ptnr1_auth_seq_id 
_pdbx_struct_conn_angle.ptnr1_PDB_ins_code 
_pdbx_struct_conn_angle.ptnr1_symmetry 
_pdbx_struct_conn_angle.ptnr2_label_atom_id 
_pdbx_struct_conn_angle.ptnr2_label_alt_id 
_pdbx_struct_conn_angle.ptnr2_label_asym_id 
_pdbx_struct_conn_angle.ptnr2_label_comp_id 
_pdbx_struct_conn_angle.ptnr2_label_seq_id 
_pdbx_struct_conn_angle.ptnr2_auth_atom_id 
_pdbx_struct_conn_angle.ptnr2_auth_asym_id 
_pdbx_struct_conn_angle.ptnr2_auth_comp_id 
_pdbx_struct_conn_angle.ptnr2_auth_seq_id 
_pdbx_struct_conn_angle.ptnr2_PDB_ins_code 
_pdbx_struct_conn_angle.ptnr2_symmetry 
_pdbx_struct_conn_angle.ptnr3_label_atom_id 
_pdbx_struct_conn_angle.ptnr3_label_alt_id 
_pdbx_struct_conn_angle.ptnr3_label_asym_id 
_pdbx_struct_conn_angle.ptnr3_label_comp_id 
_pdbx_struct_conn_angle.ptnr3_label_seq_id 
_pdbx_struct_conn_angle.ptnr3_auth_atom_id 
_pdbx_struct_conn_angle.ptnr3_auth_asym_id 
_pdbx_struct_conn_angle.ptnr3_auth_comp_id 
_pdbx_struct_conn_angle.ptnr3_auth_seq_id 
_pdbx_struct_conn_angle.ptnr3_PDB_ins_code 
_pdbx_struct_conn_angle.ptnr3_symmetry 
_pdbx_struct_conn_angle.value 
_pdbx_struct_conn_angle.value_esd 
1  OD2 ? A ASP 98  ? A ASP 95  ? 1_555 MG ? D MG . ? A MG 203 ? 1_555 OD2 ? A ASP 100 ? A ASP 97  ? 1_555 90.5  ? 
2  OD2 ? A ASP 98  ? A ASP 95  ? 1_555 MG ? D MG . ? A MG 203 ? 1_555 O1G ? B APC .   ? A APC 201 ? 1_555 172.2 ? 
3  OD2 ? A ASP 100 ? A ASP 97  ? 1_555 MG ? D MG . ? A MG 203 ? 1_555 O1G ? B APC .   ? A APC 201 ? 1_555 88.5  ? 
4  OD2 ? A ASP 98  ? A ASP 95  ? 1_555 MG ? D MG . ? A MG 203 ? 1_555 O1B ? B APC .   ? A APC 201 ? 1_555 86.4  ? 
5  OD2 ? A ASP 100 ? A ASP 97  ? 1_555 MG ? D MG . ? A MG 203 ? 1_555 O1B ? B APC .   ? A APC 201 ? 1_555 101.1 ? 
6  O1G ? B APC .   ? A APC 201 ? 1_555 MG ? D MG . ? A MG 203 ? 1_555 O1B ? B APC .   ? A APC 201 ? 1_555 86.2  ? 
7  OD2 ? A ASP 98  ? A ASP 95  ? 1_555 MG ? D MG . ? A MG 203 ? 1_555 O   ? G HOH .   ? A HOH 320 ? 1_555 90.2  ? 
8  OD2 ? A ASP 100 ? A ASP 97  ? 1_555 MG ? D MG . ? A MG 203 ? 1_555 O   ? G HOH .   ? A HOH 320 ? 1_555 169.8 ? 
9  O1G ? B APC .   ? A APC 201 ? 1_555 MG ? D MG . ? A MG 203 ? 1_555 O   ? G HOH .   ? A HOH 320 ? 1_555 92.1  ? 
10 O1B ? B APC .   ? A APC 201 ? 1_555 MG ? D MG . ? A MG 203 ? 1_555 O   ? G HOH .   ? A HOH 320 ? 1_555 89.1  ? 
11 OD2 ? A ASP 98  ? A ASP 95  ? 1_555 MG ? D MG . ? A MG 203 ? 1_555 O   ? G HOH .   ? A HOH 358 ? 1_555 89.1  ? 
12 OD2 ? A ASP 100 ? A ASP 97  ? 1_555 MG ? D MG . ? A MG 203 ? 1_555 O   ? G HOH .   ? A HOH 358 ? 1_555 87.4  ? 
13 O1G ? B APC .   ? A APC 201 ? 1_555 MG ? D MG . ? A MG 203 ? 1_555 O   ? G HOH .   ? A HOH 358 ? 1_555 98.6  ? 
14 O1B ? B APC .   ? A APC 201 ? 1_555 MG ? D MG . ? A MG 203 ? 1_555 O   ? G HOH .   ? A HOH 358 ? 1_555 170.4 ? 
15 O   ? G HOH .   ? A HOH 320 ? 1_555 MG ? D MG . ? A MG 203 ? 1_555 O   ? G HOH .   ? A HOH 358 ? 1_555 82.4  ? 
16 OD1 ? A ASP 98  ? A ASP 95  ? 1_555 MG ? E MG . ? A MG 204 ? 1_555 OD1 ? A ASP 100 ? A ASP 97  ? 1_555 91.9  ? 
17 OD1 ? A ASP 98  ? A ASP 95  ? 1_555 MG ? E MG . ? A MG 204 ? 1_555 O1B ? B APC .   ? A APC 201 ? 1_555 91.0  ? 
18 OD1 ? A ASP 100 ? A ASP 97  ? 1_555 MG ? E MG . ? A MG 204 ? 1_555 O1B ? B APC .   ? A APC 201 ? 1_555 97.4  ? 
19 OD1 ? A ASP 98  ? A ASP 95  ? 1_555 MG ? E MG . ? A MG 204 ? 1_555 O1A ? B APC .   ? A APC 201 ? 1_555 91.7  ? 
20 OD1 ? A ASP 100 ? A ASP 97  ? 1_555 MG ? E MG . ? A MG 204 ? 1_555 O1A ? B APC .   ? A APC 201 ? 1_555 173.5 ? 
21 O1B ? B APC .   ? A APC 201 ? 1_555 MG ? E MG . ? A MG 204 ? 1_555 O1A ? B APC .   ? A APC 201 ? 1_555 87.9  ? 
22 OD1 ? A ASP 98  ? A ASP 95  ? 1_555 MG ? E MG . ? A MG 204 ? 1_555 O   ? G HOH .   ? A HOH 324 ? 1_555 92.5  ? 
23 OD1 ? A ASP 100 ? A ASP 97  ? 1_555 MG ? E MG . ? A MG 204 ? 1_555 O   ? G HOH .   ? A HOH 324 ? 1_555 87.8  ? 
24 O1B ? B APC .   ? A APC 201 ? 1_555 MG ? E MG . ? A MG 204 ? 1_555 O   ? G HOH .   ? A HOH 324 ? 1_555 173.7 ? 
25 O1A ? B APC .   ? A APC 201 ? 1_555 MG ? E MG . ? A MG 204 ? 1_555 O   ? G HOH .   ? A HOH 324 ? 1_555 86.7  ? 
26 OD1 ? A ASP 98  ? A ASP 95  ? 1_555 MG ? E MG . ? A MG 204 ? 1_555 O   ? G HOH .   ? A HOH 326 ? 1_555 172.2 ? 
27 OD1 ? A ASP 100 ? A ASP 97  ? 1_555 MG ? E MG . ? A MG 204 ? 1_555 O   ? G HOH .   ? A HOH 326 ? 1_555 83.5  ? 
28 O1B ? B APC .   ? A APC 201 ? 1_555 MG ? E MG . ? A MG 204 ? 1_555 O   ? G HOH .   ? A HOH 326 ? 1_555 83.3  ? 
29 O1A ? B APC .   ? A APC 201 ? 1_555 MG ? E MG . ? A MG 204 ? 1_555 O   ? G HOH .   ? A HOH 326 ? 1_555 93.4  ? 
30 O   ? G HOH .   ? A HOH 324 ? 1_555 MG ? E MG . ? A MG 204 ? 1_555 O   ? G HOH .   ? A HOH 326 ? 1_555 93.7  ? 
# 
_pdbx_modification_feature.ordinal                            1 
_pdbx_modification_feature.label_comp_id                      CSO 
_pdbx_modification_feature.label_asym_id                      A 
_pdbx_modification_feature.label_seq_id                       83 
_pdbx_modification_feature.label_alt_id                       ? 
_pdbx_modification_feature.modified_residue_label_comp_id     . 
_pdbx_modification_feature.modified_residue_label_asym_id     . 
_pdbx_modification_feature.modified_residue_label_seq_id      . 
_pdbx_modification_feature.modified_residue_label_alt_id      . 
_pdbx_modification_feature.auth_comp_id                       CSO 
_pdbx_modification_feature.auth_asym_id                       A 
_pdbx_modification_feature.auth_seq_id                        80 
_pdbx_modification_feature.PDB_ins_code                       ? 
_pdbx_modification_feature.symmetry                           1_555 
_pdbx_modification_feature.modified_residue_auth_comp_id      . 
_pdbx_modification_feature.modified_residue_auth_asym_id      . 
_pdbx_modification_feature.modified_residue_auth_seq_id       . 
_pdbx_modification_feature.modified_residue_PDB_ins_code      . 
_pdbx_modification_feature.modified_residue_symmetry          . 
_pdbx_modification_feature.comp_id_linking_atom               . 
_pdbx_modification_feature.modified_residue_id_linking_atom   . 
_pdbx_modification_feature.modified_residue_id                CYS 
_pdbx_modification_feature.ref_pcm_id                         1 
_pdbx_modification_feature.ref_comp_id                        CSO 
_pdbx_modification_feature.type                               Hydroxylation 
_pdbx_modification_feature.category                           'Named protein modification' 
# 
_struct_mon_prot_cis.pdbx_id                1 
_struct_mon_prot_cis.label_comp_id          VAL 
_struct_mon_prot_cis.label_seq_id           116 
_struct_mon_prot_cis.label_asym_id          A 
_struct_mon_prot_cis.label_alt_id           . 
_struct_mon_prot_cis.pdbx_PDB_ins_code      ? 
_struct_mon_prot_cis.auth_comp_id           VAL 
_struct_mon_prot_cis.auth_seq_id            113 
_struct_mon_prot_cis.auth_asym_id           A 
_struct_mon_prot_cis.pdbx_label_comp_id_2   PRO 
_struct_mon_prot_cis.pdbx_label_seq_id_2    117 
_struct_mon_prot_cis.pdbx_label_asym_id_2   A 
_struct_mon_prot_cis.pdbx_PDB_ins_code_2    ? 
_struct_mon_prot_cis.pdbx_auth_comp_id_2    PRO 
_struct_mon_prot_cis.pdbx_auth_seq_id_2     114 
_struct_mon_prot_cis.pdbx_auth_asym_id_2    A 
_struct_mon_prot_cis.pdbx_PDB_model_num     1 
_struct_mon_prot_cis.pdbx_omega_angle       -3.69 
# 
loop_
_struct_sheet.id 
_struct_sheet.type 
_struct_sheet.number_strands 
_struct_sheet.details 
AA1 ? 4 ? 
AA2 ? 4 ? 
AA3 ? 2 ? 
AA4 ? 2 ? 
# 
loop_
_struct_sheet_order.sheet_id 
_struct_sheet_order.range_id_1 
_struct_sheet_order.range_id_2 
_struct_sheet_order.offset 
_struct_sheet_order.sense 
AA1 1 2 ? anti-parallel 
AA1 2 3 ? anti-parallel 
AA1 3 4 ? anti-parallel 
AA2 1 2 ? anti-parallel 
AA2 2 3 ? anti-parallel 
AA2 3 4 ? anti-parallel 
AA3 1 2 ? anti-parallel 
AA4 1 2 ? anti-parallel 
# 
loop_
_struct_sheet_range.sheet_id 
_struct_sheet_range.id 
_struct_sheet_range.beg_label_comp_id 
_struct_sheet_range.beg_label_asym_id 
_struct_sheet_range.beg_label_seq_id 
_struct_sheet_range.pdbx_beg_PDB_ins_code 
_struct_sheet_range.end_label_comp_id 
_struct_sheet_range.end_label_asym_id 
_struct_sheet_range.end_label_seq_id 
_struct_sheet_range.pdbx_end_PDB_ins_code 
_struct_sheet_range.beg_auth_comp_id 
_struct_sheet_range.beg_auth_asym_id 
_struct_sheet_range.beg_auth_seq_id 
_struct_sheet_range.end_auth_comp_id 
_struct_sheet_range.end_auth_asym_id 
_struct_sheet_range.end_auth_seq_id 
AA1 1 ILE A 35  ? ILE A 40  ? ILE A 32  ILE A 37  
AA1 2 PHE A 57  ? THR A 66  ? PHE A 54  THR A 63  
AA1 3 ILE A 5   ? SER A 13  ? ILE A 2   SER A 10  
AA1 4 ASP A 98  ? TYR A 104 ? ASP A 95  TYR A 101 
AA2 1 ILE A 35  ? ILE A 40  ? ILE A 32  ILE A 37  
AA2 2 PHE A 57  ? THR A 66  ? PHE A 54  THR A 63  
AA2 3 TYR A 44  ? THR A 46  ? TYR A 41  THR A 43  
AA2 4 VAL A 157 ? ARG A 159 ? VAL A 154 ARG A 156 
AA3 1 ILE A 109 ? LEU A 111 ? ILE A 106 LEU A 108 
AA3 2 LEU A 114 ? VAL A 116 ? LEU A 111 VAL A 113 
AA4 1 VAL A 139 ? GLU A 140 ? VAL A 136 GLU A 137 
AA4 2 LEU A 145 ? LYS A 146 ? LEU A 142 LYS A 143 
# 
loop_
_pdbx_struct_sheet_hbond.sheet_id 
_pdbx_struct_sheet_hbond.range_id_1 
_pdbx_struct_sheet_hbond.range_id_2 
_pdbx_struct_sheet_hbond.range_1_label_atom_id 
_pdbx_struct_sheet_hbond.range_1_label_comp_id 
_pdbx_struct_sheet_hbond.range_1_label_asym_id 
_pdbx_struct_sheet_hbond.range_1_label_seq_id 
_pdbx_struct_sheet_hbond.range_1_PDB_ins_code 
_pdbx_struct_sheet_hbond.range_1_auth_atom_id 
_pdbx_struct_sheet_hbond.range_1_auth_comp_id 
_pdbx_struct_sheet_hbond.range_1_auth_asym_id 
_pdbx_struct_sheet_hbond.range_1_auth_seq_id 
_pdbx_struct_sheet_hbond.range_2_label_atom_id 
_pdbx_struct_sheet_hbond.range_2_label_comp_id 
_pdbx_struct_sheet_hbond.range_2_label_asym_id 
_pdbx_struct_sheet_hbond.range_2_label_seq_id 
_pdbx_struct_sheet_hbond.range_2_PDB_ins_code 
_pdbx_struct_sheet_hbond.range_2_auth_atom_id 
_pdbx_struct_sheet_hbond.range_2_auth_comp_id 
_pdbx_struct_sheet_hbond.range_2_auth_asym_id 
_pdbx_struct_sheet_hbond.range_2_auth_seq_id 
AA1 1 2 N ASN A 39  ? N ASN A 36  O GLU A 63  ? O GLU A 60  
AA1 2 3 O THR A 66  ? O THR A 63  N ILE A 5   ? N ILE A 2   
AA1 3 4 N GLY A 10  ? N GLY A 7   O ASP A 100 ? O ASP A 97  
AA2 1 2 N ASN A 39  ? N ASN A 36  O GLU A 63  ? O GLU A 60  
AA2 2 3 O ASN A 59  ? O ASN A 56  N TYR A 44  ? N TYR A 41  
AA2 3 4 N GLU A 45  ? N GLU A 42  O LYS A 158 ? O LYS A 155 
AA3 1 2 N LEU A 111 ? N LEU A 108 O LEU A 114 ? O LEU A 111 
AA4 1 2 N GLU A 140 ? N GLU A 137 O LEU A 145 ? O LEU A 142 
# 
loop_
_struct_site.id 
_struct_site.pdbx_evidence_code 
_struct_site.pdbx_auth_asym_id 
_struct_site.pdbx_auth_comp_id 
_struct_site.pdbx_auth_seq_id 
_struct_site.pdbx_auth_ins_code 
_struct_site.pdbx_num_residues 
_struct_site.details 
AC1 Software A APC 201 ? 23 'binding site for residue APC A 201' 
AC2 Software A 5RZ 202 ? 14 'binding site for residue 5RZ A 202' 
AC3 Software A MG  203 ? 6  'binding site for residue MG A 203'  
AC4 Software A MG  204 ? 6  'binding site for residue MG A 204'  
AC5 Software A NO3 205 ? 6  'binding site for residue NO3 A 205' 
# 
loop_
_struct_site_gen.id 
_struct_site_gen.site_id 
_struct_site_gen.pdbx_num_res 
_struct_site_gen.label_comp_id 
_struct_site_gen.label_asym_id 
_struct_site_gen.label_seq_id 
_struct_site_gen.pdbx_auth_ins_code 
_struct_site_gen.auth_comp_id 
_struct_site_gen.auth_asym_id 
_struct_site_gen.auth_seq_id 
_struct_site_gen.label_atom_id 
_struct_site_gen.label_alt_id 
_struct_site_gen.symmetry 
_struct_site_gen.details 
1  AC1 23 LEU A 74  ? LEU A 71  . ? 1_555 ? 
2  AC1 23 ARG A 86  ? ARG A 83  . ? 1_555 ? 
3  AC1 23 ARG A 91  ? ARG A 88  . ? 1_555 ? 
4  AC1 23 ARG A 95  ? ARG A 92  . ? 1_555 ? 
5  AC1 23 ASP A 98  ? ASP A 95  . ? 1_555 ? 
6  AC1 23 ASP A 100 ? ASP A 97  . ? 1_555 ? 
7  AC1 23 ILE A 101 ? ILE A 98  . ? 1_555 ? 
8  AC1 23 LYS A 113 ? LYS A 110 . ? 1_555 ? 
9  AC1 23 LEU A 114 ? LEU A 111 . ? 1_555 ? 
10 AC1 23 SER A 115 ? SER A 112 . ? 1_555 ? 
11 AC1 23 HIS A 118 ? HIS A 115 . ? 1_555 ? 
12 AC1 23 ARG A 120 ? ARG A 117 . ? 1_555 ? 
13 AC1 23 ARG A 124 ? ARG A 121 . ? 1_555 ? 
14 AC1 23 MG  D .   ? MG  A 203 . ? 1_555 ? 
15 AC1 23 MG  E .   ? MG  A 204 . ? 1_555 ? 
16 AC1 23 HOH G .   ? HOH A 304 . ? 1_555 ? 
17 AC1 23 HOH G .   ? HOH A 308 . ? 1_555 ? 
18 AC1 23 HOH G .   ? HOH A 320 . ? 1_555 ? 
19 AC1 23 HOH G .   ? HOH A 321 . ? 1_555 ? 
20 AC1 23 HOH G .   ? HOH A 324 . ? 1_555 ? 
21 AC1 23 HOH G .   ? HOH A 326 . ? 1_555 ? 
22 AC1 23 HOH G .   ? HOH A 330 . ? 1_555 ? 
23 AC1 23 HOH G .   ? HOH A 334 . ? 1_555 ? 
24 AC2 14 THR A 46  ? THR A 43  . ? 1_555 ? 
25 AC2 14 ALA A 47  ? ALA A 44  . ? 1_555 ? 
26 AC2 14 PRO A 48  ? PRO A 45  . ? 1_555 ? 
27 AC2 14 VAL A 49  ? VAL A 46  . ? 1_555 ? 
28 AC2 14 GLY A 50  ? GLY A 47  . ? 1_555 ? 
29 AC2 14 PHE A 57  ? PHE A 54  . ? 1_555 ? 
30 AC2 14 ASN A 59  ? ASN A 56  . ? 1_555 ? 
31 AC2 14 ARG A 91  ? ARG A 88  . ? 1_555 ? 
32 AC2 14 GLU A 107 ? GLU A 104 . ? 2_665 ? 
33 AC2 14 MET A 108 ? MET A 105 . ? 2_665 ? 
34 AC2 14 ARG A 124 ? ARG A 121 . ? 1_555 ? 
35 AC2 14 PHE A 126 ? PHE A 123 . ? 1_555 ? 
36 AC2 14 HOH G .   ? HOH A 320 . ? 1_555 ? 
37 AC2 14 HOH G .   ? HOH A 346 . ? 1_555 ? 
38 AC3 6  ASP A 98  ? ASP A 95  . ? 1_555 ? 
39 AC3 6  ASP A 100 ? ASP A 97  . ? 1_555 ? 
40 AC3 6  APC B .   ? APC A 201 . ? 1_555 ? 
41 AC3 6  MG  E .   ? MG  A 204 . ? 1_555 ? 
42 AC3 6  HOH G .   ? HOH A 320 . ? 1_555 ? 
43 AC3 6  HOH G .   ? HOH A 358 . ? 1_555 ? 
44 AC4 6  ASP A 98  ? ASP A 95  . ? 1_555 ? 
45 AC4 6  ASP A 100 ? ASP A 97  . ? 1_555 ? 
46 AC4 6  APC B .   ? APC A 201 . ? 1_555 ? 
47 AC4 6  MG  D .   ? MG  A 203 . ? 1_555 ? 
48 AC4 6  HOH G .   ? HOH A 324 . ? 1_555 ? 
49 AC4 6  HOH G .   ? HOH A 326 . ? 1_555 ? 
50 AC5 6  ILE A 15  ? ILE A 12  . ? 1_555 ? 
51 AC5 6  ARG A 86  ? ARG A 83  . ? 1_555 ? 
52 AC5 6  ILE A 87  ? ILE A 84  . ? 1_555 ? 
53 AC5 6  ARG A 88  ? ARG A 85  . ? 1_555 ? 
54 AC5 6  ARG A 95  ? ARG A 92  . ? 1_555 ? 
55 AC5 6  THR A 96  ? THR A 93  . ? 1_555 ? 
# 
_pdbx_entry_details.entry_id                   5ETV 
_pdbx_entry_details.compound_details           ? 
_pdbx_entry_details.source_details             ? 
_pdbx_entry_details.nonpolymer_details         ? 
_pdbx_entry_details.sequence_details           ? 
_pdbx_entry_details.has_ligand_of_interest     ? 
_pdbx_entry_details.has_protein_modification   Y 
# 
loop_
_pdbx_validate_torsion.id 
_pdbx_validate_torsion.PDB_model_num 
_pdbx_validate_torsion.auth_comp_id 
_pdbx_validate_torsion.auth_asym_id 
_pdbx_validate_torsion.auth_seq_id 
_pdbx_validate_torsion.PDB_ins_code 
_pdbx_validate_torsion.label_alt_id 
_pdbx_validate_torsion.phi 
_pdbx_validate_torsion.psi 
1 1 GLU A 50  ? ? -97.37  54.86 
2 1 ALA A 132 ? ? -143.52 35.97 
# 
_pdbx_struct_mod_residue.id               1 
_pdbx_struct_mod_residue.label_asym_id    A 
_pdbx_struct_mod_residue.label_comp_id    CSO 
_pdbx_struct_mod_residue.label_seq_id     83 
_pdbx_struct_mod_residue.auth_asym_id     A 
_pdbx_struct_mod_residue.auth_comp_id     CSO 
_pdbx_struct_mod_residue.auth_seq_id      80 
_pdbx_struct_mod_residue.PDB_ins_code     ? 
_pdbx_struct_mod_residue.parent_comp_id   CYS 
_pdbx_struct_mod_residue.details          'modified residue' 
# 
loop_
_pdbx_unobs_or_zero_occ_residues.id 
_pdbx_unobs_or_zero_occ_residues.PDB_model_num 
_pdbx_unobs_or_zero_occ_residues.polymer_flag 
_pdbx_unobs_or_zero_occ_residues.occupancy_flag 
_pdbx_unobs_or_zero_occ_residues.auth_asym_id 
_pdbx_unobs_or_zero_occ_residues.auth_comp_id 
_pdbx_unobs_or_zero_occ_residues.auth_seq_id 
_pdbx_unobs_or_zero_occ_residues.PDB_ins_code 
_pdbx_unobs_or_zero_occ_residues.label_asym_id 
_pdbx_unobs_or_zero_occ_residues.label_comp_id 
_pdbx_unobs_or_zero_occ_residues.label_seq_id 
1 1 Y 1 A GLY -2  ? A GLY 1   
2 1 Y 1 A SER -1  ? A SER 2   
3 1 Y 1 A LYS 158 ? A LYS 161 
# 
loop_
_chem_comp_atom.comp_id 
_chem_comp_atom.atom_id 
_chem_comp_atom.type_symbol 
_chem_comp_atom.pdbx_aromatic_flag 
_chem_comp_atom.pdbx_stereo_config 
_chem_comp_atom.pdbx_ordinal 
5RZ C1     C  Y N 1   
5RZ C2     C  Y N 2   
5RZ C3     C  Y N 3   
5RZ C4     C  Y N 4   
5RZ C5     C  Y N 5   
5RZ C6     C  Y N 6   
5RZ C7     C  Y N 7   
5RZ C8     C  Y N 8   
5RZ C9     C  N N 9   
5RZ C10    C  N N 10  
5RZ C11    C  Y N 11  
5RZ C12    C  N N 12  
5RZ C13    C  N N 13  
5RZ N14    N  N N 14  
5RZ N15    N  Y N 15  
5RZ N16    N  N N 16  
5RZ N17    N  Y N 17  
5RZ N18    N  N N 18  
5RZ O19    O  N N 19  
5RZ O20    O  N N 20  
5RZ S21    S  N N 21  
5RZ BR1    BR N N 22  
5RZ H1     H  N N 23  
5RZ H2     H  N N 24  
5RZ H3     H  N N 25  
5RZ H4     H  N N 26  
5RZ H5     H  N N 27  
5RZ H6     H  N N 28  
5RZ H7     H  N N 29  
5RZ H8     H  N N 30  
5RZ H10    H  N N 31  
5RZ H11    H  N N 32  
ALA N      N  N N 33  
ALA CA     C  N S 34  
ALA C      C  N N 35  
ALA O      O  N N 36  
ALA CB     C  N N 37  
ALA OXT    O  N N 38  
ALA H      H  N N 39  
ALA H2     H  N N 40  
ALA HA     H  N N 41  
ALA HB1    H  N N 42  
ALA HB2    H  N N 43  
ALA HB3    H  N N 44  
ALA HXT    H  N N 45  
APC PG     P  N N 46  
APC O1G    O  N N 47  
APC O2G    O  N N 48  
APC O3G    O  N N 49  
APC PB     P  N S 50  
APC O1B    O  N N 51  
APC O2B    O  N N 52  
APC O3B    O  N N 53  
APC PA     P  N R 54  
APC O1A    O  N N 55  
APC O2A    O  N N 56  
APC C3A    C  N N 57  
APC "O5'"  O  N N 58  
APC "C5'"  C  N N 59  
APC "C4'"  C  N R 60  
APC "O4'"  O  N N 61  
APC "C3'"  C  N S 62  
APC "O3'"  O  N N 63  
APC "C2'"  C  N R 64  
APC "O2'"  O  N N 65  
APC "C1'"  C  N R 66  
APC N9     N  Y N 67  
APC C8     C  Y N 68  
APC N7     N  Y N 69  
APC C5     C  Y N 70  
APC C6     C  Y N 71  
APC N6     N  N N 72  
APC N1     N  Y N 73  
APC C2     C  Y N 74  
APC N3     N  Y N 75  
APC C4     C  Y N 76  
APC HOG2   H  N N 77  
APC HOG3   H  N N 78  
APC HOB2   H  N N 79  
APC HOA2   H  N N 80  
APC H3A1   H  N N 81  
APC H3A2   H  N N 82  
APC "H5'1" H  N N 83  
APC "H5'2" H  N N 84  
APC "H4'"  H  N N 85  
APC "H3'"  H  N N 86  
APC "HO3'" H  N N 87  
APC "H2'"  H  N N 88  
APC "HO2'" H  N N 89  
APC "H1'"  H  N N 90  
APC H8     H  N N 91  
APC HN61   H  N N 92  
APC HN62   H  N N 93  
APC H2     H  N N 94  
ARG N      N  N N 95  
ARG CA     C  N S 96  
ARG C      C  N N 97  
ARG O      O  N N 98  
ARG CB     C  N N 99  
ARG CG     C  N N 100 
ARG CD     C  N N 101 
ARG NE     N  N N 102 
ARG CZ     C  N N 103 
ARG NH1    N  N N 104 
ARG NH2    N  N N 105 
ARG OXT    O  N N 106 
ARG H      H  N N 107 
ARG H2     H  N N 108 
ARG HA     H  N N 109 
ARG HB2    H  N N 110 
ARG HB3    H  N N 111 
ARG HG2    H  N N 112 
ARG HG3    H  N N 113 
ARG HD2    H  N N 114 
ARG HD3    H  N N 115 
ARG HE     H  N N 116 
ARG HH11   H  N N 117 
ARG HH12   H  N N 118 
ARG HH21   H  N N 119 
ARG HH22   H  N N 120 
ARG HXT    H  N N 121 
ASN N      N  N N 122 
ASN CA     C  N S 123 
ASN C      C  N N 124 
ASN O      O  N N 125 
ASN CB     C  N N 126 
ASN CG     C  N N 127 
ASN OD1    O  N N 128 
ASN ND2    N  N N 129 
ASN OXT    O  N N 130 
ASN H      H  N N 131 
ASN H2     H  N N 132 
ASN HA     H  N N 133 
ASN HB2    H  N N 134 
ASN HB3    H  N N 135 
ASN HD21   H  N N 136 
ASN HD22   H  N N 137 
ASN HXT    H  N N 138 
ASP N      N  N N 139 
ASP CA     C  N S 140 
ASP C      C  N N 141 
ASP O      O  N N 142 
ASP CB     C  N N 143 
ASP CG     C  N N 144 
ASP OD1    O  N N 145 
ASP OD2    O  N N 146 
ASP OXT    O  N N 147 
ASP H      H  N N 148 
ASP H2     H  N N 149 
ASP HA     H  N N 150 
ASP HB2    H  N N 151 
ASP HB3    H  N N 152 
ASP HD2    H  N N 153 
ASP HXT    H  N N 154 
CSO N      N  N N 155 
CSO CA     C  N R 156 
CSO CB     C  N N 157 
CSO SG     S  N N 158 
CSO C      C  N N 159 
CSO O      O  N N 160 
CSO OXT    O  N N 161 
CSO OD     O  N N 162 
CSO H      H  N N 163 
CSO H2     H  N N 164 
CSO HA     H  N N 165 
CSO HB2    H  N N 166 
CSO HB3    H  N N 167 
CSO HXT    H  N N 168 
CSO HD     H  N N 169 
CYS N      N  N N 170 
CYS CA     C  N R 171 
CYS C      C  N N 172 
CYS O      O  N N 173 
CYS CB     C  N N 174 
CYS SG     S  N N 175 
CYS OXT    O  N N 176 
CYS H      H  N N 177 
CYS H2     H  N N 178 
CYS HA     H  N N 179 
CYS HB2    H  N N 180 
CYS HB3    H  N N 181 
CYS HG     H  N N 182 
CYS HXT    H  N N 183 
GLN N      N  N N 184 
GLN CA     C  N S 185 
GLN C      C  N N 186 
GLN O      O  N N 187 
GLN CB     C  N N 188 
GLN CG     C  N N 189 
GLN CD     C  N N 190 
GLN OE1    O  N N 191 
GLN NE2    N  N N 192 
GLN OXT    O  N N 193 
GLN H      H  N N 194 
GLN H2     H  N N 195 
GLN HA     H  N N 196 
GLN HB2    H  N N 197 
GLN HB3    H  N N 198 
GLN HG2    H  N N 199 
GLN HG3    H  N N 200 
GLN HE21   H  N N 201 
GLN HE22   H  N N 202 
GLN HXT    H  N N 203 
GLU N      N  N N 204 
GLU CA     C  N S 205 
GLU C      C  N N 206 
GLU O      O  N N 207 
GLU CB     C  N N 208 
GLU CG     C  N N 209 
GLU CD     C  N N 210 
GLU OE1    O  N N 211 
GLU OE2    O  N N 212 
GLU OXT    O  N N 213 
GLU H      H  N N 214 
GLU H2     H  N N 215 
GLU HA     H  N N 216 
GLU HB2    H  N N 217 
GLU HB3    H  N N 218 
GLU HG2    H  N N 219 
GLU HG3    H  N N 220 
GLU HE2    H  N N 221 
GLU HXT    H  N N 222 
GLY N      N  N N 223 
GLY CA     C  N N 224 
GLY C      C  N N 225 
GLY O      O  N N 226 
GLY OXT    O  N N 227 
GLY H      H  N N 228 
GLY H2     H  N N 229 
GLY HA2    H  N N 230 
GLY HA3    H  N N 231 
GLY HXT    H  N N 232 
HIS N      N  N N 233 
HIS CA     C  N S 234 
HIS C      C  N N 235 
HIS O      O  N N 236 
HIS CB     C  N N 237 
HIS CG     C  Y N 238 
HIS ND1    N  Y N 239 
HIS CD2    C  Y N 240 
HIS CE1    C  Y N 241 
HIS NE2    N  Y N 242 
HIS OXT    O  N N 243 
HIS H      H  N N 244 
HIS H2     H  N N 245 
HIS HA     H  N N 246 
HIS HB2    H  N N 247 
HIS HB3    H  N N 248 
HIS HD1    H  N N 249 
HIS HD2    H  N N 250 
HIS HE1    H  N N 251 
HIS HE2    H  N N 252 
HIS HXT    H  N N 253 
HOH O      O  N N 254 
HOH H1     H  N N 255 
HOH H2     H  N N 256 
ILE N      N  N N 257 
ILE CA     C  N S 258 
ILE C      C  N N 259 
ILE O      O  N N 260 
ILE CB     C  N S 261 
ILE CG1    C  N N 262 
ILE CG2    C  N N 263 
ILE CD1    C  N N 264 
ILE OXT    O  N N 265 
ILE H      H  N N 266 
ILE H2     H  N N 267 
ILE HA     H  N N 268 
ILE HB     H  N N 269 
ILE HG12   H  N N 270 
ILE HG13   H  N N 271 
ILE HG21   H  N N 272 
ILE HG22   H  N N 273 
ILE HG23   H  N N 274 
ILE HD11   H  N N 275 
ILE HD12   H  N N 276 
ILE HD13   H  N N 277 
ILE HXT    H  N N 278 
LEU N      N  N N 279 
LEU CA     C  N S 280 
LEU C      C  N N 281 
LEU O      O  N N 282 
LEU CB     C  N N 283 
LEU CG     C  N N 284 
LEU CD1    C  N N 285 
LEU CD2    C  N N 286 
LEU OXT    O  N N 287 
LEU H      H  N N 288 
LEU H2     H  N N 289 
LEU HA     H  N N 290 
LEU HB2    H  N N 291 
LEU HB3    H  N N 292 
LEU HG     H  N N 293 
LEU HD11   H  N N 294 
LEU HD12   H  N N 295 
LEU HD13   H  N N 296 
LEU HD21   H  N N 297 
LEU HD22   H  N N 298 
LEU HD23   H  N N 299 
LEU HXT    H  N N 300 
LYS N      N  N N 301 
LYS CA     C  N S 302 
LYS C      C  N N 303 
LYS O      O  N N 304 
LYS CB     C  N N 305 
LYS CG     C  N N 306 
LYS CD     C  N N 307 
LYS CE     C  N N 308 
LYS NZ     N  N N 309 
LYS OXT    O  N N 310 
LYS H      H  N N 311 
LYS H2     H  N N 312 
LYS HA     H  N N 313 
LYS HB2    H  N N 314 
LYS HB3    H  N N 315 
LYS HG2    H  N N 316 
LYS HG3    H  N N 317 
LYS HD2    H  N N 318 
LYS HD3    H  N N 319 
LYS HE2    H  N N 320 
LYS HE3    H  N N 321 
LYS HZ1    H  N N 322 
LYS HZ2    H  N N 323 
LYS HZ3    H  N N 324 
LYS HXT    H  N N 325 
MET N      N  N N 326 
MET CA     C  N S 327 
MET C      C  N N 328 
MET O      O  N N 329 
MET CB     C  N N 330 
MET CG     C  N N 331 
MET SD     S  N N 332 
MET CE     C  N N 333 
MET OXT    O  N N 334 
MET H      H  N N 335 
MET H2     H  N N 336 
MET HA     H  N N 337 
MET HB2    H  N N 338 
MET HB3    H  N N 339 
MET HG2    H  N N 340 
MET HG3    H  N N 341 
MET HE1    H  N N 342 
MET HE2    H  N N 343 
MET HE3    H  N N 344 
MET HXT    H  N N 345 
MG  MG     MG N N 346 
NO3 N      N  N N 347 
NO3 O1     O  N N 348 
NO3 O2     O  N N 349 
NO3 O3     O  N N 350 
PHE N      N  N N 351 
PHE CA     C  N S 352 
PHE C      C  N N 353 
PHE O      O  N N 354 
PHE CB     C  N N 355 
PHE CG     C  Y N 356 
PHE CD1    C  Y N 357 
PHE CD2    C  Y N 358 
PHE CE1    C  Y N 359 
PHE CE2    C  Y N 360 
PHE CZ     C  Y N 361 
PHE OXT    O  N N 362 
PHE H      H  N N 363 
PHE H2     H  N N 364 
PHE HA     H  N N 365 
PHE HB2    H  N N 366 
PHE HB3    H  N N 367 
PHE HD1    H  N N 368 
PHE HD2    H  N N 369 
PHE HE1    H  N N 370 
PHE HE2    H  N N 371 
PHE HZ     H  N N 372 
PHE HXT    H  N N 373 
PRO N      N  N N 374 
PRO CA     C  N S 375 
PRO C      C  N N 376 
PRO O      O  N N 377 
PRO CB     C  N N 378 
PRO CG     C  N N 379 
PRO CD     C  N N 380 
PRO OXT    O  N N 381 
PRO H      H  N N 382 
PRO HA     H  N N 383 
PRO HB2    H  N N 384 
PRO HB3    H  N N 385 
PRO HG2    H  N N 386 
PRO HG3    H  N N 387 
PRO HD2    H  N N 388 
PRO HD3    H  N N 389 
PRO HXT    H  N N 390 
SER N      N  N N 391 
SER CA     C  N S 392 
SER C      C  N N 393 
SER O      O  N N 394 
SER CB     C  N N 395 
SER OG     O  N N 396 
SER OXT    O  N N 397 
SER H      H  N N 398 
SER H2     H  N N 399 
SER HA     H  N N 400 
SER HB2    H  N N 401 
SER HB3    H  N N 402 
SER HG     H  N N 403 
SER HXT    H  N N 404 
THR N      N  N N 405 
THR CA     C  N S 406 
THR C      C  N N 407 
THR O      O  N N 408 
THR CB     C  N R 409 
THR OG1    O  N N 410 
THR CG2    C  N N 411 
THR OXT    O  N N 412 
THR H      H  N N 413 
THR H2     H  N N 414 
THR HA     H  N N 415 
THR HB     H  N N 416 
THR HG1    H  N N 417 
THR HG21   H  N N 418 
THR HG22   H  N N 419 
THR HG23   H  N N 420 
THR HXT    H  N N 421 
TRP N      N  N N 422 
TRP CA     C  N S 423 
TRP C      C  N N 424 
TRP O      O  N N 425 
TRP CB     C  N N 426 
TRP CG     C  Y N 427 
TRP CD1    C  Y N 428 
TRP CD2    C  Y N 429 
TRP NE1    N  Y N 430 
TRP CE2    C  Y N 431 
TRP CE3    C  Y N 432 
TRP CZ2    C  Y N 433 
TRP CZ3    C  Y N 434 
TRP CH2    C  Y N 435 
TRP OXT    O  N N 436 
TRP H      H  N N 437 
TRP H2     H  N N 438 
TRP HA     H  N N 439 
TRP HB2    H  N N 440 
TRP HB3    H  N N 441 
TRP HD1    H  N N 442 
TRP HE1    H  N N 443 
TRP HE3    H  N N 444 
TRP HZ2    H  N N 445 
TRP HZ3    H  N N 446 
TRP HH2    H  N N 447 
TRP HXT    H  N N 448 
TYR N      N  N N 449 
TYR CA     C  N S 450 
TYR C      C  N N 451 
TYR O      O  N N 452 
TYR CB     C  N N 453 
TYR CG     C  Y N 454 
TYR CD1    C  Y N 455 
TYR CD2    C  Y N 456 
TYR CE1    C  Y N 457 
TYR CE2    C  Y N 458 
TYR CZ     C  Y N 459 
TYR OH     O  N N 460 
TYR OXT    O  N N 461 
TYR H      H  N N 462 
TYR H2     H  N N 463 
TYR HA     H  N N 464 
TYR HB2    H  N N 465 
TYR HB3    H  N N 466 
TYR HD1    H  N N 467 
TYR HD2    H  N N 468 
TYR HE1    H  N N 469 
TYR HE2    H  N N 470 
TYR HH     H  N N 471 
TYR HXT    H  N N 472 
VAL N      N  N N 473 
VAL CA     C  N S 474 
VAL C      C  N N 475 
VAL O      O  N N 476 
VAL CB     C  N N 477 
VAL CG1    C  N N 478 
VAL CG2    C  N N 479 
VAL OXT    O  N N 480 
VAL H      H  N N 481 
VAL H2     H  N N 482 
VAL HA     H  N N 483 
VAL HB     H  N N 484 
VAL HG11   H  N N 485 
VAL HG12   H  N N 486 
VAL HG13   H  N N 487 
VAL HG21   H  N N 488 
VAL HG22   H  N N 489 
VAL HG23   H  N N 490 
VAL HXT    H  N N 491 
# 
loop_
_chem_comp_bond.comp_id 
_chem_comp_bond.atom_id_1 
_chem_comp_bond.atom_id_2 
_chem_comp_bond.value_order 
_chem_comp_bond.pdbx_aromatic_flag 
_chem_comp_bond.pdbx_stereo_config 
_chem_comp_bond.pdbx_ordinal 
5RZ N18   C10    sing N N 1   
5RZ N14   C10    doub N N 2   
5RZ N14   C8     sing N N 3   
5RZ C10   N16    sing N N 4   
5RZ C8    N15    sing Y N 5   
5RZ C8    C6     doub Y N 6   
5RZ N15   C11    sing Y N 7   
5RZ N16   C9     sing N N 8   
5RZ C6    C9     sing N N 9   
5RZ C6    N17    sing Y N 10  
5RZ C9    O20    doub N N 11  
5RZ C11   N17    doub Y N 12  
5RZ C11   S21    sing N N 13  
5RZ S21   C13    sing N N 14  
5RZ C3    C1     doub Y N 15  
5RZ C3    C7     sing Y N 16  
5RZ C1    C5     sing Y N 17  
5RZ BR1   C7     sing N N 18  
5RZ C7    C4     doub Y N 19  
5RZ C5    C2     doub Y N 20  
5RZ C5    C12    sing N N 21  
5RZ C4    C2     sing Y N 22  
5RZ C12   C13    sing N N 23  
5RZ C12   O19    doub N N 24  
5RZ C1    H1     sing N N 25  
5RZ C2    H2     sing N N 26  
5RZ C3    H3     sing N N 27  
5RZ C4    H4     sing N N 28  
5RZ C13   H5     sing N N 29  
5RZ C13   H6     sing N N 30  
5RZ N15   H7     sing N N 31  
5RZ N16   H8     sing N N 32  
5RZ N18   H10    sing N N 33  
5RZ N18   H11    sing N N 34  
ALA N     CA     sing N N 35  
ALA N     H      sing N N 36  
ALA N     H2     sing N N 37  
ALA CA    C      sing N N 38  
ALA CA    CB     sing N N 39  
ALA CA    HA     sing N N 40  
ALA C     O      doub N N 41  
ALA C     OXT    sing N N 42  
ALA CB    HB1    sing N N 43  
ALA CB    HB2    sing N N 44  
ALA CB    HB3    sing N N 45  
ALA OXT   HXT    sing N N 46  
APC PG    O1G    doub N N 47  
APC PG    O2G    sing N N 48  
APC PG    O3G    sing N N 49  
APC PG    O3B    sing N N 50  
APC O2G   HOG2   sing N N 51  
APC O3G   HOG3   sing N N 52  
APC PB    O1B    doub N N 53  
APC PB    O2B    sing N N 54  
APC PB    O3B    sing N N 55  
APC PB    C3A    sing N N 56  
APC O2B   HOB2   sing N N 57  
APC PA    O1A    doub N N 58  
APC PA    O2A    sing N N 59  
APC PA    C3A    sing N N 60  
APC PA    "O5'"  sing N N 61  
APC O2A   HOA2   sing N N 62  
APC C3A   H3A1   sing N N 63  
APC C3A   H3A2   sing N N 64  
APC "O5'" "C5'"  sing N N 65  
APC "C5'" "C4'"  sing N N 66  
APC "C5'" "H5'1" sing N N 67  
APC "C5'" "H5'2" sing N N 68  
APC "C4'" "O4'"  sing N N 69  
APC "C4'" "C3'"  sing N N 70  
APC "C4'" "H4'"  sing N N 71  
APC "O4'" "C1'"  sing N N 72  
APC "C3'" "O3'"  sing N N 73  
APC "C3'" "C2'"  sing N N 74  
APC "C3'" "H3'"  sing N N 75  
APC "O3'" "HO3'" sing N N 76  
APC "C2'" "O2'"  sing N N 77  
APC "C2'" "C1'"  sing N N 78  
APC "C2'" "H2'"  sing N N 79  
APC "O2'" "HO2'" sing N N 80  
APC "C1'" N9     sing N N 81  
APC "C1'" "H1'"  sing N N 82  
APC N9    C8     sing Y N 83  
APC N9    C4     sing Y N 84  
APC C8    N7     doub Y N 85  
APC C8    H8     sing N N 86  
APC N7    C5     sing Y N 87  
APC C5    C6     sing Y N 88  
APC C5    C4     doub Y N 89  
APC C6    N6     sing N N 90  
APC C6    N1     doub Y N 91  
APC N6    HN61   sing N N 92  
APC N6    HN62   sing N N 93  
APC N1    C2     sing Y N 94  
APC C2    N3     doub Y N 95  
APC C2    H2     sing N N 96  
APC N3    C4     sing Y N 97  
ARG N     CA     sing N N 98  
ARG N     H      sing N N 99  
ARG N     H2     sing N N 100 
ARG CA    C      sing N N 101 
ARG CA    CB     sing N N 102 
ARG CA    HA     sing N N 103 
ARG C     O      doub N N 104 
ARG C     OXT    sing N N 105 
ARG CB    CG     sing N N 106 
ARG CB    HB2    sing N N 107 
ARG CB    HB3    sing N N 108 
ARG CG    CD     sing N N 109 
ARG CG    HG2    sing N N 110 
ARG CG    HG3    sing N N 111 
ARG CD    NE     sing N N 112 
ARG CD    HD2    sing N N 113 
ARG CD    HD3    sing N N 114 
ARG NE    CZ     sing N N 115 
ARG NE    HE     sing N N 116 
ARG CZ    NH1    sing N N 117 
ARG CZ    NH2    doub N N 118 
ARG NH1   HH11   sing N N 119 
ARG NH1   HH12   sing N N 120 
ARG NH2   HH21   sing N N 121 
ARG NH2   HH22   sing N N 122 
ARG OXT   HXT    sing N N 123 
ASN N     CA     sing N N 124 
ASN N     H      sing N N 125 
ASN N     H2     sing N N 126 
ASN CA    C      sing N N 127 
ASN CA    CB     sing N N 128 
ASN CA    HA     sing N N 129 
ASN C     O      doub N N 130 
ASN C     OXT    sing N N 131 
ASN CB    CG     sing N N 132 
ASN CB    HB2    sing N N 133 
ASN CB    HB3    sing N N 134 
ASN CG    OD1    doub N N 135 
ASN CG    ND2    sing N N 136 
ASN ND2   HD21   sing N N 137 
ASN ND2   HD22   sing N N 138 
ASN OXT   HXT    sing N N 139 
ASP N     CA     sing N N 140 
ASP N     H      sing N N 141 
ASP N     H2     sing N N 142 
ASP CA    C      sing N N 143 
ASP CA    CB     sing N N 144 
ASP CA    HA     sing N N 145 
ASP C     O      doub N N 146 
ASP C     OXT    sing N N 147 
ASP CB    CG     sing N N 148 
ASP CB    HB2    sing N N 149 
ASP CB    HB3    sing N N 150 
ASP CG    OD1    doub N N 151 
ASP CG    OD2    sing N N 152 
ASP OD2   HD2    sing N N 153 
ASP OXT   HXT    sing N N 154 
CSO N     CA     sing N N 155 
CSO N     H      sing N N 156 
CSO N     H2     sing N N 157 
CSO CA    CB     sing N N 158 
CSO CA    C      sing N N 159 
CSO CA    HA     sing N N 160 
CSO CB    SG     sing N N 161 
CSO CB    HB2    sing N N 162 
CSO CB    HB3    sing N N 163 
CSO SG    OD     sing N N 164 
CSO C     O      doub N N 165 
CSO C     OXT    sing N N 166 
CSO OXT   HXT    sing N N 167 
CSO OD    HD     sing N N 168 
CYS N     CA     sing N N 169 
CYS N     H      sing N N 170 
CYS N     H2     sing N N 171 
CYS CA    C      sing N N 172 
CYS CA    CB     sing N N 173 
CYS CA    HA     sing N N 174 
CYS C     O      doub N N 175 
CYS C     OXT    sing N N 176 
CYS CB    SG     sing N N 177 
CYS CB    HB2    sing N N 178 
CYS CB    HB3    sing N N 179 
CYS SG    HG     sing N N 180 
CYS OXT   HXT    sing N N 181 
GLN N     CA     sing N N 182 
GLN N     H      sing N N 183 
GLN N     H2     sing N N 184 
GLN CA    C      sing N N 185 
GLN CA    CB     sing N N 186 
GLN CA    HA     sing N N 187 
GLN C     O      doub N N 188 
GLN C     OXT    sing N N 189 
GLN CB    CG     sing N N 190 
GLN CB    HB2    sing N N 191 
GLN CB    HB3    sing N N 192 
GLN CG    CD     sing N N 193 
GLN CG    HG2    sing N N 194 
GLN CG    HG3    sing N N 195 
GLN CD    OE1    doub N N 196 
GLN CD    NE2    sing N N 197 
GLN NE2   HE21   sing N N 198 
GLN NE2   HE22   sing N N 199 
GLN OXT   HXT    sing N N 200 
GLU N     CA     sing N N 201 
GLU N     H      sing N N 202 
GLU N     H2     sing N N 203 
GLU CA    C      sing N N 204 
GLU CA    CB     sing N N 205 
GLU CA    HA     sing N N 206 
GLU C     O      doub N N 207 
GLU C     OXT    sing N N 208 
GLU CB    CG     sing N N 209 
GLU CB    HB2    sing N N 210 
GLU CB    HB3    sing N N 211 
GLU CG    CD     sing N N 212 
GLU CG    HG2    sing N N 213 
GLU CG    HG3    sing N N 214 
GLU CD    OE1    doub N N 215 
GLU CD    OE2    sing N N 216 
GLU OE2   HE2    sing N N 217 
GLU OXT   HXT    sing N N 218 
GLY N     CA     sing N N 219 
GLY N     H      sing N N 220 
GLY N     H2     sing N N 221 
GLY CA    C      sing N N 222 
GLY CA    HA2    sing N N 223 
GLY CA    HA3    sing N N 224 
GLY C     O      doub N N 225 
GLY C     OXT    sing N N 226 
GLY OXT   HXT    sing N N 227 
HIS N     CA     sing N N 228 
HIS N     H      sing N N 229 
HIS N     H2     sing N N 230 
HIS CA    C      sing N N 231 
HIS CA    CB     sing N N 232 
HIS CA    HA     sing N N 233 
HIS C     O      doub N N 234 
HIS C     OXT    sing N N 235 
HIS CB    CG     sing N N 236 
HIS CB    HB2    sing N N 237 
HIS CB    HB3    sing N N 238 
HIS CG    ND1    sing Y N 239 
HIS CG    CD2    doub Y N 240 
HIS ND1   CE1    doub Y N 241 
HIS ND1   HD1    sing N N 242 
HIS CD2   NE2    sing Y N 243 
HIS CD2   HD2    sing N N 244 
HIS CE1   NE2    sing Y N 245 
HIS CE1   HE1    sing N N 246 
HIS NE2   HE2    sing N N 247 
HIS OXT   HXT    sing N N 248 
HOH O     H1     sing N N 249 
HOH O     H2     sing N N 250 
ILE N     CA     sing N N 251 
ILE N     H      sing N N 252 
ILE N     H2     sing N N 253 
ILE CA    C      sing N N 254 
ILE CA    CB     sing N N 255 
ILE CA    HA     sing N N 256 
ILE C     O      doub N N 257 
ILE C     OXT    sing N N 258 
ILE CB    CG1    sing N N 259 
ILE CB    CG2    sing N N 260 
ILE CB    HB     sing N N 261 
ILE CG1   CD1    sing N N 262 
ILE CG1   HG12   sing N N 263 
ILE CG1   HG13   sing N N 264 
ILE CG2   HG21   sing N N 265 
ILE CG2   HG22   sing N N 266 
ILE CG2   HG23   sing N N 267 
ILE CD1   HD11   sing N N 268 
ILE CD1   HD12   sing N N 269 
ILE CD1   HD13   sing N N 270 
ILE OXT   HXT    sing N N 271 
LEU N     CA     sing N N 272 
LEU N     H      sing N N 273 
LEU N     H2     sing N N 274 
LEU CA    C      sing N N 275 
LEU CA    CB     sing N N 276 
LEU CA    HA     sing N N 277 
LEU C     O      doub N N 278 
LEU C     OXT    sing N N 279 
LEU CB    CG     sing N N 280 
LEU CB    HB2    sing N N 281 
LEU CB    HB3    sing N N 282 
LEU CG    CD1    sing N N 283 
LEU CG    CD2    sing N N 284 
LEU CG    HG     sing N N 285 
LEU CD1   HD11   sing N N 286 
LEU CD1   HD12   sing N N 287 
LEU CD1   HD13   sing N N 288 
LEU CD2   HD21   sing N N 289 
LEU CD2   HD22   sing N N 290 
LEU CD2   HD23   sing N N 291 
LEU OXT   HXT    sing N N 292 
LYS N     CA     sing N N 293 
LYS N     H      sing N N 294 
LYS N     H2     sing N N 295 
LYS CA    C      sing N N 296 
LYS CA    CB     sing N N 297 
LYS CA    HA     sing N N 298 
LYS C     O      doub N N 299 
LYS C     OXT    sing N N 300 
LYS CB    CG     sing N N 301 
LYS CB    HB2    sing N N 302 
LYS CB    HB3    sing N N 303 
LYS CG    CD     sing N N 304 
LYS CG    HG2    sing N N 305 
LYS CG    HG3    sing N N 306 
LYS CD    CE     sing N N 307 
LYS CD    HD2    sing N N 308 
LYS CD    HD3    sing N N 309 
LYS CE    NZ     sing N N 310 
LYS CE    HE2    sing N N 311 
LYS CE    HE3    sing N N 312 
LYS NZ    HZ1    sing N N 313 
LYS NZ    HZ2    sing N N 314 
LYS NZ    HZ3    sing N N 315 
LYS OXT   HXT    sing N N 316 
MET N     CA     sing N N 317 
MET N     H      sing N N 318 
MET N     H2     sing N N 319 
MET CA    C      sing N N 320 
MET CA    CB     sing N N 321 
MET CA    HA     sing N N 322 
MET C     O      doub N N 323 
MET C     OXT    sing N N 324 
MET CB    CG     sing N N 325 
MET CB    HB2    sing N N 326 
MET CB    HB3    sing N N 327 
MET CG    SD     sing N N 328 
MET CG    HG2    sing N N 329 
MET CG    HG3    sing N N 330 
MET SD    CE     sing N N 331 
MET CE    HE1    sing N N 332 
MET CE    HE2    sing N N 333 
MET CE    HE3    sing N N 334 
MET OXT   HXT    sing N N 335 
NO3 N     O1     doub N N 336 
NO3 N     O2     sing N N 337 
NO3 N     O3     sing N N 338 
PHE N     CA     sing N N 339 
PHE N     H      sing N N 340 
PHE N     H2     sing N N 341 
PHE CA    C      sing N N 342 
PHE CA    CB     sing N N 343 
PHE CA    HA     sing N N 344 
PHE C     O      doub N N 345 
PHE C     OXT    sing N N 346 
PHE CB    CG     sing N N 347 
PHE CB    HB2    sing N N 348 
PHE CB    HB3    sing N N 349 
PHE CG    CD1    doub Y N 350 
PHE CG    CD2    sing Y N 351 
PHE CD1   CE1    sing Y N 352 
PHE CD1   HD1    sing N N 353 
PHE CD2   CE2    doub Y N 354 
PHE CD2   HD2    sing N N 355 
PHE CE1   CZ     doub Y N 356 
PHE CE1   HE1    sing N N 357 
PHE CE2   CZ     sing Y N 358 
PHE CE2   HE2    sing N N 359 
PHE CZ    HZ     sing N N 360 
PHE OXT   HXT    sing N N 361 
PRO N     CA     sing N N 362 
PRO N     CD     sing N N 363 
PRO N     H      sing N N 364 
PRO CA    C      sing N N 365 
PRO CA    CB     sing N N 366 
PRO CA    HA     sing N N 367 
PRO C     O      doub N N 368 
PRO C     OXT    sing N N 369 
PRO CB    CG     sing N N 370 
PRO CB    HB2    sing N N 371 
PRO CB    HB3    sing N N 372 
PRO CG    CD     sing N N 373 
PRO CG    HG2    sing N N 374 
PRO CG    HG3    sing N N 375 
PRO CD    HD2    sing N N 376 
PRO CD    HD3    sing N N 377 
PRO OXT   HXT    sing N N 378 
SER N     CA     sing N N 379 
SER N     H      sing N N 380 
SER N     H2     sing N N 381 
SER CA    C      sing N N 382 
SER CA    CB     sing N N 383 
SER CA    HA     sing N N 384 
SER C     O      doub N N 385 
SER C     OXT    sing N N 386 
SER CB    OG     sing N N 387 
SER CB    HB2    sing N N 388 
SER CB    HB3    sing N N 389 
SER OG    HG     sing N N 390 
SER OXT   HXT    sing N N 391 
THR N     CA     sing N N 392 
THR N     H      sing N N 393 
THR N     H2     sing N N 394 
THR CA    C      sing N N 395 
THR CA    CB     sing N N 396 
THR CA    HA     sing N N 397 
THR C     O      doub N N 398 
THR C     OXT    sing N N 399 
THR CB    OG1    sing N N 400 
THR CB    CG2    sing N N 401 
THR CB    HB     sing N N 402 
THR OG1   HG1    sing N N 403 
THR CG2   HG21   sing N N 404 
THR CG2   HG22   sing N N 405 
THR CG2   HG23   sing N N 406 
THR OXT   HXT    sing N N 407 
TRP N     CA     sing N N 408 
TRP N     H      sing N N 409 
TRP N     H2     sing N N 410 
TRP CA    C      sing N N 411 
TRP CA    CB     sing N N 412 
TRP CA    HA     sing N N 413 
TRP C     O      doub N N 414 
TRP C     OXT    sing N N 415 
TRP CB    CG     sing N N 416 
TRP CB    HB2    sing N N 417 
TRP CB    HB3    sing N N 418 
TRP CG    CD1    doub Y N 419 
TRP CG    CD2    sing Y N 420 
TRP CD1   NE1    sing Y N 421 
TRP CD1   HD1    sing N N 422 
TRP CD2   CE2    doub Y N 423 
TRP CD2   CE3    sing Y N 424 
TRP NE1   CE2    sing Y N 425 
TRP NE1   HE1    sing N N 426 
TRP CE2   CZ2    sing Y N 427 
TRP CE3   CZ3    doub Y N 428 
TRP CE3   HE3    sing N N 429 
TRP CZ2   CH2    doub Y N 430 
TRP CZ2   HZ2    sing N N 431 
TRP CZ3   CH2    sing Y N 432 
TRP CZ3   HZ3    sing N N 433 
TRP CH2   HH2    sing N N 434 
TRP OXT   HXT    sing N N 435 
TYR N     CA     sing N N 436 
TYR N     H      sing N N 437 
TYR N     H2     sing N N 438 
TYR CA    C      sing N N 439 
TYR CA    CB     sing N N 440 
TYR CA    HA     sing N N 441 
TYR C     O      doub N N 442 
TYR C     OXT    sing N N 443 
TYR CB    CG     sing N N 444 
TYR CB    HB2    sing N N 445 
TYR CB    HB3    sing N N 446 
TYR CG    CD1    doub Y N 447 
TYR CG    CD2    sing Y N 448 
TYR CD1   CE1    sing Y N 449 
TYR CD1   HD1    sing N N 450 
TYR CD2   CE2    doub Y N 451 
TYR CD2   HD2    sing N N 452 
TYR CE1   CZ     doub Y N 453 
TYR CE1   HE1    sing N N 454 
TYR CE2   CZ     sing Y N 455 
TYR CE2   HE2    sing N N 456 
TYR CZ    OH     sing N N 457 
TYR OH    HH     sing N N 458 
TYR OXT   HXT    sing N N 459 
VAL N     CA     sing N N 460 
VAL N     H      sing N N 461 
VAL N     H2     sing N N 462 
VAL CA    C      sing N N 463 
VAL CA    CB     sing N N 464 
VAL CA    HA     sing N N 465 
VAL C     O      doub N N 466 
VAL C     OXT    sing N N 467 
VAL CB    CG1    sing N N 468 
VAL CB    CG2    sing N N 469 
VAL CB    HB     sing N N 470 
VAL CG1   HG11   sing N N 471 
VAL CG1   HG12   sing N N 472 
VAL CG1   HG13   sing N N 473 
VAL CG2   HG21   sing N N 474 
VAL CG2   HG22   sing N N 475 
VAL CG2   HG23   sing N N 476 
VAL OXT   HXT    sing N N 477 
# 
_pdbx_initial_refinement_model.id               1 
_pdbx_initial_refinement_model.entity_id_list   ? 
_pdbx_initial_refinement_model.type             'experimental model' 
_pdbx_initial_refinement_model.source_name      PDB 
_pdbx_initial_refinement_model.accession_code   4CWB 
_pdbx_initial_refinement_model.details          ? 
# 
_atom_sites.entry_id                    5ETV 
_atom_sites.fract_transf_matrix[1][1]   -0.00335228 
_atom_sites.fract_transf_matrix[1][2]   -0.00283203 
_atom_sites.fract_transf_matrix[1][3]   -0.01298378 
_atom_sites.fract_transf_matrix[2][1]   -0.01059102 
_atom_sites.fract_transf_matrix[2][2]   0.00639777 
_atom_sites.fract_transf_matrix[2][3]   -0.00589518 
_atom_sites.fract_transf_matrix[3][1]   0.01170096 
_atom_sites.fract_transf_matrix[3][2]   0.01381056 
_atom_sites.fract_transf_matrix[3][3]   -0.00603344 
_atom_sites.fract_transf_vector[1]      0.121829 
_atom_sites.fract_transf_vector[2]      0.612068 
_atom_sites.fract_transf_vector[3]      0.236304 
# 
loop_
_atom_type.symbol 
BR 
C  
MG 
N  
O  
P  
S  
# 
loop_
_atom_site.group_PDB 
_atom_site.id 
_atom_site.type_symbol 
_atom_site.label_atom_id 
_atom_site.label_alt_id 
_atom_site.label_comp_id 
_atom_site.label_asym_id 
_atom_site.label_entity_id 
_atom_site.label_seq_id 
_atom_site.pdbx_PDB_ins_code 
_atom_site.Cartn_x 
_atom_site.Cartn_y 
_atom_site.Cartn_z 
_atom_site.occupancy 
_atom_site.B_iso_or_equiv 
_atom_site.pdbx_formal_charge 
_atom_site.auth_seq_id 
_atom_site.auth_comp_id 
_atom_site.auth_asym_id 
_atom_site.auth_atom_id 
_atom_site.pdbx_PDB_model_num 
ATOM   1    N  N     . HIS A 1 3   ? -23.172 -2.652  -0.907  1.00 23.46 ? 0   HIS A N     1 
ATOM   2    C  CA    . HIS A 1 3   ? -22.268 -3.852  -1.061  1.00 22.86 ? 0   HIS A CA    1 
ATOM   3    C  C     . HIS A 1 3   ? -20.817 -3.438  -0.908  1.00 19.41 ? 0   HIS A C     1 
ATOM   4    O  O     . HIS A 1 3   ? -20.359 -2.493  -1.562  1.00 22.41 ? 0   HIS A O     1 
ATOM   5    C  CB    . HIS A 1 3   ? -22.451 -4.501  -2.438  1.00 21.87 ? 0   HIS A CB    1 
ATOM   6    C  CG    . HIS A 1 3   ? -21.453 -5.585  -2.748  1.00 19.90 ? 0   HIS A CG    1 
ATOM   7    N  ND1   . HIS A 1 3   ? -21.495 -6.827  -2.148  1.00 19.31 ? 0   HIS A ND1   1 
ATOM   8    C  CD2   . HIS A 1 3   ? -20.387 -5.613  -3.588  1.00 19.95 ? 0   HIS A CD2   1 
ATOM   9    C  CE1   . HIS A 1 3   ? -20.501 -7.570  -2.595  1.00 17.57 ? 0   HIS A CE1   1 
ATOM   10   N  NE2   . HIS A 1 3   ? -19.805 -6.856  -3.466  1.00 18.79 ? 0   HIS A NE2   1 
ATOM   11   N  N     . MET A 1 4   ? -20.053 -4.204  -0.137  1.00 18.78 ? 1   MET A N     1 
ATOM   12   C  CA    . MET A 1 4   ? -18.687 -3.806  0.138   1.00 16.02 ? 1   MET A CA    1 
ATOM   13   C  C     . MET A 1 4   ? -17.698 -4.651  -0.646  1.00 13.81 ? 1   MET A C     1 
ATOM   14   O  O     . MET A 1 4   ? -17.841 -5.852  -0.725  1.00 16.17 ? 1   MET A O     1 
ATOM   15   C  CB    . MET A 1 4   ? -18.405 -3.899  1.632   1.00 19.70 ? 1   MET A CB    1 
ATOM   16   C  CG    . MET A 1 4   ? -19.401 -3.045  2.390   1.00 27.67 ? 1   MET A CG    1 
ATOM   17   S  SD    . MET A 1 4   ? -18.774 -2.341  3.897   1.00 38.85 ? 1   MET A SD    1 
ATOM   18   C  CE    . MET A 1 4   ? -20.220 -1.398  4.395   1.00 37.97 ? 1   MET A CE    1 
ATOM   19   N  N     . ILE A 1 5   ? -16.707 -3.976  -1.202  1.00 11.81 ? 2   ILE A N     1 
ATOM   20   C  CA    . ILE A 1 5   ? -15.563 -4.570  -1.879  1.00 11.32 ? 2   ILE A CA    1 
ATOM   21   C  C     . ILE A 1 5   ? -14.428 -4.641  -0.852  1.00 9.85  ? 2   ILE A C     1 
ATOM   22   O  O     . ILE A 1 5   ? -14.163 -3.647  -0.160  1.00 8.79  ? 2   ILE A O     1 
ATOM   23   C  CB    . ILE A 1 5   ? -15.091 -3.638  -3.052  1.00 13.20 ? 2   ILE A CB    1 
ATOM   24   C  CG1   . ILE A 1 5   ? -16.152 -3.545  -4.156  1.00 17.19 ? 2   ILE A CG1   1 
ATOM   25   C  CG2   . ILE A 1 5   ? -13.746 -4.077  -3.634  1.00 14.41 ? 2   ILE A CG2   1 
ATOM   26   C  CD1   . ILE A 1 5   ? -17.075 -2.326  -4.082  1.00 22.54 ? 2   ILE A CD1   1 
ATOM   27   N  N     . GLN A 1 6   ? -13.749 -5.784  -0.790  1.00 7.75  ? 3   GLN A N     1 
ATOM   28   C  CA    . GLN A 1 6   ? -12.548 -5.905  0.018   1.00 9.01  ? 3   GLN A CA    1 
ATOM   29   C  C     . GLN A 1 6   ? -11.332 -5.492  -0.798  1.00 8.04  ? 3   GLN A C     1 
ATOM   30   O  O     . GLN A 1 6   ? -11.082 -6.070  -1.850  1.00 8.68  ? 3   GLN A O     1 
ATOM   31   C  CB    . GLN A 1 6   ? -12.382 -7.337  0.481   1.00 10.33 ? 3   GLN A CB    1 
ATOM   32   C  CG    . GLN A 1 6   ? -11.177 -7.554  1.374   1.00 13.23 ? 3   GLN A CG    1 
ATOM   33   C  CD    . GLN A 1 6   ? -11.355 -8.803  2.183   1.00 14.79 ? 3   GLN A CD    1 
ATOM   34   O  OE1   . GLN A 1 6   ? -11.993 -8.772  3.225   1.00 17.54 ? 3   GLN A OE1   1 
ATOM   35   N  NE2   . GLN A 1 6   ? -10.839 -9.910  1.682   1.00 15.86 ? 3   GLN A NE2   1 
ATOM   36   N  N     . ALA A 1 7   ? -10.619 -4.460  -0.375  1.00 7.75  ? 4   ALA A N     1 
ATOM   37   C  CA    . ALA A 1 7   ? -9.411  -4.028  -1.079  1.00 7.57  ? 4   ALA A CA    1 
ATOM   38   C  C     . ALA A 1 7   ? -8.220  -3.996  -0.127  1.00 7.65  ? 4   ALA A C     1 
ATOM   39   O  O     . ALA A 1 7   ? -8.387  -4.003  1.121   1.00 7.83  ? 4   ALA A O     1 
ATOM   40   C  CB    . ALA A 1 7   ? -9.633  -2.649  -1.731  1.00 7.42  ? 4   ALA A CB    1 
ATOM   41   N  N     . TYR A 1 8   ? -7.033  -3.962  -0.723  1.00 6.97  ? 5   TYR A N     1 
ATOM   42   C  CA    . TYR A 1 8   ? -5.760  -3.905  -0.030  1.00 7.10  ? 5   TYR A CA    1 
ATOM   43   C  C     . TYR A 1 8   ? -4.968  -2.714  -0.525  1.00 8.05  ? 5   TYR A C     1 
ATOM   44   O  O     . TYR A 1 8   ? -4.851  -2.500  -1.736  1.00 8.21  ? 5   TYR A O     1 
ATOM   45   C  CB    . TYR A 1 8   ? -4.953  -5.214  -0.140  1.00 7.08  ? 5   TYR A CB    1 
ATOM   46   C  CG    . TYR A 1 8   ? -5.658  -6.330  0.567   1.00 7.52  ? 5   TYR A CG    1 
ATOM   47   C  CD1   . TYR A 1 8   ? -5.447  -6.573  1.927   1.00 8.68  ? 5   TYR A CD1   1 
ATOM   48   C  CD2   . TYR A 1 8   ? -6.610  -7.083  -0.093  1.00 8.39  ? 5   TYR A CD2   1 
ATOM   49   C  CE1   . TYR A 1 8   ? -6.142  -7.565  2.586   1.00 9.08  ? 5   TYR A CE1   1 
ATOM   50   C  CE2   . TYR A 1 8   ? -7.299  -8.081  0.565   1.00 8.73  ? 5   TYR A CE2   1 
ATOM   51   C  CZ    . TYR A 1 8   ? -7.058  -8.292  1.910   1.00 9.01  ? 5   TYR A CZ    1 
ATOM   52   O  OH    . TYR A 1 8   ? -7.798  -9.302  2.541   1.00 11.41 ? 5   TYR A OH    1 
ATOM   53   N  N     . LEU A 1 9   ? -4.458  -1.937  0.441   1.00 7.28  ? 6   LEU A N     1 
ATOM   54   C  CA    . LEU A 1 9   ? -3.615  -0.755  0.200   1.00 7.79  ? 6   LEU A CA    1 
ATOM   55   C  C     . LEU A 1 9   ? -2.213  -0.977  0.786   1.00 8.50  ? 6   LEU A C     1 
ATOM   56   O  O     . LEU A 1 9   ? -2.044  -1.651  1.811   1.00 8.54  ? 6   LEU A O     1 
ATOM   57   C  CB    . LEU A 1 9   ? -4.222  0.476   0.810   1.00 8.17  ? 6   LEU A CB    1 
ATOM   58   C  CG    . LEU A 1 9   ? -5.679  0.807   0.497   1.00 7.80  ? 6   LEU A CG    1 
ATOM   59   C  CD1   . LEU A 1 9   ? -6.111  2.095   1.210   1.00 8.67  ? 6   LEU A CD1   1 
ATOM   60   C  CD2   . LEU A 1 9   ? -5.954  0.919   -1.005  1.00 8.47  ? 6   LEU A CD2   1 
ATOM   61   N  N     . GLY A 1 10  ? -1.211  -0.477  0.060   1.00 7.61  ? 7   GLY A N     1 
ATOM   62   C  CA    . GLY A 1 10  ? 0.192   -0.471  0.480   1.00 8.56  ? 7   GLY A CA    1 
ATOM   63   C  C     . GLY A 1 10  ? 0.534   0.952   0.865   1.00 8.37  ? 7   GLY A C     1 
ATOM   64   O  O     . GLY A 1 10  ? 0.302   1.871   0.080   1.00 8.90  ? 7   GLY A O     1 
ATOM   65   N  N     . LEU A 1 11  ? 1.052   1.144   2.086   1.00 9.28  ? 8   LEU A N     1 
ATOM   66   C  CA    . LEU A 1 11  ? 1.427   2.455   2.564   1.00 9.30  ? 8   LEU A CA    1 
ATOM   67   C  C     . LEU A 1 11  ? 2.907   2.497   2.774   1.00 8.49  ? 8   LEU A C     1 
ATOM   68   O  O     . LEU A 1 11  ? 3.506   1.507   3.223   1.00 8.96  ? 8   LEU A O     1 
ATOM   69   C  CB    . LEU A 1 11  ? 0.752   2.831   3.879   1.00 10.50 ? 8   LEU A CB    1 
ATOM   70   C  CG    . LEU A 1 11  ? -0.705  3.288   3.781   1.00 13.57 ? 8   LEU A CG    1 
ATOM   71   C  CD1   . LEU A 1 11  ? -1.643  2.265   3.251   1.00 16.20 ? 8   LEU A CD1   1 
ATOM   72   C  CD2   . LEU A 1 11  ? -1.184  3.692   5.174   1.00 16.52 ? 8   LEU A CD2   1 
ATOM   73   N  N     . GLY A 1 12  ? 3.471   3.656   2.450   1.00 8.16  ? 9   GLY A N     1 
ATOM   74   C  CA    . GLY A 1 12  ? 4.896   3.887   2.613   1.00 7.80  ? 9   GLY A CA    1 
ATOM   75   C  C     . GLY A 1 12  ? 5.195   5.298   3.034   1.00 7.32  ? 9   GLY A C     1 
ATOM   76   O  O     . GLY A 1 12  ? 4.440   6.210   2.708   1.00 7.44  ? 9   GLY A O     1 
ATOM   77   N  N     . SER A 1 13  ? 6.292   5.474   3.775   1.00 6.98  ? 10  SER A N     1 
ATOM   78   C  CA    . SER A 1 13  ? 6.748   6.823   4.147   1.00 7.18  ? 10  SER A CA    1 
ATOM   79   C  C     . SER A 1 13  ? 8.259   6.735   4.337   1.00 6.97  ? 10  SER A C     1 
ATOM   80   O  O     . SER A 1 13  ? 8.709   5.795   5.003   1.00 7.18  ? 10  SER A O     1 
ATOM   81   C  CB    . SER A 1 13  ? 6.155   7.263   5.476   1.00 7.72  ? 10  SER A CB    1 
ATOM   82   O  OG    . SER A 1 13  ? 6.699   8.518   5.851   1.00 7.46  ? 10  SER A OG    1 
ATOM   83   N  N     . ASN A 1 14  ? 9.009   7.670   3.763   1.00 6.11  ? 11  ASN A N     1 
ATOM   84   C  CA    . ASN A 1 14  ? 10.449  7.756   4.076   1.00 6.04  ? 11  ASN A CA    1 
ATOM   85   C  C     . ASN A 1 14  ? 10.949  9.142   4.396   1.00 6.40  ? 11  ASN A C     1 
ATOM   86   O  O     . ASN A 1 14  ? 12.138  9.425   4.232   1.00 6.85  ? 11  ASN A O     1 
ATOM   87   C  CB    . ASN A 1 14  ? 11.298  7.060   3.047   1.00 5.99  ? 11  ASN A CB    1 
ATOM   88   C  CG    . ASN A 1 14  ? 11.397  7.801   1.735   1.00 6.44  ? 11  ASN A CG    1 
ATOM   89   O  OD1   . ASN A 1 14  ? 10.528  8.608   1.387   1.00 7.29  ? 11  ASN A OD1   1 
ATOM   90   N  ND2   . ASN A 1 14  ? 12.500  7.571   1.013   1.00 6.31  ? 11  ASN A ND2   1 
ATOM   91   N  N     . ILE A 1 15  ? 10.077  10.011  4.927   1.00 6.71  ? 12  ILE A N     1 
ATOM   92   C  CA    . ILE A 1 15  ? 10.464  11.369  5.288   1.00 6.70  ? 12  ILE A CA    1 
ATOM   93   C  C     . ILE A 1 15  ? 9.830   11.743  6.600   1.00 6.90  ? 12  ILE A C     1 
ATOM   94   O  O     . ILE A 1 15  ? 8.599   11.555  6.784   1.00 7.74  ? 12  ILE A O     1 
ATOM   95   C  CB    . ILE A 1 15  ? 9.991   12.421  4.229   1.00 6.58  ? 12  ILE A CB    1 
ATOM   96   C  CG1   . ILE A 1 15  ? 10.748  12.235  2.900   1.00 7.00  ? 12  ILE A CG1   1 
ATOM   97   C  CG2   . ILE A 1 15  ? 10.092  13.840  4.765   1.00 6.56  ? 12  ILE A CG2   1 
ATOM   98   C  CD1   . ILE A 1 15  ? 12.206  12.630  2.972   1.00 6.91  ? 12  ILE A CD1   1 
ATOM   99   N  N     . GLY A 1 16  ? 10.656  12.220  7.521   1.00 6.81  ? 13  GLY A N     1 
ATOM   100  C  CA    . GLY A 1 16  ? 10.180  12.762  8.790   1.00 6.79  ? 13  GLY A CA    1 
ATOM   101  C  C     . GLY A 1 16  ? 9.787   11.677  9.770   1.00 7.39  ? 13  GLY A C     1 
ATOM   102  O  O     . GLY A 1 16  ? 10.422  10.602  9.828   1.00 6.43  ? 13  GLY A O     1 
ATOM   103  N  N     . ASP A 1 17  ? 8.730   11.965  10.532  1.00 7.26  ? 14  ASP A N     1 
ATOM   104  C  CA    . ASP A 1 17  ? 8.227   11.050  11.534  1.00 7.31  ? 14  ASP A CA    1 
ATOM   105  C  C     . ASP A 1 17  ? 7.306   10.064  10.813  1.00 7.16  ? 14  ASP A C     1 
ATOM   106  O  O     . ASP A 1 17  ? 6.081   10.232  10.713  1.00 7.87  ? 14  ASP A O     1 
ATOM   107  C  CB    . ASP A 1 17  ? 7.498   11.836  12.628  1.00 7.71  ? 14  ASP A CB    1 
ATOM   108  C  CG    . ASP A 1 17  ? 7.011   10.947  13.741  1.00 8.52  ? 14  ASP A CG    1 
ATOM   109  O  OD1   . ASP A 1 17  ? 7.182   9.712   13.674  1.00 11.12 ? 14  ASP A OD1   1 
ATOM   110  O  OD2   . ASP A 1 17  ? 6.449   11.516  14.687  1.00 9.46  ? 14  ASP A OD2   1 
ATOM   111  N  N     . ARG A 1 18  ? 7.935   9.030   10.288  1.00 7.13  ? 15  ARG A N     1 
ATOM   112  C  CA    . ARG A 1 18  ? 7.302   8.087   9.365   1.00 8.09  ? 15  ARG A CA    1 
ATOM   113  C  C     . ARG A 1 18  ? 6.164   7.364   10.035  1.00 9.27  ? 15  ARG A C     1 
ATOM   114  O  O     . ARG A 1 18  ? 5.090   7.228   9.457   1.00 8.40  ? 15  ARG A O     1 
ATOM   115  C  CB    . ARG A 1 18  ? 8.323   7.106   8.843   1.00 7.98  ? 15  ARG A CB    1 
ATOM   116  C  CG    . ARG A 1 18  ? 9.427   7.726   7.967   1.00 8.28  ? 15  ARG A CG    1 
ATOM   117  C  CD    . ARG A 1 18  ? 10.600  6.762   7.766   1.00 8.04  ? 15  ARG A CD    1 
ATOM   118  N  NE    . ARG A 1 18  ? 11.137  6.248   9.034   1.00 8.21  ? 15  ARG A NE    1 
ATOM   119  C  CZ    . ARG A 1 18  ? 11.923  5.174   9.186   1.00 9.01  ? 15  ARG A CZ    1 
ATOM   120  N  NH1   . ARG A 1 18  ? 12.348  4.450   8.136   1.00 9.27  ? 15  ARG A NH1   1 
ATOM   121  N  NH2   . ARG A 1 18  ? 12.320  4.811   10.412  1.00 9.01  ? 15  ARG A NH2   1 
ATOM   122  N  N     . GLU A 1 19  ? 6.396   6.922   11.273  1.00 9.68  ? 16  GLU A N     1 
ATOM   123  C  CA    . GLU A 1 19  ? 5.334   6.176   11.970  1.00 12.07 ? 16  GLU A CA    1 
ATOM   124  C  C     . GLU A 1 19  ? 4.104   7.058   12.200  1.00 10.36 ? 16  GLU A C     1 
ATOM   125  O  O     . GLU A 1 19  ? 2.972   6.596   12.006  1.00 10.64 ? 16  GLU A O     1 
ATOM   126  C  CB    . GLU A 1 19  ? 5.818   5.570   13.285  1.00 15.03 ? 16  GLU A CB    1 
ATOM   127  C  CG    . GLU A 1 19  ? 4.841   4.478   13.747  1.00 19.72 ? 16  GLU A CG    1 
ATOM   128  C  CD    . GLU A 1 19  ? 5.228   3.822   15.069  1.00 26.76 ? 16  GLU A CD    1 
ATOM   129  O  OE1   . GLU A 1 19  ? 6.299   4.135   15.625  1.00 30.22 ? 16  GLU A OE1   1 
ATOM   130  O  OE2   . GLU A 1 19  ? 4.437   2.995   15.546  1.00 34.60 ? 16  GLU A OE2   1 
ATOM   131  N  N     . SER A 1 20  ? 4.298   8.316   12.586  1.00 9.74  ? 17  SER A N     1 
ATOM   132  C  CA    A SER A 1 20  ? 3.170   9.220   12.789  0.50 11.05 ? 17  SER A CA    1 
ATOM   133  C  CA    B SER A 1 20  ? 3.153   9.211   12.782  0.50 10.63 ? 17  SER A CA    1 
ATOM   134  C  C     . SER A 1 20  ? 2.380   9.452   11.501  1.00 11.61 ? 17  SER A C     1 
ATOM   135  O  O     . SER A 1 20  ? 1.138   9.488   11.526  1.00 11.57 ? 17  SER A O     1 
ATOM   136  C  CB    A SER A 1 20  ? 3.637   10.530  13.412  0.50 11.47 ? 17  SER A CB    1 
ATOM   137  C  CB    B SER A 1 20  ? 3.558   10.535  13.408  0.50 10.57 ? 17  SER A CB    1 
ATOM   138  O  OG    A SER A 1 20  ? 2.556   11.393  13.701  0.50 11.78 ? 17  SER A OG    1 
ATOM   139  O  OG    B SER A 1 20  ? 3.984   10.342  14.735  0.50 9.87  ? 17  SER A OG    1 
ATOM   140  N  N     . GLN A 1 21  ? 3.099   9.598   10.401  1.00 11.20 ? 18  GLN A N     1 
ATOM   141  C  CA    . GLN A 1 21  ? 2.459   9.851   9.115   1.00 14.06 ? 18  GLN A CA    1 
ATOM   142  C  C     . GLN A 1 21  ? 1.637   8.665   8.669   1.00 11.68 ? 18  GLN A C     1 
ATOM   143  O  O     . GLN A 1 21  ? 0.527   8.841   8.172   1.00 12.97 ? 18  GLN A O     1 
ATOM   144  C  CB    . GLN A 1 21  ? 3.477   10.271  8.097   1.00 15.78 ? 18  GLN A CB    1 
ATOM   145  C  CG    . GLN A 1 21  ? 3.956   11.718  8.443   1.00 18.82 ? 18  GLN A CG    1 
ATOM   146  C  CD    . GLN A 1 21  ? 5.233   12.089  7.746   1.00 21.49 ? 18  GLN A CD    1 
ATOM   147  O  OE1   . GLN A 1 21  ? 5.514   13.250  7.512   1.00 27.45 ? 18  GLN A OE1   1 
ATOM   148  N  NE2   . GLN A 1 21  ? 6.002   11.108  7.408   1.00 21.84 ? 18  GLN A NE2   1 
ATOM   149  N  N     . LEU A 1 22  ? 2.149   7.463   8.892   1.00 10.25 ? 19  LEU A N     1 
ATOM   150  C  CA    . LEU A 1 22  ? 1.408   6.249   8.551   1.00 10.46 ? 19  LEU A CA    1 
ATOM   151  C  C     . LEU A 1 22  ? 0.180   6.098   9.454   1.00 11.30 ? 19  LEU A C     1 
ATOM   152  O  O     . LEU A 1 22  ? -0.880  5.756   8.960   1.00 11.26 ? 19  LEU A O     1 
ATOM   153  C  CB    . LEU A 1 22  ? 2.291   5.030   8.655   1.00 10.66 ? 19  LEU A CB    1 
ATOM   154  C  CG    . LEU A 1 22  ? 3.413   4.957   7.589   1.00 11.69 ? 19  LEU A CG    1 
ATOM   155  C  CD1   . LEU A 1 22  ? 4.334   3.822   7.902   1.00 11.98 ? 19  LEU A CD1   1 
ATOM   156  C  CD2   . LEU A 1 22  ? 2.832   4.808   6.193   1.00 12.82 ? 19  LEU A CD2   1 
ATOM   157  N  N     . ASN A 1 23  ? 0.335   6.362   10.748  1.00 10.44 ? 20  ASN A N     1 
ATOM   158  C  CA    . ASN A 1 23  ? -0.797  6.297   11.673  1.00 13.30 ? 20  ASN A CA    1 
ATOM   159  C  C     . ASN A 1 23  ? -1.874  7.283   11.297  1.00 11.60 ? 20  ASN A C     1 
ATOM   160  O  O     . ASN A 1 23  ? -3.052  6.943   11.321  1.00 11.08 ? 20  ASN A O     1 
ATOM   161  C  CB    . ASN A 1 23  ? -0.369  6.598   13.117  1.00 17.60 ? 20  ASN A CB    1 
ATOM   162  C  CG    . ASN A 1 23  ? 0.435   5.474   13.742  1.00 27.60 ? 20  ASN A CG    1 
ATOM   163  O  OD1   . ASN A 1 23  ? 0.420   4.315   13.276  1.00 37.15 ? 20  ASN A OD1   1 
ATOM   164  N  ND2   . ASN A 1 23  ? 1.134   5.805   14.838  1.00 36.07 ? 20  ASN A ND2   1 
ATOM   165  N  N     . ASP A 1 24  ? -1.482  8.498   10.951  1.00 10.67 ? 21  ASP A N     1 
ATOM   166  C  CA    . ASP A 1 24  ? -2.460  9.525   10.566  1.00 11.42 ? 21  ASP A CA    1 
ATOM   167  C  C     . ASP A 1 24  ? -3.167  9.140   9.261   1.00 9.71  ? 21  ASP A C     1 
ATOM   168  O  O     . ASP A 1 24  ? -4.386  9.347   9.141   1.00 10.00 ? 21  ASP A O     1 
ATOM   169  C  CB    . ASP A 1 24  ? -1.814  10.886  10.392  1.00 13.97 ? 21  ASP A CB    1 
ATOM   170  C  CG    . ASP A 1 24  ? -1.453  11.548  11.715  1.00 16.98 ? 21  ASP A CG    1 
ATOM   171  O  OD1   . ASP A 1 24  ? -1.780  11.030  12.802  1.00 18.60 ? 21  ASP A OD1   1 
ATOM   172  O  OD2   . ASP A 1 24  ? -0.843  12.623  11.652  1.00 19.01 ? 21  ASP A OD2   1 
ATOM   173  N  N     . ALA A 1 25  ? -2.417  8.574   8.312   1.00 9.13  ? 22  ALA A N     1 
ATOM   174  C  CA    . ALA A 1 25  ? -2.981  8.121   7.041   1.00 8.97  ? 22  ALA A CA    1 
ATOM   175  C  C     . ALA A 1 25  ? -4.067  7.078   7.244   1.00 8.93  ? 22  ALA A C     1 
ATOM   176  O  O     . ALA A 1 25  ? -5.117  7.150   6.597   1.00 9.15  ? 22  ALA A O     1 
ATOM   177  C  CB    . ALA A 1 25  ? -1.912  7.541   6.141   1.00 10.16 ? 22  ALA A CB    1 
ATOM   178  N  N     . ILE A 1 26  ? -3.789  6.115   8.108   1.00 8.99  ? 23  ILE A N     1 
ATOM   179  C  CA    . ILE A 1 26  ? -4.786  5.087   8.458   1.00 10.13 ? 23  ILE A CA    1 
ATOM   180  C  C     . ILE A 1 26  ? -6.069  5.710   9.028   1.00 10.06 ? 23  ILE A C     1 
ATOM   181  O  O     . ILE A 1 26  ? -7.191  5.350   8.611   1.00 10.87 ? 23  ILE A O     1 
ATOM   182  C  CB    . ILE A 1 26  ? -4.202  4.024   9.402   1.00 10.79 ? 23  ILE A CB    1 
ATOM   183  C  CG1   . ILE A 1 26  ? -3.131  3.245   8.648   1.00 12.18 ? 23  ILE A CG1   1 
ATOM   184  C  CG2   . ILE A 1 26  ? -5.295  3.015   9.818   1.00 11.93 ? 23  ILE A CG2   1 
ATOM   185  C  CD1   . ILE A 1 26  ? -2.243  2.407   9.522   1.00 12.99 ? 23  ILE A CD1   1 
ATOM   186  N  N     . LYS A 1 27  ? -5.917  6.634   9.975   1.00 9.91  ? 24  LYS A N     1 
ATOM   187  C  CA    . LYS A 1 27  ? -7.067  7.356   10.529  1.00 11.39 ? 24  LYS A CA    1 
ATOM   188  C  C     . LYS A 1 27  ? -7.867  8.119   9.452   1.00 10.69 ? 24  LYS A C     1 
ATOM   189  O  O     . LYS A 1 27  ? -9.089  8.056   9.404   1.00 9.88  ? 24  LYS A O     1 
ATOM   190  C  CB    . LYS A 1 27  ? -6.601  8.340   11.624  1.00 14.29 ? 24  LYS A CB    1 
ATOM   191  C  CG    . LYS A 1 27  ? -6.071  7.646   12.861  1.00 20.38 ? 24  LYS A CG    1 
ATOM   192  C  CD    . LYS A 1 27  ? -6.341  8.440   14.148  1.00 28.21 ? 24  LYS A CD    1 
ATOM   193  C  CE    . LYS A 1 27  ? -6.232  7.540   15.380  1.00 32.73 ? 24  LYS A CE    1 
ATOM   194  N  NZ    . LYS A 1 27  ? -4.923  6.815   15.424  1.00 32.41 ? 24  LYS A NZ    1 
ATOM   195  N  N     . ILE A 1 28  ? -7.159  8.815   8.579   1.00 10.36 ? 25  ILE A N     1 
ATOM   196  C  CA    . ILE A 1 28  ? -7.799  9.597   7.512   1.00 10.25 ? 25  ILE A CA    1 
ATOM   197  C  C     . ILE A 1 28  ? -8.554  8.674   6.558   1.00 9.48  ? 25  ILE A C     1 
ATOM   198  O  O     . ILE A 1 28  ? -9.702  8.968   6.203   1.00 9.47  ? 25  ILE A O     1 
ATOM   199  C  CB    . ILE A 1 28  ? -6.777  10.462  6.755   1.00 10.44 ? 25  ILE A CB    1 
ATOM   200  C  CG1   . ILE A 1 28  ? -6.311  11.588  7.665   1.00 11.38 ? 25  ILE A CG1   1 
ATOM   201  C  CG2   . ILE A 1 28  ? -7.376  11.095  5.504   1.00 11.16 ? 25  ILE A CG2   1 
ATOM   202  C  CD1   . ILE A 1 28  ? -5.025  12.235  7.222   1.00 12.70 ? 25  ILE A CD1   1 
ATOM   203  N  N     . LEU A 1 29  ? -7.914  7.579   6.155   1.00 9.38  ? 26  LEU A N     1 
ATOM   204  C  CA    . LEU A 1 29  ? -8.561  6.601   5.255   1.00 9.44  ? 26  LEU A CA    1 
ATOM   205  C  C     . LEU A 1 29  ? -9.831  6.056   5.876   1.00 10.26 ? 26  LEU A C     1 
ATOM   206  O  O     . LEU A 1 29  ? -10.891 6.006   5.237   1.00 9.95  ? 26  LEU A O     1 
ATOM   207  C  CB    . LEU A 1 29  ? -7.617  5.456   4.927   1.00 9.56  ? 26  LEU A CB    1 
ATOM   208  C  CG    . LEU A 1 29  ? -6.545  5.870   3.911   1.00 9.68  ? 26  LEU A CG    1 
ATOM   209  C  CD1   . LEU A 1 29  ? -5.396  4.905   3.975   1.00 10.09 ? 26  LEU A CD1   1 
ATOM   210  C  CD2   . LEU A 1 29  ? -7.169  5.900   2.522   1.00 10.50 ? 26  LEU A CD2   1 
ATOM   211  N  N     . ASN A 1 30  ? -9.743  5.719   7.152   1.00 10.11 ? 27  ASN A N     1 
ATOM   212  C  CA    . ASN A 1 30  ? -10.910 5.186   7.855   1.00 11.96 ? 27  ASN A CA    1 
ATOM   213  C  C     . ASN A 1 30  ? -12.058 6.201   7.966   1.00 11.63 ? 27  ASN A C     1 
ATOM   214  O  O     . ASN A 1 30  ? -13.226 5.827   8.077   1.00 11.90 ? 27  ASN A O     1 
ATOM   215  C  CB    . ASN A 1 30  ? -10.505 4.670   9.244   1.00 12.44 ? 27  ASN A CB    1 
ATOM   216  C  CG    . ASN A 1 30  ? -11.597 3.834   9.876   1.00 13.89 ? 27  ASN A CG    1 
ATOM   217  O  OD1   . ASN A 1 30  ? -12.018 2.837   9.314   1.00 12.33 ? 27  ASN A OD1   1 
ATOM   218  N  ND2   . ASN A 1 30  ? -12.149 4.317   11.001  1.00 13.33 ? 27  ASN A ND2   1 
ATOM   219  N  N     . GLU A 1 31  ? -11.737 7.491   7.976   1.00 12.74 ? 28  GLU A N     1 
ATOM   220  C  CA    . GLU A 1 31  ? -12.752 8.553   8.144   1.00 14.28 ? 28  GLU A CA    1 
ATOM   221  C  C     . GLU A 1 31  ? -13.505 8.946   6.862   1.00 13.48 ? 28  GLU A C     1 
ATOM   222  O  O     . GLU A 1 31  ? -14.543 9.577   6.958   1.00 13.68 ? 28  GLU A O     1 
ATOM   223  C  CB    . GLU A 1 31  ? -12.124 9.791   8.798   1.00 16.55 ? 28  GLU A CB    1 
ATOM   224  C  CG    . GLU A 1 31  ? -11.854 9.557   10.267  1.00 21.10 ? 28  GLU A CG    1 
ATOM   225  C  CD    . GLU A 1 31  ? -11.064 10.676  10.953  1.00 26.74 ? 28  GLU A CD    1 
ATOM   226  O  OE1   . GLU A 1 31  ? -10.311 11.451  10.294  1.00 27.84 ? 28  GLU A OE1   1 
ATOM   227  O  OE2   . GLU A 1 31  ? -11.197 10.753  12.192  1.00 33.73 ? 28  GLU A OE2   1 
ATOM   228  N  N     . TYR A 1 32  ? -13.021 8.567   5.684   1.00 11.47 ? 29  TYR A N     1 
ATOM   229  C  CA    . TYR A 1 32  ? -13.756 8.809   4.451   1.00 11.42 ? 29  TYR A CA    1 
ATOM   230  C  C     . TYR A 1 32  ? -15.054 8.036   4.474   1.00 12.35 ? 29  TYR A C     1 
ATOM   231  O  O     . TYR A 1 32  ? -15.103 6.910   4.961   1.00 11.30 ? 29  TYR A O     1 
ATOM   232  C  CB    . TYR A 1 32  ? -12.982 8.338   3.214   1.00 11.77 ? 29  TYR A CB    1 
ATOM   233  C  CG    . TYR A 1 32  ? -11.770 9.175   2.912   1.00 13.01 ? 29  TYR A CG    1 
ATOM   234  C  CD1   . TYR A 1 32  ? -11.897 10.522  2.575   1.00 14.87 ? 29  TYR A CD1   1 
ATOM   235  C  CD2   . TYR A 1 32  ? -10.509 8.624   2.949   1.00 13.17 ? 29  TYR A CD2   1 
ATOM   236  C  CE1   . TYR A 1 32  ? -10.782 11.300  2.304   1.00 15.49 ? 29  TYR A CE1   1 
ATOM   237  C  CE2   . TYR A 1 32  ? -9.389  9.389   2.671   1.00 13.90 ? 29  TYR A CE2   1 
ATOM   238  C  CZ    . TYR A 1 32  ? -9.539  10.729  2.356   1.00 14.93 ? 29  TYR A CZ    1 
ATOM   239  O  OH    . TYR A 1 32  ? -8.440  11.503  2.090   1.00 17.53 ? 29  TYR A OH    1 
ATOM   240  N  N     . ASP A 1 33  ? -16.104 8.640   3.934   1.00 13.30 ? 30  ASP A N     1 
ATOM   241  C  CA    . ASP A 1 33  ? -17.372 7.942   3.759   1.00 15.99 ? 30  ASP A CA    1 
ATOM   242  C  C     . ASP A 1 33  ? -17.149 6.897   2.666   1.00 15.08 ? 30  ASP A C     1 
ATOM   243  O  O     . ASP A 1 33  ? -16.618 7.195   1.597   1.00 19.21 ? 30  ASP A O     1 
ATOM   244  C  CB    . ASP A 1 33  ? -18.476 8.900   3.332   1.00 20.68 ? 30  ASP A CB    1 
ATOM   245  C  CG    . ASP A 1 33  ? -18.803 9.929   4.391   1.00 26.70 ? 30  ASP A CG    1 
ATOM   246  O  OD1   . ASP A 1 33  ? -18.587 9.660   5.591   1.00 38.05 ? 30  ASP A OD1   1 
ATOM   247  O  OD2   . ASP A 1 33  ? -19.278 11.022  4.020   1.00 34.56 ? 30  ASP A OD2   1 
ATOM   248  N  N     . GLY A 1 34  ? -17.489 5.662   2.956   1.00 13.20 ? 31  GLY A N     1 
ATOM   249  C  CA    . GLY A 1 34  ? -17.299 4.591   1.977   1.00 12.05 ? 31  GLY A CA    1 
ATOM   250  C  C     . GLY A 1 34  ? -16.011 3.804   2.119   1.00 11.50 ? 31  GLY A C     1 
ATOM   251  O  O     . GLY A 1 34  ? -15.785 2.904   1.328   1.00 11.10 ? 31  GLY A O     1 
ATOM   252  N  N     . ILE A 1 35  ? -15.165 4.132   3.101   1.00 9.70  ? 32  ILE A N     1 
ATOM   253  C  CA    . ILE A 1 35  ? -13.975 3.284   3.414   1.00 10.26 ? 32  ILE A CA    1 
ATOM   254  C  C     . ILE A 1 35  ? -14.021 2.943   4.894   1.00 10.54 ? 32  ILE A C     1 
ATOM   255  O  O     . ILE A 1 35  ? -14.195 3.836   5.723   1.00 10.04 ? 32  ILE A O     1 
ATOM   256  C  CB    . ILE A 1 35  ? -12.645 3.992   3.119   1.00 10.07 ? 32  ILE A CB    1 
ATOM   257  C  CG1   . ILE A 1 35  ? -12.524 4.290   1.634   1.00 10.39 ? 32  ILE A CG1   1 
ATOM   258  C  CG2   . ILE A 1 35  ? -11.442 3.157   3.628   1.00 9.81  ? 32  ILE A CG2   1 
ATOM   259  C  CD1   . ILE A 1 35  ? -11.340 5.154   1.262   1.00 10.87 ? 32  ILE A CD1   1 
ATOM   260  N  N     . SER A 1 36  ? -13.819 1.673   5.216   1.00 10.61 ? 33  SER A N     1 
ATOM   261  C  CA    . SER A 1 36  ? -13.515 1.254   6.584   1.00 11.74 ? 33  SER A CA    1 
ATOM   262  C  C     . SER A 1 36  ? -12.256 0.436   6.598   1.00 9.98  ? 33  SER A C     1 
ATOM   263  O  O     . SER A 1 36  ? -12.147 -0.497  5.840   1.00 10.07 ? 33  SER A O     1 
ATOM   264  C  CB    . SER A 1 36  ? -14.634 0.394   7.144   1.00 12.49 ? 33  SER A CB    1 
ATOM   265  O  OG    . SER A 1 36  ? -15.789 1.182   7.271   1.00 18.45 ? 33  SER A OG    1 
ATOM   266  N  N     . VAL A 1 37  ? -11.306 0.778   7.449   1.00 9.20  ? 34  VAL A N     1 
ATOM   267  C  CA    . VAL A 1 37  ? -10.101 -0.006  7.592   1.00 8.69  ? 34  VAL A CA    1 
ATOM   268  C  C     . VAL A 1 37  ? -10.462 -1.226  8.443   1.00 9.07  ? 34  VAL A C     1 
ATOM   269  O  O     . VAL A 1 37  ? -10.944 -1.076  9.587   1.00 9.56  ? 34  VAL A O     1 
ATOM   270  C  CB    . VAL A 1 37  ? -8.996  0.804   8.263   1.00 9.41  ? 34  VAL A CB    1 
ATOM   271  C  CG1   . VAL A 1 37  ? -7.798  -0.089  8.614   1.00 9.94  ? 34  VAL A CG1   1 
ATOM   272  C  CG2   . VAL A 1 37  ? -8.555  1.948   7.348   1.00 10.33 ? 34  VAL A CG2   1 
ATOM   273  N  N     . SER A 1 38  ? -10.275 -2.417  7.893   1.00 7.92  ? 35  SER A N     1 
ATOM   274  C  CA    . SER A 1 38  ? -10.721 -3.648  8.541   1.00 8.32  ? 35  SER A CA    1 
ATOM   275  C  C     . SER A 1 38  ? -9.563  -4.557  9.054   1.00 8.27  ? 35  SER A C     1 
ATOM   276  O  O     . SER A 1 38  ? -9.831  -5.516  9.799   1.00 10.37 ? 35  SER A O     1 
ATOM   277  C  CB    . SER A 1 38  ? -11.621 -4.437  7.617   1.00 8.63  ? 35  SER A CB    1 
ATOM   278  O  OG    . SER A 1 38  ? -11.051 -4.680  6.355   1.00 8.63  ? 35  SER A OG    1 
ATOM   279  N  N     . ASN A 1 39  ? -8.347  -4.283  8.616   1.00 7.53  ? 36  ASN A N     1 
ATOM   280  C  CA    . ASN A 1 39  ? -7.157  -5.025  9.061   1.00 8.24  ? 36  ASN A CA    1 
ATOM   281  C  C     . ASN A 1 39  ? -5.907  -4.243  8.806   1.00 9.45  ? 36  ASN A C     1 
ATOM   282  O  O     . ASN A 1 39  ? -5.794  -3.560  7.788   1.00 9.02  ? 36  ASN A O     1 
ATOM   283  C  CB    . ASN A 1 39  ? -7.118  -6.435  8.420   1.00 7.94  ? 36  ASN A CB    1 
ATOM   284  C  CG    . ASN A 1 39  ? -6.489  -7.489  9.345   1.00 8.48  ? 36  ASN A CG    1 
ATOM   285  O  OD1   . ASN A 1 39  ? -6.233  -7.233  10.543  1.00 9.92  ? 36  ASN A OD1   1 
ATOM   286  N  ND2   . ASN A 1 39  ? -6.248  -8.676  8.790   1.00 8.41  ? 36  ASN A ND2   1 
ATOM   287  N  N     . ILE A 1 40  ? -4.956  -4.307  9.750   1.00 8.85  ? 37  ILE A N     1 
ATOM   288  C  CA    . ILE A 1 40  ? -3.691  -3.575  9.648   1.00 9.05  ? 37  ILE A CA    1 
ATOM   289  C  C     . ILE A 1 40  ? -2.521  -4.517  9.859   1.00 8.52  ? 37  ILE A C     1 
ATOM   290  O  O     . ILE A 1 40  ? -2.472  -5.228  10.874  1.00 8.03  ? 37  ILE A O     1 
ATOM   291  C  CB    . ILE A 1 40  ? -3.629  -2.480  10.743  1.00 10.79 ? 37  ILE A CB    1 
ATOM   292  C  CG1   . ILE A 1 40  ? -4.823  -1.536  10.614  1.00 11.61 ? 37  ILE A CG1   1 
ATOM   293  C  CG2   . ILE A 1 40  ? -2.335  -1.670  10.642  1.00 11.36 ? 37  ILE A CG2   1 
ATOM   294  C  CD1   . ILE A 1 40  ? -5.017  -0.656  11.806  1.00 11.95 ? 37  ILE A CD1   1 
ATOM   295  N  N     . SER A 1 41  ? -1.569  -4.493  8.936   1.00 7.93  ? 38  SER A N     1 
ATOM   296  C  CA    . SER A 1 41  ? -0.385  -5.342  9.072   1.00 7.74  ? 38  SER A CA    1 
ATOM   297  C  C     . SER A 1 41  ? 0.613   -4.738  10.057  1.00 7.80  ? 38  SER A C     1 
ATOM   298  O  O     . SER A 1 41  ? 0.521   -3.555  10.400  1.00 7.24  ? 38  SER A O     1 
ATOM   299  C  CB    . SER A 1 41  ? 0.304   -5.508  7.714   1.00 8.38  ? 38  SER A CB    1 
ATOM   300  O  OG    . SER A 1 41  ? 1.119   -4.364  7.382   1.00 7.61  ? 38  SER A OG    1 
ATOM   301  N  N     . PRO A 1 42  ? 1.614   -5.544  10.471  1.00 7.38  ? 39  PRO A N     1 
ATOM   302  C  CA    . PRO A 1 42  ? 2.795   -4.981  11.114  1.00 8.06  ? 39  PRO A CA    1 
ATOM   303  C  C     . PRO A 1 42  ? 3.532   -4.029  10.171  1.00 8.67  ? 39  PRO A C     1 
ATOM   304  O  O     . PRO A 1 42  ? 3.387   -4.102  8.934   1.00 7.93  ? 39  PRO A O     1 
ATOM   305  C  CB    . PRO A 1 42  ? 3.652   -6.213  11.429  1.00 7.82  ? 39  PRO A CB    1 
ATOM   306  C  CG    . PRO A 1 42  ? 2.724   -7.380  11.362  1.00 8.15  ? 39  PRO A CG    1 
ATOM   307  C  CD    . PRO A 1 42  ? 1.708   -7.011  10.335  1.00 7.56  ? 39  PRO A CD    1 
ATOM   308  N  N     . ILE A 1 43  ? 4.319   -3.144  10.795  1.00 8.84  ? 40  ILE A N     1 
ATOM   309  C  CA    . ILE A 1 43  ? 5.138   -2.185  10.079  1.00 10.34 ? 40  ILE A CA    1 
ATOM   310  C  C     . ILE A 1 43  ? 6.547   -2.766  9.925   1.00 9.20  ? 40  ILE A C     1 
ATOM   311  O  O     . ILE A 1 43  ? 7.109   -3.403  10.856  1.00 8.06  ? 40  ILE A O     1 
ATOM   312  C  CB    . ILE A 1 43  ? 5.223   -0.829  10.800  1.00 13.00 ? 40  ILE A CB    1 
ATOM   313  C  CG1   . ILE A 1 43  ? 3.842   -0.193  10.944  1.00 17.42 ? 40  ILE A CG1   1 
ATOM   314  C  CG2   . ILE A 1 43  ? 6.157   0.104   10.022  1.00 14.79 ? 40  ILE A CG2   1 
ATOM   315  C  CD1   . ILE A 1 43  ? 3.828   1.132   11.702  1.00 18.98 ? 40  ILE A CD1   1 
ATOM   316  N  N     . TYR A 1 44  ? 7.103   -2.549  8.746   1.00 8.51  ? 41  TYR A N     1 
ATOM   317  C  CA    . TYR A 1 44  ? 8.443   -3.008  8.400   1.00 8.24  ? 41  TYR A CA    1 
ATOM   318  C  C     . TYR A 1 44  ? 9.303   -1.817  8.010   1.00 8.18  ? 41  TYR A C     1 
ATOM   319  O  O     . TYR A 1 44  ? 8.784   -0.886  7.383   1.00 8.76  ? 41  TYR A O     1 
ATOM   320  C  CB    . TYR A 1 44  ? 8.386   -4.016  7.250   1.00 8.45  ? 41  TYR A CB    1 
ATOM   321  C  CG    . TYR A 1 44  ? 7.783   -5.327  7.660   1.00 8.15  ? 41  TYR A CG    1 
ATOM   322  C  CD1   . TYR A 1 44  ? 6.404   -5.502  7.647   1.00 8.41  ? 41  TYR A CD1   1 
ATOM   323  C  CD2   . TYR A 1 44  ? 8.573   -6.359  8.177   1.00 8.52  ? 41  TYR A CD2   1 
ATOM   324  C  CE1   . TYR A 1 44  ? 5.844   -6.686  8.073   1.00 8.82  ? 41  TYR A CE1   1 
ATOM   325  C  CE2   . TYR A 1 44  ? 7.998   -7.549  8.602   1.00 8.67  ? 41  TYR A CE2   1 
ATOM   326  C  CZ    . TYR A 1 44  ? 6.634   -7.695  8.548   1.00 8.91  ? 41  TYR A CZ    1 
ATOM   327  O  OH    . TYR A 1 44  ? 6.068   -8.865  8.989   1.00 9.34  ? 41  TYR A OH    1 
ATOM   328  N  N     . GLU A 1 45  ? 10.553  -1.806  8.451   1.00 8.29  ? 42  GLU A N     1 
ATOM   329  C  CA    . GLU A 1 45  ? 11.539  -0.860  7.928   1.00 8.93  ? 42  GLU A CA    1 
ATOM   330  C  C     . GLU A 1 45  ? 12.255  -1.529  6.750   1.00 8.67  ? 42  GLU A C     1 
ATOM   331  O  O     . GLU A 1 45  ? 12.738  -2.639  6.851   1.00 8.23  ? 42  GLU A O     1 
ATOM   332  C  CB    . GLU A 1 45  ? 12.534  -0.442  8.998   1.00 10.83 ? 42  GLU A CB    1 
ATOM   333  C  CG    . GLU A 1 45  ? 13.407  0.689   8.504   1.00 11.10 ? 42  GLU A CG    1 
ATOM   334  C  CD    . GLU A 1 45  ? 14.110  1.459   9.572   1.00 12.65 ? 42  GLU A CD    1 
ATOM   335  O  OE1   . GLU A 1 45  ? 14.690  0.819   10.478  1.00 14.16 ? 42  GLU A OE1   1 
ATOM   336  O  OE2   . GLU A 1 45  ? 14.108  2.687   9.478   1.00 11.72 ? 42  GLU A OE2   1 
ATOM   337  N  N     . THR A 1 46  ? 12.303  -0.835  5.621   1.00 8.77  ? 43  THR A N     1 
ATOM   338  C  CA    . THR A 1 46  ? 12.700  -1.435  4.339   1.00 9.33  ? 43  THR A CA    1 
ATOM   339  C  C     . THR A 1 46  ? 13.718  -0.521  3.656   1.00 9.38  ? 43  THR A C     1 
ATOM   340  O  O     . THR A 1 46  ? 13.587  0.723   3.635   1.00 10.33 ? 43  THR A O     1 
ATOM   341  C  CB    . THR A 1 46  ? 11.464  -1.698  3.473   1.00 8.96  ? 43  THR A CB    1 
ATOM   342  O  OG1   . THR A 1 46  ? 10.826  -0.461  3.192   1.00 9.37  ? 43  THR A OG1   1 
ATOM   343  C  CG2   . THR A 1 46  ? 10.435  -2.544  4.280   1.00 8.89  ? 43  THR A CG2   1 
ATOM   344  N  N     . ALA A 1 47  ? 14.761  -1.148  3.122   1.00 10.08 ? 44  ALA A N     1 
ATOM   345  C  CA    . ALA A 1 47  ? 15.764  -0.424  2.359   1.00 9.47  ? 44  ALA A CA    1 
ATOM   346  C  C     . ALA A 1 47  ? 15.067  0.128   1.089   1.00 8.81  ? 44  ALA A C     1 
ATOM   347  O  O     . ALA A 1 47  ? 14.229  -0.546  0.525   1.00 9.00  ? 44  ALA A O     1 
ATOM   348  C  CB    . ALA A 1 47  ? 16.917  -1.324  1.978   1.00 10.59 ? 44  ALA A CB    1 
ATOM   349  N  N     . PRO A 1 48  ? 15.396  1.342   0.667   1.00 9.41  ? 45  PRO A N     1 
ATOM   350  C  CA    . PRO A 1 48  ? 14.723  1.872   -0.528  1.00 9.19  ? 45  PRO A CA    1 
ATOM   351  C  C     . PRO A 1 48  ? 15.082  1.023   -1.762  1.00 9.63  ? 45  PRO A C     1 
ATOM   352  O  O     . PRO A 1 48  ? 16.256  0.654   -1.915  1.00 8.60  ? 45  PRO A O     1 
ATOM   353  C  CB    . PRO A 1 48  ? 15.340  3.279   -0.700  1.00 9.60  ? 45  PRO A CB    1 
ATOM   354  C  CG    . PRO A 1 48  ? 16.544  3.302   0.165   1.00 11.99 ? 45  PRO A CG    1 
ATOM   355  C  CD    . PRO A 1 48  ? 16.383  2.271   1.215   1.00 10.36 ? 45  PRO A CD    1 
ATOM   356  N  N     . VAL A 1 49  ? 14.080  0.767   -2.593  1.00 9.34  ? 46  VAL A N     1 
ATOM   357  C  CA    . VAL A 1 49  ? 14.162  -0.047  -3.825  1.00 9.79  ? 46  VAL A CA    1 
ATOM   358  C  C     . VAL A 1 49  ? 14.077  0.928   -5.000  1.00 10.47 ? 46  VAL A C     1 
ATOM   359  O  O     . VAL A 1 49  ? 13.261  1.850   -4.975  1.00 8.80  ? 46  VAL A O     1 
ATOM   360  C  CB    . VAL A 1 49  ? 13.056  -1.107  -3.885  1.00 11.19 ? 46  VAL A CB    1 
ATOM   361  C  CG1   . VAL A 1 49  ? 13.295  -2.049  -5.047  1.00 12.72 ? 46  VAL A CG1   1 
ATOM   362  C  CG2   . VAL A 1 49  ? 13.039  -1.944  -2.600  1.00 11.93 ? 46  VAL A CG2   1 
ATOM   363  N  N     . GLY A 1 50  ? 14.943  0.726   -5.988  1.00 10.63 ? 47  GLY A N     1 
ATOM   364  C  CA    . GLY A 1 50  ? 14.946  1.552   -7.192  1.00 11.62 ? 47  GLY A CA    1 
ATOM   365  C  C     . GLY A 1 50  ? 16.018  2.560   -6.999  1.00 11.67 ? 47  GLY A C     1 
ATOM   366  O  O     . GLY A 1 50  ? 17.207  2.246   -7.160  1.00 12.23 ? 47  GLY A O     1 
ATOM   367  N  N     . TYR A 1 51  ? 15.648  3.801   -6.643  1.00 10.64 ? 48  TYR A N     1 
ATOM   368  C  CA    . TYR A 1 51  ? 16.629  4.808   -6.306  1.00 11.32 ? 48  TYR A CA    1 
ATOM   369  C  C     . TYR A 1 51  ? 17.064  4.530   -4.878  1.00 12.15 ? 48  TYR A C     1 
ATOM   370  O  O     . TYR A 1 51  ? 16.307  4.749   -3.952  1.00 10.17 ? 48  TYR A O     1 
ATOM   371  C  CB    . TYR A 1 51  ? 16.036  6.210   -6.394  1.00 13.47 ? 48  TYR A CB    1 
ATOM   372  C  CG    . TYR A 1 51  ? 17.051  7.293   -6.162  1.00 16.03 ? 48  TYR A CG    1 
ATOM   373  C  CD1   . TYR A 1 51  ? 18.255  7.298   -6.856  1.00 16.93 ? 48  TYR A CD1   1 
ATOM   374  C  CD2   . TYR A 1 51  ? 16.835  8.288   -5.188  1.00 18.26 ? 48  TYR A CD2   1 
ATOM   375  C  CE1   . TYR A 1 51  ? 19.200  8.267   -6.636  1.00 21.23 ? 48  TYR A CE1   1 
ATOM   376  C  CE2   . TYR A 1 51  ? 17.786  9.268   -4.967  1.00 21.11 ? 48  TYR A CE2   1 
ATOM   377  C  CZ    . TYR A 1 51  ? 18.963  9.248   -5.707  1.00 21.30 ? 48  TYR A CZ    1 
ATOM   378  O  OH    . TYR A 1 51  ? 19.942  10.187  -5.535  1.00 28.51 ? 48  TYR A OH    1 
ATOM   379  N  N     . THR A 1 52  ? 18.255  3.972   -4.727  1.00 13.82 ? 49  THR A N     1 
ATOM   380  C  CA    . THR A 1 52  ? 18.625  3.431   -3.427  1.00 14.72 ? 49  THR A CA    1 
ATOM   381  C  C     . THR A 1 52  ? 19.228  4.523   -2.501  1.00 15.81 ? 49  THR A C     1 
ATOM   382  O  O     . THR A 1 52  ? 19.399  4.242   -1.306  1.00 20.26 ? 49  THR A O     1 
ATOM   383  C  CB    . THR A 1 52  ? 19.603  2.267   -3.554  1.00 14.25 ? 49  THR A CB    1 
ATOM   384  O  OG1   . THR A 1 52  ? 20.706  2.672   -4.357  1.00 14.56 ? 49  THR A OG1   1 
ATOM   385  C  CG2   . THR A 1 52  ? 18.946  1.028   -4.124  1.00 15.33 ? 49  THR A CG2   1 
ATOM   386  N  N     . GLU A 1 53  ? 19.535  5.724   -3.004  1.00 15.60 ? 50  GLU A N     1 
ATOM   387  C  CA    . GLU A 1 53  ? 20.226  6.773   -2.257  1.00 16.39 ? 50  GLU A CA    1 
ATOM   388  C  C     . GLU A 1 53  ? 19.279  7.849   -1.631  1.00 15.11 ? 50  GLU A C     1 
ATOM   389  O  O     . GLU A 1 53  ? 19.384  9.038   -1.829  1.00 15.78 ? 50  GLU A O     1 
ATOM   390  C  CB    . GLU A 1 53  ? 21.393  7.399   -3.075  1.00 21.04 ? 50  GLU A CB    1 
ATOM   391  C  CG    . GLU A 1 53  ? 22.281  6.381   -3.824  1.00 19.59 ? 50  GLU A CG    1 
ATOM   392  C  CD    . GLU A 1 53  ? 22.863  5.289   -2.922  1.00 22.64 ? 50  GLU A CD    1 
ATOM   393  O  OE1   . GLU A 1 53  ? 23.765  5.575   -2.103  1.00 23.52 ? 50  GLU A OE1   1 
ATOM   394  O  OE2   . GLU A 1 53  ? 22.453  4.122   -3.029  1.00 22.88 ? 50  GLU A OE2   1 
ATOM   395  N  N     . GLN A 1 54  ? 18.325  7.358   -0.852  1.00 12.23 ? 51  GLN A N     1 
ATOM   396  C  CA    . GLN A 1 54  ? 17.297  8.170   -0.224  1.00 10.43 ? 51  GLN A CA    1 
ATOM   397  C  C     . GLN A 1 54  ? 16.967  7.463   1.097   1.00 8.82  ? 51  GLN A C     1 
ATOM   398  O  O     . GLN A 1 54  ? 17.459  6.375   1.322   1.00 8.86  ? 51  GLN A O     1 
ATOM   399  C  CB    . GLN A 1 54  ? 16.047  8.238   -1.104  1.00 10.51 ? 51  GLN A CB    1 
ATOM   400  C  CG    . GLN A 1 54  ? 15.350  6.915   -1.359  1.00 10.13 ? 51  GLN A CG    1 
ATOM   401  C  CD    . GLN A 1 54  ? 14.047  7.063   -2.126  1.00 11.93 ? 51  GLN A CD    1 
ATOM   402  O  OE1   . GLN A 1 54  ? 13.175  7.856   -1.768  1.00 10.08 ? 51  GLN A OE1   1 
ATOM   403  N  NE2   . GLN A 1 54  ? 13.886  6.261   -3.152  1.00 11.55 ? 51  GLN A NE2   1 
ATOM   404  N  N     . PRO A 1 55  ? 16.075  8.039   1.936   1.00 8.18  ? 52  PRO A N     1 
ATOM   405  C  CA    . PRO A 1 55  ? 15.959  7.431   3.269   1.00 7.62  ? 52  PRO A CA    1 
ATOM   406  C  C     . PRO A 1 55  ? 15.219  6.089   3.275   1.00 7.92  ? 52  PRO A C     1 
ATOM   407  O  O     . PRO A 1 55  ? 14.420  5.808   2.386   1.00 7.67  ? 52  PRO A O     1 
ATOM   408  C  CB    . PRO A 1 55  ? 15.124  8.457   4.061   1.00 8.31  ? 52  PRO A CB    1 
ATOM   409  C  CG    . PRO A 1 55  ? 15.407  9.754   3.360   1.00 8.64  ? 52  PRO A CG    1 
ATOM   410  C  CD    . PRO A 1 55  ? 15.536  9.407   1.923   1.00 8.57  ? 52  PRO A CD    1 
ATOM   411  N  N     . ASN A 1 56  ? 15.520  5.301   4.289   1.00 7.54  ? 53  ASN A N     1 
ATOM   412  C  CA    . ASN A 1 56  ? 14.820  4.039   4.516   1.00 7.82  ? 53  ASN A CA    1 
ATOM   413  C  C     . ASN A 1 56  ? 13.352  4.286   4.726   1.00 7.66  ? 53  ASN A C     1 
ATOM   414  O  O     . ASN A 1 56  ? 12.968  5.244   5.373   1.00 6.83  ? 53  ASN A O     1 
ATOM   415  C  CB    . ASN A 1 56  ? 15.391  3.314   5.743   1.00 8.65  ? 53  ASN A CB    1 
ATOM   416  C  CG    . ASN A 1 56  ? 16.832  2.990   5.591   1.00 10.48 ? 53  ASN A CG    1 
ATOM   417  O  OD1   . ASN A 1 56  ? 17.245  2.503   4.540   1.00 12.51 ? 53  ASN A OD1   1 
ATOM   418  N  ND2   . ASN A 1 56  ? 17.630  3.282   6.619   1.00 9.99  ? 53  ASN A ND2   1 
ATOM   419  N  N     . PHE A 1 57  ? 12.517  3.372   4.227   1.00 6.88  ? 54  PHE A N     1 
ATOM   420  C  CA    . PHE A 1 57  ? 11.086  3.472   4.333   1.00 7.03  ? 54  PHE A CA    1 
ATOM   421  C  C     . PHE A 1 57  ? 10.545  2.726   5.563   1.00 7.28  ? 54  PHE A C     1 
ATOM   422  O  O     . PHE A 1 57  ? 11.146  1.771   6.022   1.00 7.23  ? 54  PHE A O     1 
ATOM   423  C  CB    . PHE A 1 57  ? 10.426  2.810   3.117   1.00 7.66  ? 54  PHE A CB    1 
ATOM   424  C  CG    . PHE A 1 57  ? 10.521  3.628   1.838   1.00 7.31  ? 54  PHE A CG    1 
ATOM   425  C  CD1   . PHE A 1 57  ? 11.721  3.683   1.102   1.00 8.08  ? 54  PHE A CD1   1 
ATOM   426  C  CD2   . PHE A 1 57  ? 9.421   4.347   1.359   1.00 8.48  ? 54  PHE A CD2   1 
ATOM   427  C  CE1   . PHE A 1 57  ? 11.787  4.438   -0.103  1.00 8.16  ? 54  PHE A CE1   1 
ATOM   428  C  CE2   . PHE A 1 57  ? 9.485   5.070   0.177   1.00 8.79  ? 54  PHE A CE2   1 
ATOM   429  C  CZ    . PHE A 1 57  ? 10.682  5.138   -0.546  1.00 8.55  ? 54  PHE A CZ    1 
ATOM   430  N  N     . LEU A 1 58  ? 9.396   3.161   6.021   1.00 6.71  ? 55  LEU A N     1 
ATOM   431  C  CA    . LEU A 1 58  ? 8.456   2.276   6.739   1.00 7.43  ? 55  LEU A CA    1 
ATOM   432  C  C     . LEU A 1 58  ? 7.365   1.921   5.744   1.00 7.81  ? 55  LEU A C     1 
ATOM   433  O  O     . LEU A 1 58  ? 6.873   2.770   4.992   1.00 8.67  ? 55  LEU A O     1 
ATOM   434  C  CB    . LEU A 1 58  ? 7.868   2.932   7.994   1.00 7.39  ? 55  LEU A CB    1 
ATOM   435  C  CG    . LEU A 1 58  ? 8.849   3.321   9.082   1.00 7.29  ? 55  LEU A CG    1 
ATOM   436  C  CD1   . LEU A 1 58  ? 8.100   3.749   10.327  1.00 7.82  ? 55  LEU A CD1   1 
ATOM   437  C  CD2   . LEU A 1 58  ? 9.815   2.188   9.351   1.00 7.34  ? 55  LEU A CD2   1 
ATOM   438  N  N     . ASN A 1 59  ? 6.991   0.651   5.739   1.00 8.38  ? 56  ASN A N     1 
ATOM   439  C  CA    . ASN A 1 59  ? 5.931   0.140   4.877   1.00 7.54  ? 56  ASN A CA    1 
ATOM   440  C  C     . ASN A 1 59  ? 5.002   -0.754  5.679   1.00 7.86  ? 56  ASN A C     1 
ATOM   441  O  O     . ASN A 1 59  ? 5.436   -1.466  6.593   1.00 7.39  ? 56  ASN A O     1 
ATOM   442  C  CB    . ASN A 1 59  ? 6.498   -0.724  3.706   1.00 8.32  ? 56  ASN A CB    1 
ATOM   443  C  CG    . ASN A 1 59  ? 7.121   0.100   2.583   1.00 7.98  ? 56  ASN A CG    1 
ATOM   444  O  OD1   . ASN A 1 59  ? 8.339   0.076   2.387   1.00 7.90  ? 56  ASN A OD1   1 
ATOM   445  N  ND2   . ASN A 1 59  ? 6.310   0.812   1.837   1.00 9.26  ? 56  ASN A ND2   1 
ATOM   446  N  N     . LEU A 1 60  ? 3.735   -0.737  5.293   1.00 7.86  ? 57  LEU A N     1 
ATOM   447  C  CA    . LEU A 1 60  ? 2.720   -1.657  5.815   1.00 9.42  ? 57  LEU A CA    1 
ATOM   448  C  C     . LEU A 1 60  ? 1.646   -1.839  4.775   1.00 9.39  ? 57  LEU A C     1 
ATOM   449  O  O     . LEU A 1 60  ? 1.669   -1.198  3.713   1.00 8.85  ? 57  LEU A O     1 
ATOM   450  C  CB    . LEU A 1 60  ? 2.137   -1.164  7.145   1.00 10.64 ? 57  LEU A CB    1 
ATOM   451  C  CG    . LEU A 1 60  ? 1.453   0.201   7.146   1.00 13.77 ? 57  LEU A CG    1 
ATOM   452  C  CD1   . LEU A 1 60  ? 0.073   0.155   6.519   1.00 17.02 ? 57  LEU A CD1   1 
ATOM   453  C  CD2   . LEU A 1 60  ? 1.328   0.778   8.540   1.00 21.72 ? 57  LEU A CD2   1 
ATOM   454  N  N     . CYS A 1 61  ? 0.708   -2.716  5.071   1.00 9.03  ? 58  CYS A N     1 
ATOM   455  C  CA    . CYS A 1 61  ? -0.474  -2.906  4.235   1.00 9.24  ? 58  CYS A CA    1 
ATOM   456  C  C     . CYS A 1 61  ? -1.699  -2.840  5.121   1.00 8.50  ? 58  CYS A C     1 
ATOM   457  O  O     . CYS A 1 61  ? -1.668  -3.211  6.304   1.00 8.01  ? 58  CYS A O     1 
ATOM   458  C  CB    . CYS A 1 61  ? -0.451  -4.279  3.525   1.00 9.93  ? 58  CYS A CB    1 
ATOM   459  S  SG    . CYS A 1 61  ? 0.897   -4.472  2.344   1.00 11.38 ? 58  CYS A SG    1 
ATOM   460  N  N     . VAL A 1 62  ? -2.801  -2.373  4.539   1.00 9.02  ? 59  VAL A N     1 
ATOM   461  C  CA    . VAL A 1 62  ? -4.077  -2.370  5.224   1.00 9.49  ? 59  VAL A CA    1 
ATOM   462  C  C     . VAL A 1 62  ? -5.126  -3.043  4.323   1.00 9.09  ? 59  VAL A C     1 
ATOM   463  O  O     . VAL A 1 62  ? -5.073  -2.958  3.098   1.00 9.44  ? 59  VAL A O     1 
ATOM   464  C  CB    . VAL A 1 62  ? -4.578  -0.973  5.685   1.00 11.38 ? 59  VAL A CB    1 
ATOM   465  C  CG1   . VAL A 1 62  ? -3.585  -0.365  6.665   1.00 12.21 ? 59  VAL A CG1   1 
ATOM   466  C  CG2   . VAL A 1 62  ? -4.825  -0.079  4.524   1.00 11.60 ? 59  VAL A CG2   1 
ATOM   467  N  N     . GLU A 1 63  ? -6.060  -3.729  4.974   1.00 8.30  ? 60  GLU A N     1 
ATOM   468  C  CA    . GLU A 1 63  ? -7.292  -4.164  4.342   1.00 8.07  ? 60  GLU A CA    1 
ATOM   469  C  C     . GLU A 1 63  ? -8.365  -3.120  4.576   1.00 8.28  ? 60  GLU A C     1 
ATOM   470  O  O     . GLU A 1 63  ? -8.514  -2.596  5.663   1.00 8.36  ? 60  GLU A O     1 
ATOM   471  C  CB    . GLU A 1 63  ? -7.773  -5.487  4.969   1.00 8.24  ? 60  GLU A CB    1 
ATOM   472  C  CG    . GLU A 1 63  ? -8.968  -6.152  4.331   1.00 8.45  ? 60  GLU A CG    1 
ATOM   473  C  CD    . GLU A 1 63  ? -9.412  -7.348  5.155   1.00 9.78  ? 60  GLU A CD    1 
ATOM   474  O  OE1   . GLU A 1 63  ? -10.117 -7.130  6.140   1.00 10.76 ? 60  GLU A OE1   1 
ATOM   475  O  OE2   . GLU A 1 63  ? -9.002  -8.476  4.824   1.00 10.19 ? 60  GLU A OE2   1 
ATOM   476  N  N     . ILE A 1 64  ? -9.114  -2.819  3.536   1.00 7.32  ? 61  ILE A N     1 
ATOM   477  C  CA    . ILE A 1 64  ? -10.285 -1.997  3.684   1.00 7.65  ? 61  ILE A CA    1 
ATOM   478  C  C     . ILE A 1 64  ? -11.522 -2.690  3.136   1.00 7.71  ? 61  ILE A C     1 
ATOM   479  O  O     . ILE A 1 64  ? -11.438 -3.572  2.279   1.00 7.43  ? 61  ILE A O     1 
ATOM   480  C  CB    . ILE A 1 64  ? -10.134 -0.629  2.976   1.00 7.61  ? 61  ILE A CB    1 
ATOM   481  C  CG1   . ILE A 1 64  ? -10.000 -0.791  1.446   1.00 8.12  ? 61  ILE A CG1   1 
ATOM   482  C  CG2   . ILE A 1 64  ? -8.973  0.147   3.592   1.00 8.47  ? 61  ILE A CG2   1 
ATOM   483  C  CD1   . ILE A 1 64  ? -9.966  0.576   0.765   1.00 8.68  ? 61  ILE A CD1   1 
ATOM   484  N  N     . GLN A 1 65  ? -12.672 -2.253  3.632   1.00 8.46  ? 62  GLN A N     1 
ATOM   485  C  CA    . GLN A 1 65  ? -13.969 -2.582  3.062   1.00 9.15  ? 62  GLN A CA    1 
ATOM   486  C  C     . GLN A 1 65  ? -14.497 -1.277  2.472   1.00 9.55  ? 62  GLN A C     1 
ATOM   487  O  O     . GLN A 1 65  ? -14.553 -0.255  3.158   1.00 9.70  ? 62  GLN A O     1 
ATOM   488  C  CB    . GLN A 1 65  ? -14.905 -3.101  4.134   1.00 10.15 ? 62  GLN A CB    1 
ATOM   489  C  CG    . GLN A 1 65  ? -14.387 -4.291  4.929   1.00 10.80 ? 62  GLN A CG    1 
ATOM   490  C  CD    . GLN A 1 65  ? -14.031 -5.480  4.075   1.00 13.24 ? 62  GLN A CD    1 
ATOM   491  O  OE1   . GLN A 1 65  ? -14.754 -5.838  3.128   1.00 14.82 ? 62  GLN A OE1   1 
ATOM   492  N  NE2   . GLN A 1 65  ? -12.903 -6.104  4.380   1.00 14.62 ? 62  GLN A NE2   1 
ATOM   493  N  N     . THR A 1 66  ? -14.906 -1.290  1.204   1.00 9.26  ? 63  THR A N     1 
ATOM   494  C  CA    . THR A 1 66  ? -15.235 -0.028  0.558   1.00 8.83  ? 63  THR A CA    1 
ATOM   495  C  C     . THR A 1 66  ? -16.449 -0.180  -0.357  1.00 8.61  ? 63  THR A C     1 
ATOM   496  O  O     . THR A 1 66  ? -16.683 -1.240  -0.941  1.00 7.78  ? 63  THR A O     1 
ATOM   497  C  CB    . THR A 1 66  ? -14.013 0.578   -0.209  1.00 9.07  ? 63  THR A CB    1 
ATOM   498  O  OG1   . THR A 1 66  ? -14.350 1.882   -0.674  1.00 9.75  ? 63  THR A OG1   1 
ATOM   499  C  CG2   . THR A 1 66  ? -13.616 -0.228  -1.383  1.00 8.95  ? 63  THR A CG2   1 
ATOM   500  N  N     . THR A 1 67  ? -17.223 0.898   -0.424  1.00 8.79  ? 64  THR A N     1 
ATOM   501  C  CA    . THR A 1 67  ? -18.304 1.033   -1.390  1.00 9.37  ? 64  THR A CA    1 
ATOM   502  C  C     . THR A 1 67  ? -17.892 1.971   -2.542  1.00 9.73  ? 64  THR A C     1 
ATOM   503  O  O     . THR A 1 67  ? -18.725 2.264   -3.434  1.00 10.01 ? 64  THR A O     1 
ATOM   504  C  CB    . THR A 1 67  ? -19.572 1.582   -0.715  1.00 10.14 ? 64  THR A CB    1 
ATOM   505  O  OG1   . THR A 1 67  ? -19.277 2.859   -0.121  1.00 10.22 ? 64  THR A OG1   1 
ATOM   506  C  CG2   . THR A 1 67  ? -20.112 0.619   0.354   1.00 9.95  ? 64  THR A CG2   1 
ATOM   507  N  N     . LEU A 1 68  ? -16.648 2.452   -2.541  1.00 9.24  ? 65  LEU A N     1 
ATOM   508  C  CA    . LEU A 1 68  ? -16.180 3.364   -3.568  1.00 9.63  ? 65  LEU A CA    1 
ATOM   509  C  C     . LEU A 1 68  ? -15.817 2.543   -4.798  1.00 10.00 ? 65  LEU A C     1 
ATOM   510  O  O     . LEU A 1 68  ? -15.374 1.369   -4.681  1.00 9.65  ? 65  LEU A O     1 
ATOM   511  C  CB    . LEU A 1 68  ? -14.965 4.142   -3.099  1.00 11.11 ? 65  LEU A CB    1 
ATOM   512  C  CG    . LEU A 1 68  ? -15.237 5.019   -1.863  1.00 11.21 ? 65  LEU A CG    1 
ATOM   513  C  CD1   . LEU A 1 68  ? -13.943 5.689   -1.465  1.00 12.14 ? 65  LEU A CD1   1 
ATOM   514  C  CD2   . LEU A 1 68  ? -16.374 6.000   -2.137  1.00 13.01 ? 65  LEU A CD2   1 
ATOM   515  N  N     . THR A 1 69  ? -15.968 3.183   -5.950  1.00 9.04  ? 66  THR A N     1 
ATOM   516  C  CA    . THR A 1 69  ? -15.403 2.670   -7.193  1.00 9.51  ? 66  THR A CA    1 
ATOM   517  C  C     . THR A 1 69  ? -13.895 2.695   -7.115  1.00 9.17  ? 66  THR A C     1 
ATOM   518  O  O     . THR A 1 69  ? -13.326 3.374   -6.260  1.00 8.13  ? 66  THR A O     1 
ATOM   519  C  CB    . THR A 1 69  ? -15.838 3.481   -8.427  1.00 9.94  ? 66  THR A CB    1 
ATOM   520  O  OG1   . THR A 1 69  ? -15.157 4.743   -8.430  1.00 9.47  ? 66  THR A OG1   1 
ATOM   521  C  CG2   . THR A 1 69  ? -17.349 3.651   -8.454  1.00 10.11 ? 66  THR A CG2   1 
ATOM   522  N  N     . VAL A 1 70  ? -13.224 1.955   -7.995  1.00 8.79  ? 67  VAL A N     1 
ATOM   523  C  CA    . VAL A 1 70  ? -11.768 1.945   -7.972  1.00 10.09 ? 67  VAL A CA    1 
ATOM   524  C  C     . VAL A 1 70  ? -11.159 3.341   -8.253  1.00 10.40 ? 67  VAL A C     1 
ATOM   525  O  O     . VAL A 1 70  ? -10.131 3.719   -7.659  1.00 10.76 ? 67  VAL A O     1 
ATOM   526  C  CB    . VAL A 1 70  ? -11.167 0.811   -8.871  1.00 10.10 ? 67  VAL A CB    1 
ATOM   527  C  CG1   . VAL A 1 70  ? -11.257 1.171   -10.347 1.00 11.07 ? 67  VAL A CG1   1 
ATOM   528  C  CG2   . VAL A 1 70  ? -9.729  0.488   -8.451  1.00 10.64 ? 67  VAL A CG2   1 
ATOM   529  N  N     . LEU A 1 71  ? -11.818 4.126   -9.115  1.00 9.94  ? 68  LEU A N     1 
ATOM   530  C  CA    . LEU A 1 71  ? -11.363 5.469   -9.408  1.00 11.09 ? 68  LEU A CA    1 
ATOM   531  C  C     . LEU A 1 71  ? -11.583 6.409   -8.209  1.00 10.74 ? 68  LEU A C     1 
ATOM   532  O  O     . LEU A 1 71  ? -10.700 7.234   -7.907  1.00 10.65 ? 68  LEU A O     1 
ATOM   533  C  CB    . LEU A 1 71  ? -12.041 6.023   -10.666 1.00 12.51 ? 68  LEU A CB    1 
ATOM   534  C  CG    . LEU A 1 71  ? -11.795 5.290   -12.006 1.00 14.76 ? 68  LEU A CG    1 
ATOM   535  C  CD1   . LEU A 1 71  ? -12.678 5.846   -13.112 1.00 14.79 ? 68  LEU A CD1   1 
ATOM   536  C  CD2   . LEU A 1 71  ? -10.325 5.412   -12.383 1.00 17.14 ? 68  LEU A CD2   1 
ATOM   537  N  N     . GLN A 1 72  ? -12.728 6.263   -7.529  1.00 10.30 ? 69  GLN A N     1 
ATOM   538  C  CA    . GLN A 1 72  ? -12.989 7.038   -6.291  1.00 9.90  ? 69  GLN A CA    1 
ATOM   539  C  C     . GLN A 1 72  ? -12.005 6.679   -5.202  1.00 9.93  ? 69  GLN A C     1 
ATOM   540  O  O     . GLN A 1 72  ? -11.522 7.564   -4.498  1.00 9.02  ? 69  GLN A O     1 
ATOM   541  C  CB    . GLN A 1 72  ? -14.393 6.827   -5.774  1.00 10.39 ? 69  GLN A CB    1 
ATOM   542  C  CG    . GLN A 1 72  ? -15.504 7.377   -6.658  1.00 10.82 ? 69  GLN A CG    1 
ATOM   543  C  CD    . GLN A 1 72  ? -16.876 6.949   -6.184  1.00 11.04 ? 69  GLN A CD    1 
ATOM   544  O  OE1   . GLN A 1 72  ? -17.094 5.853   -5.688  1.00 9.69  ? 69  GLN A OE1   1 
ATOM   545  N  NE2   . GLN A 1 72  ? -17.821 7.824   -6.357  1.00 14.37 ? 69  GLN A NE2   1 
ATOM   546  N  N     . LEU A 1 73  ? -11.705 5.381   -5.071  1.00 9.31  ? 70  LEU A N     1 
ATOM   547  C  CA    . LEU A 1 73  ? -10.681 4.924   -4.153  1.00 8.92  ? 70  LEU A CA    1 
ATOM   548  C  C     . LEU A 1 73  ? -9.341  5.542   -4.453  1.00 9.08  ? 70  LEU A C     1 
ATOM   549  O  O     . LEU A 1 73  ? -8.680  6.017   -3.526  1.00 10.00 ? 70  LEU A O     1 
ATOM   550  C  CB    . LEU A 1 73  ? -10.609 3.382   -4.143  1.00 9.24  ? 70  LEU A CB    1 
ATOM   551  C  CG    . LEU A 1 73  ? -9.558  2.799   -3.200  1.00 10.27 ? 70  LEU A CG    1 
ATOM   552  C  CD1   . LEU A 1 73  ? -9.821  3.200   -1.757  1.00 11.39 ? 70  LEU A CD1   1 
ATOM   553  C  CD2   . LEU A 1 73  ? -9.546  1.290   -3.374  1.00 10.92 ? 70  LEU A CD2   1 
ATOM   554  N  N     . LEU A 1 74  ? -8.912  5.569   -5.714  1.00 9.24  ? 71  LEU A N     1 
ATOM   555  C  CA    . LEU A 1 74  ? -7.661  6.212   -6.090  1.00 10.34 ? 71  LEU A CA    1 
ATOM   556  C  C     . LEU A 1 74  ? -7.644  7.694   -5.685  1.00 9.83  ? 71  LEU A C     1 
ATOM   557  O  O     . LEU A 1 74  ? -6.651  8.158   -5.128  1.00 11.26 ? 71  LEU A O     1 
ATOM   558  C  CB    . LEU A 1 74  ? -7.367  6.113   -7.595  1.00 10.94 ? 71  LEU A CB    1 
ATOM   559  C  CG    . LEU A 1 74  ? -6.021  6.785   -8.012  1.00 11.23 ? 71  LEU A CG    1 
ATOM   560  C  CD1   . LEU A 1 74  ? -4.822  6.061   -7.422  1.00 12.56 ? 71  LEU A CD1   1 
ATOM   561  C  CD2   . LEU A 1 74  ? -5.952  6.856   -9.546  1.00 12.02 ? 71  LEU A CD2   1 
ATOM   562  N  N     . GLU A 1 75  ? -8.749  8.403   -5.920  1.00 9.93  ? 72  GLU A N     1 
ATOM   563  C  CA    . GLU A 1 75  ? -8.857  9.809   -5.508  1.00 11.14 ? 72  GLU A CA    1 
ATOM   564  C  C     . GLU A 1 75  ? -8.659  9.928   -3.998  1.00 10.49 ? 72  GLU A C     1 
ATOM   565  O  O     . GLU A 1 75  ? -7.903  10.828  -3.538  1.00 10.68 ? 72  GLU A O     1 
ATOM   566  C  CB    . GLU A 1 75  ? -10.217 10.422  -5.890  1.00 13.70 ? 72  GLU A CB    1 
ATOM   567  C  CG    . GLU A 1 75  ? -10.504 10.552  -7.365  1.00 18.46 ? 72  GLU A CG    1 
ATOM   568  C  CD    . GLU A 1 75  ? -12.018 10.781  -7.620  1.00 23.05 ? 72  GLU A CD    1 
ATOM   569  O  OE1   . GLU A 1 75  ? -12.635 11.562  -6.853  1.00 27.81 ? 72  GLU A OE1   1 
ATOM   570  O  OE2   . GLU A 1 75  ? -12.611 10.156  -8.546  1.00 31.05 ? 72  GLU A OE2   1 
ATOM   571  N  N     . CYS A 1 76  ? -9.275  9.037   -3.223  1.00 9.41  ? 73  CYS A N     1 
ATOM   572  C  CA    . CYS A 1 76  ? -9.104  9.079   -1.765  1.00 10.70 ? 73  CYS A CA    1 
ATOM   573  C  C     . CYS A 1 76  ? -7.651  8.833   -1.342  1.00 10.59 ? 73  CYS A C     1 
ATOM   574  O  O     . CYS A 1 76  ? -7.178  9.473   -0.409  1.00 9.72  ? 73  CYS A O     1 
ATOM   575  C  CB    . CYS A 1 76  ? -10.039 8.123   -1.037  1.00 11.40 ? 73  CYS A CB    1 
ATOM   576  S  SG    . CYS A 1 76  ? -11.768 8.598   -1.146  1.00 15.38 ? 73  CYS A SG    1 
ATOM   577  N  N     . CYS A 1 77  ? -6.977  7.879   -1.990  1.00 10.63 ? 74  CYS A N     1 
ATOM   578  C  CA    . CYS A 1 77  ? -5.582  7.593   -1.709  1.00 10.39 ? 74  CYS A CA    1 
ATOM   579  C  C     . CYS A 1 77  ? -4.694  8.816   -1.962  1.00 10.27 ? 74  CYS A C     1 
ATOM   580  O  O     . CYS A 1 77  ? -3.839  9.183   -1.123  1.00 9.83  ? 74  CYS A O     1 
ATOM   581  C  CB    . CYS A 1 77  ? -5.105  6.429   -2.550  1.00 13.02 ? 74  CYS A CB    1 
ATOM   582  S  SG    . CYS A 1 77  ? -5.858  4.825   -2.132  1.00 13.33 ? 74  CYS A SG    1 
ATOM   583  N  N     . LEU A 1 78  ? -4.895  9.451   -3.113  1.00 9.58  ? 75  LEU A N     1 
ATOM   584  C  CA    . LEU A 1 78  ? -4.147  10.655  -3.482  1.00 10.49 ? 75  LEU A CA    1 
ATOM   585  C  C     . LEU A 1 78  ? -4.441  11.828  -2.560  1.00 9.70  ? 75  LEU A C     1 
ATOM   586  O  O     . LEU A 1 78  ? -3.520  12.576  -2.187  1.00 10.17 ? 75  LEU A O     1 
ATOM   587  C  CB    . LEU A 1 78  ? -4.399  11.029  -4.942  1.00 11.87 ? 75  LEU A CB    1 
ATOM   588  C  CG    . LEU A 1 78  ? -3.959  9.969   -5.943  1.00 13.86 ? 75  LEU A CG    1 
ATOM   589  C  CD1   . LEU A 1 78  ? -4.222  10.433  -7.362  1.00 14.59 ? 75  LEU A CD1   1 
ATOM   590  C  CD2   . LEU A 1 78  ? -2.530  9.519   -5.756  1.00 17.15 ? 75  LEU A CD2   1 
ATOM   591  N  N     . LYS A 1 79  ? -5.704  11.993  -2.176  1.00 9.26  ? 76  LYS A N     1 
ATOM   592  C  CA    . LYS A 1 79  ? -6.074  13.056  -1.254  1.00 10.92 ? 76  LYS A CA    1 
ATOM   593  C  C     . LYS A 1 79  ? -5.400  12.854  0.100   1.00 8.73  ? 76  LYS A C     1 
ATOM   594  O  O     . LYS A 1 79  ? -4.994  13.831  0.723   1.00 8.71  ? 76  LYS A O     1 
ATOM   595  C  CB    . LYS A 1 79  ? -7.600  13.138  -1.054  1.00 12.51 ? 76  LYS A CB    1 
ATOM   596  C  CG    . LYS A 1 79  ? -8.048  14.217  -0.057  1.00 18.34 ? 76  LYS A CG    1 
ATOM   597  C  CD    . LYS A 1 79  ? -8.006  15.610  -0.672  1.00 24.34 ? 76  LYS A CD    1 
ATOM   598  C  CE    . LYS A 1 79  ? -8.165  16.737  0.357   1.00 30.85 ? 76  LYS A CE    1 
ATOM   599  N  NZ    . LYS A 1 79  ? -6.865  17.017  1.058   1.00 34.62 ? 76  LYS A NZ    1 
ATOM   600  N  N     . THR A 1 80  ? -5.312  11.621  0.552   1.00 8.20  ? 77  THR A N     1 
ATOM   601  C  CA    . THR A 1 80  ? -4.639  11.308  1.819   1.00 8.37  ? 77  THR A CA    1 
ATOM   602  C  C     . THR A 1 80  ? -3.139  11.695  1.767   1.00 8.22  ? 77  THR A C     1 
ATOM   603  O  O     . THR A 1 80  ? -2.592  12.304  2.691   1.00 8.43  ? 77  THR A O     1 
ATOM   604  C  CB    . THR A 1 80  ? -4.818  9.823   2.193   1.00 9.41  ? 77  THR A CB    1 
ATOM   605  O  OG1   . THR A 1 80  ? -6.220  9.517   2.196   1.00 10.12 ? 77  THR A OG1   1 
ATOM   606  C  CG2   . THR A 1 80  ? -4.239  9.531   3.565   1.00 9.66  ? 77  THR A CG2   1 
ATOM   607  N  N     . GLU A 1 81  ? -2.487  11.413  0.649   1.00 7.48  ? 78  GLU A N     1 
ATOM   608  C  CA    . GLU A 1 81  ? -1.093  11.916  0.485   1.00 8.18  ? 78  GLU A CA    1 
ATOM   609  C  C     . GLU A 1 81  ? -1.017  13.427  0.581   1.00 8.49  ? 78  GLU A C     1 
ATOM   610  O  O     . GLU A 1 81  ? -0.103  13.988  1.244   1.00 8.06  ? 78  GLU A O     1 
ATOM   611  C  CB    . GLU A 1 81  ? -0.533  11.440  -0.868  1.00 8.03  ? 78  GLU A CB    1 
ATOM   612  C  CG    . GLU A 1 81  ? -0.444  9.957   -1.040  1.00 8.48  ? 78  GLU A CG    1 
ATOM   613  C  CD    . GLU A 1 81  ? 0.015   9.556   -2.411  1.00 9.11  ? 78  GLU A CD    1 
ATOM   614  O  OE1   . GLU A 1 81  ? 0.241   10.463  -3.259  1.00 10.87 ? 78  GLU A OE1   1 
ATOM   615  O  OE2   . GLU A 1 81  ? 0.183   8.339   -2.639  1.00 10.59 ? 78  GLU A OE2   1 
ATOM   616  N  N     . GLU A 1 82  ? -1.981  14.131  -0.033  1.00 9.79  ? 79  GLU A N     1 
ATOM   617  C  CA    . GLU A 1 82  ? -2.021  15.601  0.079   1.00 11.37 ? 79  GLU A CA    1 
ATOM   618  C  C     . GLU A 1 82  ? -2.243  16.064  1.514   1.00 10.97 ? 79  GLU A C     1 
ATOM   619  O  O     . GLU A 1 82  ? -1.645  17.036  1.928   1.00 9.30  ? 79  GLU A O     1 
ATOM   620  C  CB    . GLU A 1 82  ? -3.121  16.182  -0.790  1.00 15.27 ? 79  GLU A CB    1 
ATOM   621  C  CG    . GLU A 1 82  ? -2.868  16.007  -2.264  1.00 20.10 ? 79  GLU A CG    1 
ATOM   622  C  CD    . GLU A 1 82  ? -4.015  16.523  -3.136  1.00 26.82 ? 79  GLU A CD    1 
ATOM   623  O  OE1   . GLU A 1 82  ? -4.846  17.365  -2.688  1.00 33.43 ? 79  GLU A OE1   1 
ATOM   624  O  OE2   . GLU A 1 82  ? -4.068  16.067  -4.294  1.00 37.28 ? 79  GLU A OE2   1 
HETATM 625  N  N     . CSO A 1 83  ? -3.130  15.389  2.251   1.00 10.47 ? 80  CSO A N     1 
HETATM 626  C  CA    . CSO A 1 83  ? -3.334  15.659  3.685   1.00 12.42 ? 80  CSO A CA    1 
HETATM 627  C  CB    . CSO A 1 83  ? -4.374  14.764  4.339   1.00 14.30 ? 80  CSO A CB    1 
HETATM 628  S  SG    . CSO A 1 83  ? -5.936  15.012  3.565   1.00 19.40 ? 80  CSO A SG    1 
HETATM 629  C  C     . CSO A 1 83  ? -2.069  15.505  4.503   1.00 11.43 ? 80  CSO A C     1 
HETATM 630  O  O     . CSO A 1 83  ? -1.865  16.253  5.460   1.00 11.37 ? 80  CSO A O     1 
HETATM 631  O  OD    . CSO A 1 83  ? -6.429  16.603  4.161   1.00 22.01 ? 80  CSO A OD    1 
ATOM   632  N  N     . LEU A 1 84  ? -1.193  14.585  4.112   1.00 10.53 ? 81  LEU A N     1 
ATOM   633  C  CA    . LEU A 1 84  ? 0.093   14.352  4.806   1.00 11.22 ? 81  LEU A CA    1 
ATOM   634  C  C     . LEU A 1 84  ? 1.234   15.118  4.141   1.00 10.95 ? 81  LEU A C     1 
ATOM   635  O  O     . LEU A 1 84  ? 2.406   14.821  4.391   1.00 11.86 ? 81  LEU A O     1 
ATOM   636  C  CB    . LEU A 1 84  ? 0.406   12.855  4.887   1.00 12.88 ? 81  LEU A CB    1 
ATOM   637  C  CG    . LEU A 1 84  ? -0.067  12.064  6.106   1.00 14.56 ? 81  LEU A CG    1 
ATOM   638  C  CD1   . LEU A 1 84  ? 0.460   12.694  7.392   1.00 15.82 ? 81  LEU A CD1   1 
ATOM   639  C  CD2   . LEU A 1 84  ? -1.588  11.959  6.124   1.00 14.57 ? 81  LEU A CD2   1 
ATOM   640  N  N     . HIS A 1 85  ? 0.905   16.146  3.373   1.00 10.14 ? 82  HIS A N     1 
ATOM   641  C  CA    . HIS A 1 85  ? 1.872   17.094  2.853   1.00 11.58 ? 82  HIS A CA    1 
ATOM   642  C  C     . HIS A 1 85  ? 2.927   16.484  1.952   1.00 10.30 ? 82  HIS A C     1 
ATOM   643  O  O     . HIS A 1 85  ? 4.085   16.912  1.968   1.00 9.97  ? 82  HIS A O     1 
ATOM   644  C  CB    . HIS A 1 85  ? 2.536   17.900  3.990   1.00 14.12 ? 82  HIS A CB    1 
ATOM   645  C  CG    . HIS A 1 85  ? 1.545   18.472  4.948   1.00 18.10 ? 82  HIS A CG    1 
ATOM   646  N  ND1   . HIS A 1 85  ? 1.394   17.995  6.235   1.00 21.19 ? 82  HIS A ND1   1 
ATOM   647  C  CD2   . HIS A 1 85  ? 0.608   19.432  4.786   1.00 20.97 ? 82  HIS A CD2   1 
ATOM   648  C  CE1   . HIS A 1 85  ? 0.419   18.658  6.832   1.00 22.69 ? 82  HIS A CE1   1 
ATOM   649  N  NE2   . HIS A 1 85  ? -0.061  19.552  5.982   1.00 24.15 ? 82  HIS A NE2   1 
ATOM   650  N  N     . ARG A 1 86  ? 2.526   15.498  1.144   1.00 9.81  ? 83  ARG A N     1 
ATOM   651  C  CA    . ARG A 1 86  ? 3.379   15.028  0.103   1.00 9.80  ? 83  ARG A CA    1 
ATOM   652  C  C     . ARG A 1 86  ? 3.520   16.125  -0.951  1.00 11.09 ? 83  ARG A C     1 
ATOM   653  O  O     . ARG A 1 86  ? 2.575   16.454  -1.651  1.00 11.86 ? 83  ARG A O     1 
ATOM   654  C  CB    . ARG A 1 86  ? 2.866   13.735  -0.520  1.00 9.15  ? 83  ARG A CB    1 
ATOM   655  C  CG    . ARG A 1 86  ? 3.864   13.192  -1.518  1.00 8.85  ? 83  ARG A CG    1 
ATOM   656  C  CD    . ARG A 1 86  ? 3.348   11.999  -2.280  1.00 9.54  ? 83  ARG A CD    1 
ATOM   657  N  NE    . ARG A 1 86  ? 4.363   11.542  -3.223  1.00 10.04 ? 83  ARG A NE    1 
ATOM   658  C  CZ    . ARG A 1 86  ? 4.277   10.436  -3.947  1.00 11.61 ? 83  ARG A CZ    1 
ATOM   659  N  NH1   . ARG A 1 86  ? 3.195   9.680   -3.895  1.00 11.07 ? 83  ARG A NH1   1 
ATOM   660  N  NH2   . ARG A 1 86  ? 5.264   10.124  -4.791  1.00 13.40 ? 83  ARG A NH2   1 
ATOM   661  N  N     . ILE A 1 87  ? 4.702   16.715  -1.019  1.00 12.38 ? 84  ILE A N     1 
ATOM   662  C  CA    . ILE A 1 87  ? 4.990   17.785  -1.948  1.00 14.21 ? 84  ILE A CA    1 
ATOM   663  C  C     . ILE A 1 87  ? 5.775   17.232  -3.088  1.00 14.73 ? 84  ILE A C     1 
ATOM   664  O  O     . ILE A 1 87  ? 5.515   17.587  -4.234  1.00 17.07 ? 84  ILE A O     1 
ATOM   665  C  CB    . ILE A 1 87  ? 5.823   18.919  -1.287  1.00 16.93 ? 84  ILE A CB    1 
ATOM   666  C  CG1   . ILE A 1 87  ? 5.084   19.495  -0.092  1.00 20.73 ? 84  ILE A CG1   1 
ATOM   667  C  CG2   . ILE A 1 87  ? 6.155   19.992  -2.304  1.00 17.65 ? 84  ILE A CG2   1 
ATOM   668  C  CD1   . ILE A 1 87  ? 3.635   19.848  -0.369  1.00 22.38 ? 84  ILE A CD1   1 
ATOM   669  N  N     . ARG A 1 88  ? 6.739   16.371  -2.788  1.00 12.99 ? 85  ARG A N     1 
ATOM   670  C  CA    . ARG A 1 88  ? 7.510   15.702  -3.823  1.00 12.24 ? 85  ARG A CA    1 
ATOM   671  C  C     . ARG A 1 88  ? 6.638   14.811  -4.652  1.00 13.57 ? 85  ARG A C     1 
ATOM   672  O  O     . ARG A 1 88  ? 5.878   14.019  -4.118  1.00 13.75 ? 85  ARG A O     1 
ATOM   673  C  CB    . ARG A 1 88  ? 8.632   14.848  -3.230  1.00 11.67 ? 85  ARG A CB    1 
ATOM   674  C  CG    . ARG A 1 88  ? 9.737   15.678  -2.618  1.00 11.13 ? 85  ARG A CG    1 
ATOM   675  C  CD    . ARG A 1 88  ? 10.786  14.758  -1.975  1.00 11.29 ? 85  ARG A CD    1 
ATOM   676  N  NE    . ARG A 1 88  ? 11.894  15.525  -1.430  1.00 9.61  ? 85  ARG A NE    1 
ATOM   677  C  CZ    . ARG A 1 88  ? 12.030  15.952  -0.170  1.00 9.46  ? 85  ARG A CZ    1 
ATOM   678  N  NH1   . ARG A 1 88  ? 11.111  15.712  0.768   1.00 9.61  ? 85  ARG A NH1   1 
ATOM   679  N  NH2   . ARG A 1 88  ? 13.094  16.656  0.132   1.00 8.80  ? 85  ARG A NH2   1 
ATOM   680  N  N     . LYS A 1 89  ? 6.771   14.937  -5.972  1.00 15.79 ? 86  LYS A N     1 
ATOM   681  C  CA    . LYS A 1 89  ? 6.008   14.083  -6.888  1.00 18.20 ? 86  LYS A CA    1 
ATOM   682  C  C     . LYS A 1 89  ? 6.857   13.181  -7.805  1.00 17.08 ? 86  LYS A C     1 
ATOM   683  O  O     . LYS A 1 89  ? 6.285   12.439  -8.611  1.00 17.01 ? 86  LYS A O     1 
ATOM   684  C  CB    . LYS A 1 89  ? 5.059   14.972  -7.695  1.00 20.10 ? 86  LYS A CB    1 
ATOM   685  C  CG    . LYS A 1 89  ? 3.999   15.654  -6.825  1.00 24.28 ? 86  LYS A CG    1 
ATOM   686  C  CD    . LYS A 1 89  ? 3.041   14.675  -6.128  1.00 28.96 ? 86  LYS A CD    1 
ATOM   687  C  CE    . LYS A 1 89  ? 2.315   15.330  -4.969  1.00 34.53 ? 86  LYS A CE    1 
ATOM   688  N  NZ    . LYS A 1 89  ? 1.717   16.640  -5.367  1.00 37.73 ? 86  LYS A NZ    1 
ATOM   689  N  N     . GLU A 1 90  ? 8.195   13.227  -7.674  1.00 15.79 ? 87  GLU A N     1 
ATOM   690  C  CA    . GLU A 1 90  ? 9.103   12.350  -8.459  1.00 16.18 ? 87  GLU A CA    1 
ATOM   691  C  C     . GLU A 1 90  ? 8.825   10.936  -8.023  1.00 15.13 ? 87  GLU A C     1 
ATOM   692  O  O     . GLU A 1 90  ? 8.991   10.584  -6.833  1.00 12.52 ? 87  GLU A O     1 
ATOM   693  C  CB    . GLU A 1 90  ? 10.593  12.645  -8.202  1.00 18.36 ? 87  GLU A CB    1 
ATOM   694  C  CG    . GLU A 1 90  ? 11.072  14.014  -8.607  1.00 20.31 ? 87  GLU A CG    1 
ATOM   695  C  CD    . GLU A 1 90  ? 10.602  15.140  -7.702  1.00 21.98 ? 87  GLU A CD    1 
ATOM   696  O  OE1   . GLU A 1 90  ? 10.396  14.909  -6.485  1.00 23.12 ? 87  GLU A OE1   1 
ATOM   697  O  OE2   . GLU A 1 90  ? 10.452  16.265  -8.227  1.00 27.00 ? 87  GLU A OE2   1 
ATOM   698  N  N     . ARG A 1 91  ? 8.388   10.082  -8.954  1.00 12.52 ? 88  ARG A N     1 
ATOM   699  C  CA    . ARG A 1 91  ? 8.004   8.734   -8.578  1.00 13.17 ? 88  ARG A CA    1 
ATOM   700  C  C     . ARG A 1 91  ? 9.182   7.968   -7.983  1.00 11.61 ? 88  ARG A C     1 
ATOM   701  O  O     . ARG A 1 91  ? 8.998   7.108   -7.143  1.00 14.44 ? 88  ARG A O     1 
ATOM   702  C  CB    . ARG A 1 91  ? 7.439   7.972   -9.804  1.00 15.62 ? 88  ARG A CB    1 
ATOM   703  C  CG    . ARG A 1 91  ? 6.193   8.662   -10.366 1.00 19.59 ? 88  ARG A CG    1 
ATOM   704  C  CD    . ARG A 1 91  ? 5.766   8.093   -11.701 1.00 22.01 ? 88  ARG A CD    1 
ATOM   705  N  NE    . ARG A 1 91  ? 5.778   6.658   -11.578 1.00 24.20 ? 88  ARG A NE    1 
ATOM   706  C  CZ    . ARG A 1 91  ? 4.729   5.856   -11.768 1.00 26.07 ? 88  ARG A CZ    1 
ATOM   707  N  NH1   . ARG A 1 91  ? 3.550   6.351   -12.216 1.00 30.38 ? 88  ARG A NH1   1 
ATOM   708  N  NH2   . ARG A 1 91  ? 4.898   4.541   -11.574 1.00 15.76 ? 88  ARG A NH2   1 
ATOM   709  N  N     . TRP A 1 92  ? 10.386  8.311   -8.410  1.00 10.99 ? 89  TRP A N     1 
ATOM   710  C  CA    . TRP A 1 92  ? 11.584  7.613   -7.925  1.00 11.22 ? 89  TRP A CA    1 
ATOM   711  C  C     . TRP A 1 92  ? 12.079  8.108   -6.558  1.00 11.60 ? 89  TRP A C     1 
ATOM   712  O  O     . TRP A 1 92  ? 12.925  7.450   -5.952  1.00 12.50 ? 89  TRP A O     1 
ATOM   713  C  CB    . TRP A 1 92  ? 12.730  7.749   -8.962  1.00 11.72 ? 89  TRP A CB    1 
ATOM   714  C  CG    . TRP A 1 92  ? 13.034  9.154   -9.397  1.00 11.23 ? 89  TRP A CG    1 
ATOM   715  C  CD1   . TRP A 1 92  ? 12.571  9.761   -10.524 1.00 11.18 ? 89  TRP A CD1   1 
ATOM   716  C  CD2   . TRP A 1 92  ? 13.869  10.116  -8.744  1.00 11.92 ? 89  TRP A CD2   1 
ATOM   717  N  NE1   . TRP A 1 92  ? 13.046  11.016  -10.619 1.00 11.90 ? 89  TRP A NE1   1 
ATOM   718  C  CE2   . TRP A 1 92  ? 13.843  11.280  -9.537  1.00 12.34 ? 89  TRP A CE2   1 
ATOM   719  C  CE3   . TRP A 1 92  ? 14.623  10.117  -7.554  1.00 12.05 ? 89  TRP A CE3   1 
ATOM   720  C  CZ2   . TRP A 1 92  ? 14.574  12.436  -9.213  1.00 12.73 ? 89  TRP A CZ2   1 
ATOM   721  C  CZ3   . TRP A 1 92  ? 15.352  11.285  -7.236  1.00 12.18 ? 89  TRP A CZ3   1 
ATOM   722  C  CH2   . TRP A 1 92  ? 15.294  12.406  -8.036  1.00 12.18 ? 89  TRP A CH2   1 
ATOM   723  N  N     . GLY A 1 93  ? 11.575  9.270   -6.108  1.00 9.51  ? 90  GLY A N     1 
ATOM   724  C  CA    . GLY A 1 93  ? 12.122  10.015  -4.998  1.00 8.73  ? 90  GLY A CA    1 
ATOM   725  C  C     . GLY A 1 93  ? 11.339  9.830   -3.690  1.00 7.83  ? 90  GLY A C     1 
ATOM   726  O  O     . GLY A 1 93  ? 10.321  9.137   -3.603  1.00 7.60  ? 90  GLY A O     1 
ATOM   727  N  N     . PRO A 1 94  ? 11.843  10.467  -2.641  1.00 7.14  ? 91  PRO A N     1 
ATOM   728  C  CA    . PRO A 1 94  ? 11.231  10.287  -1.303  1.00 7.27  ? 91  PRO A CA    1 
ATOM   729  C  C     . PRO A 1 94  ? 9.861   10.965  -1.174  1.00 7.28  ? 91  PRO A C     1 
ATOM   730  O  O     . PRO A 1 94  ? 9.457   11.785  -2.028  1.00 6.70  ? 91  PRO A O     1 
ATOM   731  C  CB    . PRO A 1 94  ? 12.256  10.917  -0.367  1.00 7.10  ? 91  PRO A CB    1 
ATOM   732  C  CG    . PRO A 1 94  ? 13.156  11.705  -1.184  1.00 8.03  ? 91  PRO A CG    1 
ATOM   733  C  CD    . PRO A 1 94  ? 13.061  11.291  -2.602  1.00 7.69  ? 91  PRO A CD    1 
ATOM   734  N  N     . ARG A 1 95  ? 9.127   10.555  -0.154  1.00 7.47  ? 92  ARG A N     1 
ATOM   735  C  CA    . ARG A 1 95  ? 7.771   11.070  0.067   1.00 8.21  ? 92  ARG A CA    1 
ATOM   736  C  C     . ARG A 1 95  ? 7.369   10.887  1.527   1.00 7.68  ? 92  ARG A C     1 
ATOM   737  O  O     . ARG A 1 95  ? 7.745   9.904   2.163   1.00 8.33  ? 92  ARG A O     1 
ATOM   738  C  CB    . ARG A 1 95  ? 6.740   10.401  -0.862  1.00 8.25  ? 92  ARG A CB    1 
ATOM   739  C  CG    . ARG A 1 95  ? 6.412   8.929   -0.619  1.00 8.96  ? 92  ARG A CG    1 
ATOM   740  C  CD    . ARG A 1 95  ? 7.519   7.911   -0.920  1.00 9.86  ? 92  ARG A CD    1 
ATOM   741  N  NE    . ARG A 1 95  ? 7.992   8.089   -2.295  1.00 9.17  ? 92  ARG A NE    1 
ATOM   742  C  CZ    . ARG A 1 95  ? 7.463   7.534   -3.387  1.00 9.55  ? 92  ARG A CZ    1 
ATOM   743  N  NH1   . ARG A 1 95  ? 6.412   6.764   -3.283  1.00 9.73  ? 92  ARG A NH1   1 
ATOM   744  N  NH2   . ARG A 1 95  ? 7.919   7.831   -4.593  1.00 9.15  ? 92  ARG A NH2   1 
ATOM   745  N  N     . THR A 1 96  ? 6.622   11.862  2.022   1.00 7.99  ? 93  THR A N     1 
ATOM   746  C  CA    . THR A 1 96  ? 6.036   11.770  3.356   1.00 8.53  ? 93  THR A CA    1 
ATOM   747  C  C     . THR A 1 96  ? 5.018   10.634  3.439   1.00 8.04  ? 93  THR A C     1 
ATOM   748  O  O     . THR A 1 96  ? 4.888   9.994   4.482   1.00 7.90  ? 93  THR A O     1 
ATOM   749  C  CB    . THR A 1 96  ? 5.321   13.072  3.747   1.00 9.19  ? 93  THR A CB    1 
ATOM   750  O  OG1   . THR A 1 96  ? 4.302   13.383  2.789   1.00 9.16  ? 93  THR A OG1   1 
ATOM   751  C  CG2   . THR A 1 96  ? 6.271   14.230  3.886   1.00 9.81  ? 93  THR A CG2   1 
ATOM   752  N  N     . LEU A 1 97  ? 4.302   10.387  2.351   1.00 7.80  ? 94  LEU A N     1 
ATOM   753  C  CA    . LEU A 1 97  ? 3.309   9.315   2.326   1.00 7.42  ? 94  LEU A CA    1 
ATOM   754  C  C     . LEU A 1 97  ? 3.059   8.892   0.929   1.00 7.63  ? 94  LEU A C     1 
ATOM   755  O  O     . LEU A 1 97  ? 2.848   9.741   0.073   1.00 7.27  ? 94  LEU A O     1 
ATOM   756  C  CB    . LEU A 1 97  ? 1.960   9.721   2.972   1.00 8.61  ? 94  LEU A CB    1 
ATOM   757  C  CG    . LEU A 1 97  ? 0.840   8.650   3.035   1.00 9.06  ? 94  LEU A CG    1 
ATOM   758  C  CD1   . LEU A 1 97  ? 1.243   7.616   4.085   1.00 9.99  ? 94  LEU A CD1   1 
ATOM   759  C  CD2   . LEU A 1 97  ? -0.518  9.283   3.335   1.00 9.45  ? 94  LEU A CD2   1 
ATOM   760  N  N     . ASP A 1 98  ? 2.960   7.572   0.744   1.00 7.49  ? 95  ASP A N     1 
ATOM   761  C  CA    . ASP A 1 98  ? 2.527   6.946   -0.522  1.00 7.27  ? 95  ASP A CA    1 
ATOM   762  C  C     . ASP A 1 98  ? 1.400   5.978   -0.161  1.00 7.60  ? 95  ASP A C     1 
ATOM   763  O  O     . ASP A 1 98  ? 1.567   5.135   0.730   1.00 8.25  ? 95  ASP A O     1 
ATOM   764  C  CB    . ASP A 1 98  ? 3.716   6.168   -1.065  1.00 7.81  ? 95  ASP A CB    1 
ATOM   765  C  CG    . ASP A 1 98  ? 3.457   5.529   -2.421  1.00 8.41  ? 95  ASP A CG    1 
ATOM   766  O  OD1   . ASP A 1 98  ? 2.714   6.118   -3.212  1.00 6.76  ? 95  ASP A OD1   1 
ATOM   767  O  OD2   . ASP A 1 98  ? 4.028   4.425   -2.667  1.00 8.61  ? 95  ASP A OD2   1 
ATOM   768  N  N     . VAL A 1 99  ? 0.281   6.079   -0.859  1.00 7.77  ? 96  VAL A N     1 
ATOM   769  C  CA    . VAL A 1 99  ? -0.831  5.154   -0.682  1.00 7.85  ? 96  VAL A CA    1 
ATOM   770  C  C     . VAL A 1 99  ? -1.105  4.517   -2.055  1.00 7.26  ? 96  VAL A C     1 
ATOM   771  O  O     . VAL A 1 99  ? -1.585  5.193   -2.985  1.00 7.50  ? 96  VAL A O     1 
ATOM   772  C  CB    . VAL A 1 99  ? -2.083  5.871   -0.110  1.00 7.94  ? 96  VAL A CB    1 
ATOM   773  C  CG1   . VAL A 1 99  ? -3.181  4.859   0.194   1.00 8.66  ? 96  VAL A CG1   1 
ATOM   774  C  CG2   . VAL A 1 99  ? -1.726  6.705   1.116   1.00 8.90  ? 96  VAL A CG2   1 
ATOM   775  N  N     . ASP A 1 100 ? -0.826  3.209   -2.144  1.00 7.19  ? 97  ASP A N     1 
ATOM   776  C  CA    . ASP A 1 100 ? -0.960  2.445   -3.385  1.00 7.18  ? 97  ASP A CA    1 
ATOM   777  C  C     . ASP A 1 100 ? -2.107  1.458   -3.276  1.00 7.28  ? 97  ASP A C     1 
ATOM   778  O  O     . ASP A 1 100 ? -2.251  0.810   -2.230  1.00 8.83  ? 97  ASP A O     1 
ATOM   779  C  CB    . ASP A 1 100 ? 0.330   1.713   -3.725  1.00 6.73  ? 97  ASP A CB    1 
ATOM   780  C  CG    . ASP A 1 100 ? 1.467   2.671   -4.055  1.00 7.54  ? 97  ASP A CG    1 
ATOM   781  O  OD1   . ASP A 1 100 ? 1.189   3.842   -4.356  1.00 6.88  ? 97  ASP A OD1   1 
ATOM   782  O  OD2   . ASP A 1 100 ? 2.607   2.214   -4.036  1.00 8.53  ? 97  ASP A OD2   1 
ATOM   783  N  N     . ILE A 1 101 ? -2.903  1.350   -4.320  1.00 7.12  ? 98  ILE A N     1 
ATOM   784  C  CA    . ILE A 1 101 ? -3.943  0.331   -4.367  1.00 7.15  ? 98  ILE A CA    1 
ATOM   785  C  C     . ILE A 1 101 ? -3.302  -0.960  -4.828  1.00 7.48  ? 98  ILE A C     1 
ATOM   786  O  O     . ILE A 1 101 ? -2.829  -1.059  -5.953  1.00 8.16  ? 98  ILE A O     1 
ATOM   787  C  CB    . ILE A 1 101 ? -5.113  0.698   -5.280  1.00 7.66  ? 98  ILE A CB    1 
ATOM   788  C  CG1   . ILE A 1 101 ? -5.819  1.980   -4.821  1.00 8.15  ? 98  ILE A CG1   1 
ATOM   789  C  CG2   . ILE A 1 101 ? -6.136  -0.447  -5.299  1.00 8.07  ? 98  ILE A CG2   1 
ATOM   790  C  CD1   . ILE A 1 101 ? -6.843  2.558   -5.784  1.00 8.38  ? 98  ILE A CD1   1 
ATOM   791  N  N     . LEU A 1 102 ? -3.307  -1.981  -3.988  1.00 6.82  ? 99  LEU A N     1 
ATOM   792  C  CA    . LEU A 1 102 ? -2.706  -3.250  -4.335  1.00 7.23  ? 99  LEU A CA    1 
ATOM   793  C  C     . LEU A 1 102 ? -3.719  -4.179  -4.991  1.00 6.90  ? 99  LEU A C     1 
ATOM   794  O  O     . LEU A 1 102 ? -3.409  -4.780  -6.005  1.00 6.79  ? 99  LEU A O     1 
ATOM   795  C  CB    . LEU A 1 102 ? -2.128  -3.913  -3.083  1.00 7.69  ? 99  LEU A CB    1 
ATOM   796  C  CG    . LEU A 1 102 ? -1.087  -3.045  -2.337  1.00 8.32  ? 99  LEU A CG    1 
ATOM   797  C  CD1   . LEU A 1 102 ? -0.627  -3.769  -1.072  1.00 8.67  ? 99  LEU A CD1   1 
ATOM   798  C  CD2   . LEU A 1 102 ? 0.088   -2.735  -3.206  1.00 9.24  ? 99  LEU A CD2   1 
ATOM   799  N  N     . LEU A 1 103 ? -4.918  -4.288  -4.409  1.00 6.58  ? 100 LEU A N     1 
ATOM   800  C  CA    . LEU A 1 103 ? -5.926  -5.250  -4.848  1.00 6.66  ? 100 LEU A CA    1 
ATOM   801  C  C     . LEU A 1 103 ? -7.253  -4.573  -4.623  1.00 6.92  ? 100 LEU A C     1 
ATOM   802  O  O     . LEU A 1 103 ? -7.424  -3.894  -3.625  1.00 7.24  ? 100 LEU A O     1 
ATOM   803  C  CB    . LEU A 1 103 ? -5.851  -6.533  -4.002  1.00 7.57  ? 100 LEU A CB    1 
ATOM   804  C  CG    . LEU A 1 103 ? -4.594  -7.386  -4.147  1.00 7.60  ? 100 LEU A CG    1 
ATOM   805  C  CD1   . LEU A 1 103 ? -4.567  -8.393  -3.008  1.00 8.84  ? 100 LEU A CD1   1 
ATOM   806  C  CD2   . LEU A 1 103 ? -4.563  -8.076  -5.519  1.00 8.83  ? 100 LEU A CD2   1 
ATOM   807  N  N     . TYR A 1 104 ? -8.178  -4.790  -5.555  1.00 6.40  ? 101 TYR A N     1 
ATOM   808  C  CA    . TYR A 1 104 ? -9.569  -4.274  -5.492  1.00 7.23  ? 101 TYR A CA    1 
ATOM   809  C  C     . TYR A 1 104 ? -10.468 -5.448  -5.797  1.00 6.83  ? 101 TYR A C     1 
ATOM   810  O  O     . TYR A 1 104 ? -10.723 -5.787  -6.934  1.00 6.36  ? 101 TYR A O     1 
ATOM   811  C  CB    . TYR A 1 104 ? -9.772  -3.084  -6.416  1.00 7.07  ? 101 TYR A CB    1 
ATOM   812  C  CG    . TYR A 1 104 ? -11.132 -2.405  -6.382  1.00 7.65  ? 101 TYR A CG    1 
ATOM   813  C  CD1   . TYR A 1 104 ? -11.417 -1.392  -5.476  1.00 7.98  ? 101 TYR A CD1   1 
ATOM   814  C  CD2   . TYR A 1 104 ? -12.137 -2.800  -7.235  1.00 8.12  ? 101 TYR A CD2   1 
ATOM   815  C  CE1   . TYR A 1 104 ? -12.665 -0.765  -5.458  1.00 8.12  ? 101 TYR A CE1   1 
ATOM   816  C  CE2   . TYR A 1 104 ? -13.373 -2.179  -7.227  1.00 9.09  ? 101 TYR A CE2   1 
ATOM   817  C  CZ    . TYR A 1 104 ? -13.633 -1.160  -6.333  1.00 9.20  ? 101 TYR A CZ    1 
ATOM   818  O  OH    . TYR A 1 104 ? -14.907 -0.574  -6.387  1.00 10.53 ? 101 TYR A OH    1 
ATOM   819  N  N     . GLY A 1 105 ? -10.898 -6.145  -4.732  1.00 7.56  ? 102 GLY A N     1 
ATOM   820  C  CA    . GLY A 1 105 ? -11.529 -7.422  -4.897  1.00 7.92  ? 102 GLY A CA    1 
ATOM   821  C  C     . GLY A 1 105 ? -10.629 -8.333  -5.713  1.00 8.26  ? 102 GLY A C     1 
ATOM   822  O  O     . GLY A 1 105 ? -9.382  -8.253  -5.540  1.00 9.97  ? 102 GLY A O     1 
ATOM   823  N  N     . GLU A 1 106 ? -11.210 -9.113  -6.621  1.00 7.51  ? 103 GLU A N     1 
ATOM   824  C  CA    . GLU A 1 106 ? -10.443 -9.931  -7.568  1.00 9.04  ? 103 GLU A CA    1 
ATOM   825  C  C     . GLU A 1 106 ? -10.423 -9.348  -8.975  1.00 7.02  ? 103 GLU A C     1 
ATOM   826  O  O     . GLU A 1 106 ? -10.172 -10.051 -9.952  1.00 8.36  ? 103 GLU A O     1 
ATOM   827  C  CB    . GLU A 1 106 ? -10.924 -11.401 -7.566  1.00 12.31 ? 103 GLU A CB    1 
ATOM   828  C  CG    . GLU A 1 106 ? -10.545 -12.095 -6.259  1.00 16.66 ? 103 GLU A CG    1 
ATOM   829  C  CD    . GLU A 1 106 ? -9.056  -12.383 -6.148  1.00 19.28 ? 103 GLU A CD    1 
ATOM   830  O  OE1   . GLU A 1 106 ? -8.460  -12.984 -7.120  1.00 22.37 ? 103 GLU A OE1   1 
ATOM   831  O  OE2   . GLU A 1 106 ? -8.511  -12.089 -5.041  1.00 25.95 ? 103 GLU A OE2   1 
ATOM   832  N  N     . GLU A 1 107 ? -10.714 -8.039  -9.075  1.00 5.99  ? 104 GLU A N     1 
ATOM   833  C  CA    . GLU A 1 107 ? -10.844 -7.390  -10.351 1.00 6.20  ? 104 GLU A CA    1 
ATOM   834  C  C     . GLU A 1 107 ? -9.478  -6.917  -10.860 1.00 5.91  ? 104 GLU A C     1 
ATOM   835  O  O     . GLU A 1 107 ? -8.539  -6.761  -10.099 1.00 5.17  ? 104 GLU A O     1 
ATOM   836  C  CB    . GLU A 1 107 ? -11.798 -6.210  -10.238 1.00 6.65  ? 104 GLU A CB    1 
ATOM   837  C  CG    . GLU A 1 107 ? -13.247 -6.578  -9.909  1.00 7.06  ? 104 GLU A CG    1 
ATOM   838  C  CD    . GLU A 1 107 ? -14.053 -7.121  -11.077 1.00 7.47  ? 104 GLU A CD    1 
ATOM   839  O  OE1   . GLU A 1 107 ? -13.523 -7.338  -12.206 1.00 8.18  ? 104 GLU A OE1   1 
ATOM   840  O  OE2   . GLU A 1 107 ? -15.291 -7.343  -10.950 1.00 7.10  ? 104 GLU A OE2   1 
ATOM   841  N  N     . MET A 1 108 ? -9.422  -6.737  -12.161 1.00 6.42  ? 105 MET A N     1 
ATOM   842  C  CA    . MET A 1 108 ? -8.165  -6.283  -12.811 1.00 7.01  ? 105 MET A CA    1 
ATOM   843  C  C     . MET A 1 108 ? -8.519  -5.151  -13.775 1.00 6.56  ? 105 MET A C     1 
ATOM   844  O  O     . MET A 1 108 ? -9.474  -5.225  -14.518 1.00 6.49  ? 105 MET A O     1 
ATOM   845  C  CB    . MET A 1 108 ? -7.489  -7.391  -13.599 1.00 9.19  ? 105 MET A CB    1 
ATOM   846  C  CG    . MET A 1 108 ? -7.240  -8.657  -12.856 1.00 12.94 ? 105 MET A CG    1 
ATOM   847  S  SD    . MET A 1 108 ? -6.558  -10.018 -13.844 1.00 20.67 ? 105 MET A SD    1 
ATOM   848  C  CE    . MET A 1 108 ? -7.915  -10.518 -14.868 1.00 23.52 ? 105 MET A CE    1 
ATOM   849  N  N     . ILE A 1 109 ? -7.670  -4.117  -13.780 1.00 6.38  ? 106 ILE A N     1 
ATOM   850  C  CA    . ILE A 1 109 ? -7.799  -3.037  -14.719 1.00 7.05  ? 106 ILE A CA    1 
ATOM   851  C  C     . ILE A 1 109 ? -6.394  -2.524  -15.010 1.00 6.79  ? 106 ILE A C     1 
ATOM   852  O  O     . ILE A 1 109 ? -5.564  -2.489  -14.099 1.00 5.73  ? 106 ILE A O     1 
ATOM   853  C  CB    . ILE A 1 109 ? -8.707  -1.934  -14.122 1.00 8.91  ? 106 ILE A CB    1 
ATOM   854  C  CG1   . ILE A 1 109 ? -9.169  -0.991  -15.225 1.00 11.41 ? 106 ILE A CG1   1 
ATOM   855  C  CG2   . ILE A 1 109 ? -8.070  -1.213  -12.994 1.00 9.82  ? 106 ILE A CG2   1 
ATOM   856  C  CD1   . ILE A 1 109 ? -10.331 -0.096  -14.812 1.00 12.17 ? 106 ILE A CD1   1 
ATOM   857  N  N     . ASP A 1 110 ? -6.164  -2.157  -16.274 1.00 8.06  ? 107 ASP A N     1 
ATOM   858  C  CA    . ASP A 1 110 ? -4.859  -1.623  -16.684 1.00 10.19 ? 107 ASP A CA    1 
ATOM   859  C  C     . ASP A 1 110 ? -5.066  -0.388  -17.535 1.00 11.42 ? 107 ASP A C     1 
ATOM   860  O  O     . ASP A 1 110 ? -4.927  -0.454  -18.747 1.00 13.18 ? 107 ASP A O     1 
ATOM   861  C  CB    . ASP A 1 110 ? -4.092  -2.681  -17.477 1.00 11.19 ? 107 ASP A CB    1 
ATOM   862  C  CG    . ASP A 1 110 ? -3.411  -3.664  -16.595 1.00 15.62 ? 107 ASP A CG    1 
ATOM   863  O  OD1   . ASP A 1 110 ? -2.496  -3.252  -15.824 1.00 20.76 ? 107 ASP A OD1   1 
ATOM   864  O  OD2   . ASP A 1 110 ? -3.760  -4.862  -16.688 1.00 18.59 ? 107 ASP A OD2   1 
ATOM   865  N  N     . LEU A 1 111 ? -5.484  0.692   -16.885 1.00 12.50 ? 108 LEU A N     1 
ATOM   866  C  CA    . LEU A 1 111 ? -5.653  1.995   -17.548 1.00 15.41 ? 108 LEU A CA    1 
ATOM   867  C  C     . LEU A 1 111 ? -4.290  2.611   -17.649 1.00 17.27 ? 108 LEU A C     1 
ATOM   868  O  O     . LEU A 1 111 ? -3.447  2.389   -16.777 1.00 16.88 ? 108 LEU A O     1 
ATOM   869  C  CB    . LEU A 1 111 ? -6.532  2.937   -16.728 1.00 13.47 ? 108 LEU A CB    1 
ATOM   870  C  CG    . LEU A 1 111 ? -8.016  2.512   -16.674 1.00 14.81 ? 108 LEU A CG    1 
ATOM   871  C  CD1   . LEU A 1 111 ? -8.810  3.193   -15.545 1.00 14.96 ? 108 LEU A CD1   1 
ATOM   872  C  CD2   . LEU A 1 111 ? -8.660  2.775   -17.999 1.00 16.35 ? 108 LEU A CD2   1 
ATOM   873  N  N     . PRO A 1 112 ? -4.077  3.488   -18.667 1.00 20.80 ? 109 PRO A N     1 
ATOM   874  C  CA    . PRO A 1 112 ? -2.767  4.167   -18.668 1.00 22.45 ? 109 PRO A CA    1 
ATOM   875  C  C     . PRO A 1 112 ? -2.224  4.603   -17.283 1.00 25.78 ? 109 PRO A C     1 
ATOM   876  O  O     . PRO A 1 112 ? -1.050  4.364   -17.032 1.00 32.93 ? 109 PRO A O     1 
ATOM   877  C  CB    . PRO A 1 112 ? -2.994  5.359   -19.619 1.00 23.18 ? 109 PRO A CB    1 
ATOM   878  C  CG    . PRO A 1 112 ? -4.045  4.887   -20.565 1.00 22.12 ? 109 PRO A CG    1 
ATOM   879  C  CD    . PRO A 1 112 ? -4.944  3.945   -19.770 1.00 23.36 ? 109 PRO A CD    1 
ATOM   880  N  N     . LYS A 1 113 ? -3.048  5.181   -16.389 1.00 23.93 ? 110 LYS A N     1 
ATOM   881  C  CA    . LYS A 1 113 ? -2.624  5.657   -15.073 1.00 23.67 ? 110 LYS A CA    1 
ATOM   882  C  C     . LYS A 1 113 ? -3.331  5.042   -13.823 1.00 23.91 ? 110 LYS A C     1 
ATOM   883  O  O     . LYS A 1 113 ? -3.401  5.632   -12.723 1.00 21.80 ? 110 LYS A O     1 
ATOM   884  C  CB    . LYS A 1 113 ? -2.760  7.180   -15.037 1.00 33.37 ? 110 LYS A CB    1 
ATOM   885  C  CG    . LYS A 1 113 ? -2.199  7.889   -16.280 1.00 36.36 ? 110 LYS A CG    1 
ATOM   886  C  CD    . LYS A 1 113 ? -2.211  9.408   -16.146 1.00 41.87 ? 110 LYS A CD    1 
ATOM   887  C  CE    . LYS A 1 113 ? -1.627  10.073  -17.389 1.00 44.22 ? 110 LYS A CE    1 
ATOM   888  N  NZ    . LYS A 1 113 ? -1.085  11.425  -17.071 1.00 46.55 ? 110 LYS A NZ    1 
ATOM   889  N  N     . LEU A 1 114 ? -3.899  3.846   -13.979 1.00 20.04 ? 111 LEU A N     1 
ATOM   890  C  CA    . LEU A 1 114 ? -4.372  3.101   -12.825 1.00 15.30 ? 111 LEU A CA    1 
ATOM   891  C  C     . LEU A 1 114 ? -4.334  1.634   -13.214 1.00 12.99 ? 111 LEU A C     1 
ATOM   892  O  O     . LEU A 1 114 ? -5.070  1.229   -14.112 1.00 10.61 ? 111 LEU A O     1 
ATOM   893  C  CB    . LEU A 1 114 ? -5.788  3.494   -12.411 1.00 16.67 ? 111 LEU A CB    1 
ATOM   894  C  CG    . LEU A 1 114 ? -6.396  2.665   -11.261 1.00 18.88 ? 111 LEU A CG    1 
ATOM   895  C  CD1   . LEU A 1 114 ? -5.484  2.684   -10.025 1.00 17.72 ? 111 LEU A CD1   1 
ATOM   896  C  CD2   . LEU A 1 114 ? -7.771  3.121   -10.867 1.00 22.35 ? 111 LEU A CD2   1 
ATOM   897  N  N     . SER A 1 115 ? -3.445  0.868   -12.578 1.00 11.25 ? 112 SER A N     1 
ATOM   898  C  CA    . SER A 1 115 ? -3.335  -0.560  -12.783 1.00 10.01 ? 112 SER A CA    1 
ATOM   899  C  C     . SER A 1 115 ? -3.577  -1.235  -11.440 1.00 8.29  ? 112 SER A C     1 
ATOM   900  O  O     . SER A 1 115 ? -2.886  -0.954  -10.452 1.00 7.66  ? 112 SER A O     1 
ATOM   901  C  CB    . SER A 1 115 ? -2.004  -1.076  -13.392 1.00 10.18 ? 112 SER A CB    1 
ATOM   902  O  OG    . SER A 1 115 ? -1.861  -0.841  -14.803 1.00 18.44 ? 112 SER A OG    1 
ATOM   903  N  N     . VAL A 1 116 ? -4.503  -2.175  -11.412 1.00 6.52  ? 113 VAL A N     1 
ATOM   904  C  CA    . VAL A 1 116 ? -4.825  -2.922  -10.194 1.00 7.00  ? 113 VAL A CA    1 
ATOM   905  C  C     . VAL A 1 116 ? -5.159  -4.329  -10.694 1.00 6.05  ? 113 VAL A C     1 
ATOM   906  O  O     . VAL A 1 116 ? -5.923  -4.451  -11.607 1.00 6.74  ? 113 VAL A O     1 
ATOM   907  C  CB    . VAL A 1 116 ? -6.083  -2.390  -9.457  1.00 7.56  ? 113 VAL A CB    1 
ATOM   908  C  CG1   . VAL A 1 116 ? -6.396  -3.242  -8.239  1.00 7.44  ? 113 VAL A CG1   1 
ATOM   909  C  CG2   . VAL A 1 116 ? -5.900  -0.950  -9.071  1.00 8.25  ? 113 VAL A CG2   1 
ATOM   910  N  N     . PRO A 1 117 ? -4.621  -5.389  -10.108 1.00 6.63  ? 114 PRO A N     1 
ATOM   911  C  CA    . PRO A 1 117 ? -3.642  -5.361  -9.033  1.00 6.54  ? 114 PRO A CA    1 
ATOM   912  C  C     . PRO A 1 117 ? -2.441  -4.507  -9.353  1.00 7.42  ? 114 PRO A C     1 
ATOM   913  O  O     . PRO A 1 117 ? -2.079  -4.343  -10.543 1.00 6.91  ? 114 PRO A O     1 
ATOM   914  C  CB    . PRO A 1 117 ? -3.246  -6.841  -8.905  1.00 7.21  ? 114 PRO A CB    1 
ATOM   915  C  CG    . PRO A 1 117 ? -4.380  -7.622  -9.430  1.00 7.13  ? 114 PRO A CG    1 
ATOM   916  C  CD    . PRO A 1 117 ? -4.929  -6.753  -10.539 1.00 6.96  ? 114 PRO A CD    1 
ATOM   917  N  N     . HIS A 1 118 ? -1.844  -3.927  -8.309  1.00 7.32  ? 115 HIS A N     1 
ATOM   918  C  CA    . HIS A 1 118 ? -0.648  -3.112  -8.561  1.00 8.27  ? 115 HIS A CA    1 
ATOM   919  C  C     . HIS A 1 118 ? 0.363   -3.932  -9.340  1.00 8.05  ? 115 HIS A C     1 
ATOM   920  O  O     . HIS A 1 118 ? 0.690   -5.032  -8.947  1.00 8.37  ? 115 HIS A O     1 
ATOM   921  C  CB    . HIS A 1 118 ? -0.049  -2.626  -7.275  1.00 8.86  ? 115 HIS A CB    1 
ATOM   922  C  CG    . HIS A 1 118 ? 0.916   -1.511  -7.489  1.00 9.22  ? 115 HIS A CG    1 
ATOM   923  N  ND1   . HIS A 1 118 ? 2.172   -1.736  -8.000  1.00 10.07 ? 115 HIS A ND1   1 
ATOM   924  C  CD2   . HIS A 1 118 ? 0.820   -0.174  -7.267  1.00 9.77  ? 115 HIS A CD2   1 
ATOM   925  C  CE1   . HIS A 1 118 ? 2.815   -0.580  -8.100  1.00 9.78  ? 115 HIS A CE1   1 
ATOM   926  N  NE2   . HIS A 1 118 ? 2.012   0.384   -7.681  1.00 10.97 ? 115 HIS A NE2   1 
ATOM   927  N  N     . PRO A 1 119 ? 0.828   -3.413  -10.498 1.00 9.91  ? 116 PRO A N     1 
ATOM   928  C  CA    . PRO A 1 119 ? 1.555   -4.318  -11.410 1.00 11.30 ? 116 PRO A CA    1 
ATOM   929  C  C     . PRO A 1 119 ? 2.970   -4.676  -10.986 1.00 11.81 ? 116 PRO A C     1 
ATOM   930  O  O     . PRO A 1 119 ? 3.573   -5.581  -11.554 1.00 13.79 ? 116 PRO A O     1 
ATOM   931  C  CB    . PRO A 1 119 ? 1.527   -3.572  -12.753 1.00 12.45 ? 116 PRO A CB    1 
ATOM   932  C  CG    . PRO A 1 119 ? 1.300   -2.202  -12.417 1.00 12.12 ? 116 PRO A CG    1 
ATOM   933  C  CD    . PRO A 1 119 ? 0.508   -2.136  -11.120 1.00 11.07 ? 116 PRO A CD    1 
ATOM   934  N  N     . ARG A 1 120 ? 3.480   -3.996  -9.962  1.00 9.67  ? 117 ARG A N     1 
ATOM   935  C  CA    . ARG A 1 120 ? 4.827   -4.233  -9.446  1.00 10.02 ? 117 ARG A CA    1 
ATOM   936  C  C     . ARG A 1 120 ? 4.878   -4.974  -8.121  1.00 9.17  ? 117 ARG A C     1 
ATOM   937  O  O     . ARG A 1 120 ? 5.980   -5.305  -7.665  1.00 9.52  ? 117 ARG A O     1 
ATOM   938  C  CB    . ARG A 1 120 ? 5.594   -2.889  -9.389  1.00 11.88 ? 117 ARG A CB    1 
ATOM   939  C  CG    . ARG A 1 120 ? 5.858   -2.447  -10.865 1.00 17.12 ? 117 ARG A CG    1 
ATOM   940  C  CD    . ARG A 1 120 ? 6.306   -1.030  -10.937 1.00 24.51 ? 117 ARG A CD    1 
ATOM   941  N  NE    . ARG A 1 120 ? 5.197   -0.099  -10.821 1.00 27.95 ? 117 ARG A NE    1 
ATOM   942  C  CZ    . ARG A 1 120 ? 4.338   0.159   -11.807 1.00 31.09 ? 117 ARG A CZ    1 
ATOM   943  N  NH1   . ARG A 1 120 ? 4.440   -0.467  -13.004 1.00 27.94 ? 117 ARG A NH1   1 
ATOM   944  N  NH2   . ARG A 1 120 ? 3.366   1.060   -11.589 1.00 35.01 ? 117 ARG A NH2   1 
ATOM   945  N  N     . MET A 1 121 ? 3.719   -5.278  -7.542  1.00 9.31  ? 118 MET A N     1 
ATOM   946  C  CA    . MET A 1 121 ? 3.677   -5.846  -6.191  1.00 9.35  ? 118 MET A CA    1 
ATOM   947  C  C     . MET A 1 121 ? 4.365   -7.196  -6.074  1.00 8.75  ? 118 MET A C     1 
ATOM   948  O  O     . MET A 1 121 ? 4.972   -7.502  -5.014  1.00 9.96  ? 118 MET A O     1 
ATOM   949  C  CB    . MET A 1 121 ? 2.239   -5.926  -5.650  1.00 10.33 ? 118 MET A CB    1 
ATOM   950  C  CG    . MET A 1 121 ? 1.328   -6.826  -6.449  1.00 11.79 ? 118 MET A CG    1 
ATOM   951  S  SD    . MET A 1 121 ? -0.390  -6.817  -5.872  1.00 14.90 ? 118 MET A SD    1 
ATOM   952  C  CE    . MET A 1 121 ? -0.170  -7.612  -4.321  1.00 15.39 ? 118 MET A CE    1 
ATOM   953  N  N     . ASN A 1 122 ? 4.279   -8.046  -7.113  1.00 9.14  ? 119 ASN A N     1 
ATOM   954  C  CA    . ASN A 1 122 ? 4.793   -9.405  -6.973  1.00 10.23 ? 119 ASN A CA    1 
ATOM   955  C  C     . ASN A 1 122 ? 6.298   -9.514  -6.890  1.00 10.43 ? 119 ASN A C     1 
ATOM   956  O  O     . ASN A 1 122 ? 6.813   -10.579 -6.593  1.00 11.75 ? 119 ASN A O     1 
ATOM   957  C  CB    . ASN A 1 122 ? 4.239   -10.322 -8.079  1.00 11.08 ? 119 ASN A CB    1 
ATOM   958  C  CG    . ASN A 1 122 ? 2.749   -10.555 -7.949  1.00 12.57 ? 119 ASN A CG    1 
ATOM   959  O  OD1   . ASN A 1 122 ? 2.110   -10.103 -6.999  1.00 16.40 ? 119 ASN A OD1   1 
ATOM   960  N  ND2   . ASN A 1 122 ? 2.184   -11.285 -8.911  1.00 11.80 ? 119 ASN A ND2   1 
ATOM   961  N  N     . GLU A 1 123 ? 7.038   -8.436  -7.160  1.00 10.86 ? 120 GLU A N     1 
ATOM   962  C  CA    . GLU A 1 123 ? 8.487   -8.522  -7.004  1.00 12.93 ? 120 GLU A CA    1 
ATOM   963  C  C     . GLU A 1 123 ? 8.985   -7.572  -5.906  1.00 10.76 ? 120 GLU A C     1 
ATOM   964  O  O     . GLU A 1 123 ? 10.149  -7.290  -5.855  1.00 10.56 ? 120 GLU A O     1 
ATOM   965  C  CB    . GLU A 1 123 ? 9.211   -8.307  -8.315  1.00 17.01 ? 120 GLU A CB    1 
ATOM   966  C  CG    . GLU A 1 123 ? 8.699   -9.187  -9.478  1.00 20.62 ? 120 GLU A CG    1 
ATOM   967  C  CD    . GLU A 1 123 ? 8.901   -10.694 -9.300  1.00 28.28 ? 120 GLU A CD    1 
ATOM   968  O  OE1   . GLU A 1 123 ? 9.847   -11.092 -8.585  1.00 29.57 ? 120 GLU A OE1   1 
ATOM   969  O  OE2   . GLU A 1 123 ? 8.113   -11.493 -9.897  1.00 32.88 ? 120 GLU A OE2   1 
ATOM   970  N  N     . ARG A 1 124 ? 8.092   -7.140  -5.026  1.00 8.97  ? 121 ARG A N     1 
ATOM   971  C  CA    . ARG A 1 124 ? 8.446   -6.213  -3.954  1.00 8.39  ? 121 ARG A CA    1 
ATOM   972  C  C     . ARG A 1 124 ? 8.217   -6.852  -2.577  1.00 7.90  ? 121 ARG A C     1 
ATOM   973  O  O     . ARG A 1 124 ? 7.084   -6.955  -2.134  1.00 7.67  ? 121 ARG A O     1 
ATOM   974  C  CB    . ARG A 1 124 ? 7.604   -4.949  -4.061  1.00 8.12  ? 121 ARG A CB    1 
ATOM   975  C  CG    . ARG A 1 124 ? 7.986   -4.099  -5.254  1.00 7.88  ? 121 ARG A CG    1 
ATOM   976  C  CD    . ARG A 1 124 ? 6.950   -2.987  -5.372  1.00 7.84  ? 121 ARG A CD    1 
ATOM   977  N  NE    . ARG A 1 124 ? 7.356   -2.038  -6.414  1.00 8.44  ? 121 ARG A NE    1 
ATOM   978  C  CZ    . ARG A 1 124 ? 6.775   -0.869  -6.621  1.00 8.91  ? 121 ARG A CZ    1 
ATOM   979  N  NH1   . ARG A 1 124 ? 5.717   -0.489  -5.917  1.00 9.03  ? 121 ARG A NH1   1 
ATOM   980  N  NH2   . ARG A 1 124 ? 7.211   -0.082  -7.580  1.00 10.06 ? 121 ARG A NH2   1 
ATOM   981  N  N     . ALA A 1 125 ? 9.306   -7.171  -1.886  1.00 8.02  ? 122 ALA A N     1 
ATOM   982  C  CA    . ALA A 1 125 ? 9.148   -7.742  -0.531  1.00 8.65  ? 122 ALA A CA    1 
ATOM   983  C  C     . ALA A 1 125 ? 8.538   -6.733  0.432   1.00 8.30  ? 122 ALA A C     1 
ATOM   984  O  O     . ALA A 1 125 ? 7.811   -7.108  1.339   1.00 8.22  ? 122 ALA A O     1 
ATOM   985  C  CB    . ALA A 1 125 ? 10.470  -8.224  -0.023  1.00 8.02  ? 122 ALA A CB    1 
ATOM   986  N  N     . PHE A 1 126 ? 8.792   -5.432  0.217   1.00 8.06  ? 123 PHE A N     1 
ATOM   987  C  CA    . PHE A 1 126 ? 8.181   -4.430  1.076   1.00 8.44  ? 123 PHE A CA    1 
ATOM   988  C  C     . PHE A 1 126 ? 6.677   -4.329  0.967   1.00 8.27  ? 123 PHE A C     1 
ATOM   989  O  O     . PHE A 1 126 ? 6.049   -3.728  1.824   1.00 8.03  ? 123 PHE A O     1 
ATOM   990  C  CB    . PHE A 1 126 ? 8.844   -3.045  0.909   1.00 9.47  ? 123 PHE A CB    1 
ATOM   991  C  CG    . PHE A 1 126 ? 8.554   -2.348  -0.411  1.00 9.66  ? 123 PHE A CG    1 
ATOM   992  C  CD1   . PHE A 1 126 ? 7.352   -1.683  -0.606  1.00 9.39  ? 123 PHE A CD1   1 
ATOM   993  C  CD2   . PHE A 1 126 ? 9.510   -2.301  -1.393  1.00 10.05 ? 123 PHE A CD2   1 
ATOM   994  C  CE1   . PHE A 1 126 ? 7.094   -1.030  -1.790  1.00 9.81  ? 123 PHE A CE1   1 
ATOM   995  C  CE2   . PHE A 1 126 ? 9.271   -1.599  -2.586  1.00 10.40 ? 123 PHE A CE2   1 
ATOM   996  C  CZ    . PHE A 1 126 ? 8.056   -0.991  -2.769  1.00 10.33 ? 123 PHE A CZ    1 
ATOM   997  N  N     . VAL A 1 127 ? 6.107   -4.903  -0.091  1.00 7.86  ? 124 VAL A N     1 
ATOM   998  C  CA    . VAL A 1 127 ? 4.693   -5.156  -0.200  1.00 8.28  ? 124 VAL A CA    1 
ATOM   999  C  C     . VAL A 1 127 ? 4.319   -6.561  0.282   1.00 8.02  ? 124 VAL A C     1 
ATOM   1000 O  O     . VAL A 1 127 ? 3.442   -6.711  1.122   1.00 7.92  ? 124 VAL A O     1 
ATOM   1001 C  CB    . VAL A 1 127 ? 4.184   -4.997  -1.666  1.00 8.79  ? 124 VAL A CB    1 
ATOM   1002 C  CG1   . VAL A 1 127 ? 2.705   -5.324  -1.746  1.00 9.41  ? 124 VAL A CG1   1 
ATOM   1003 C  CG2   . VAL A 1 127 ? 4.411   -3.586  -2.127  1.00 10.08 ? 124 VAL A CG2   1 
ATOM   1004 N  N     . LEU A 1 128 ? 4.933   -7.595  -0.305  1.00 7.72  ? 125 LEU A N     1 
ATOM   1005 C  CA    . LEU A 1 128 ? 4.425   -8.960  -0.093  1.00 7.93  ? 125 LEU A CA    1 
ATOM   1006 C  C     . LEU A 1 128 ? 4.598   -9.461  1.358   1.00 8.28  ? 125 LEU A C     1 
ATOM   1007 O  O     . LEU A 1 128 ? 3.779   -10.232 1.822   1.00 8.33  ? 125 LEU A O     1 
ATOM   1008 C  CB    . LEU A 1 128 ? 5.123   -9.913  -1.010  1.00 8.30  ? 125 LEU A CB    1 
ATOM   1009 C  CG    . LEU A 1 128 ? 4.832   -9.714  -2.502  1.00 8.57  ? 125 LEU A CG    1 
ATOM   1010 C  CD1   . LEU A 1 128 ? 5.656   -10.730 -3.242  1.00 9.74  ? 125 LEU A CD1   1 
ATOM   1011 C  CD2   . LEU A 1 128 ? 3.372   -9.892  -2.816  1.00 9.09  ? 125 LEU A CD2   1 
ATOM   1012 N  N     . ILE A 1 129 ? 5.628   -8.986  2.036   1.00 7.65  ? 126 ILE A N     1 
ATOM   1013 C  CA    . ILE A 1 129 ? 5.827   -9.406  3.398   1.00 7.89  ? 126 ILE A CA    1 
ATOM   1014 C  C     . ILE A 1 129 ? 4.698   -8.905  4.304   1.00 7.83  ? 126 ILE A C     1 
ATOM   1015 O  O     . ILE A 1 129 ? 3.997   -9.728  4.858   1.00 8.55  ? 126 ILE A O     1 
ATOM   1016 C  CB    . ILE A 1 129 ? 7.251   -9.132  3.911   1.00 8.46  ? 126 ILE A CB    1 
ATOM   1017 C  CG1   . ILE A 1 129 ? 8.227   -10.047 3.165   1.00 9.12  ? 126 ILE A CG1   1 
ATOM   1018 C  CG2   . ILE A 1 129 ? 7.335   -9.388  5.403   1.00 9.19  ? 126 ILE A CG2   1 
ATOM   1019 C  CD1   . ILE A 1 129 ? 9.684   -9.824  3.456   1.00 9.47  ? 126 ILE A CD1   1 
ATOM   1020 N  N     . PRO A 1 130 ? 4.449   -7.596  4.386   1.00 7.96  ? 127 PRO A N     1 
ATOM   1021 C  CA    . PRO A 1 130 ? 3.278   -7.167  5.199   1.00 8.23  ? 127 PRO A CA    1 
ATOM   1022 C  C     . PRO A 1 130 ? 1.962   -7.630  4.607   1.00 8.56  ? 127 PRO A C     1 
ATOM   1023 O  O     . PRO A 1 130 ? 1.036   -7.926  5.342   1.00 8.90  ? 127 PRO A O     1 
ATOM   1024 C  CB    . PRO A 1 130 ? 3.377   -5.638  5.227   1.00 7.95  ? 127 PRO A CB    1 
ATOM   1025 C  CG    . PRO A 1 130 ? 4.331   -5.278  4.137   1.00 8.18  ? 127 PRO A CG    1 
ATOM   1026 C  CD    . PRO A 1 130 ? 5.270   -6.454  3.969   1.00 9.08  ? 127 PRO A CD    1 
ATOM   1027 N  N     . LEU A 1 131 ? 1.894   -7.786  3.282   1.00 8.36  ? 128 LEU A N     1 
ATOM   1028 C  CA    . LEU A 1 131 ? 0.652   -8.276  2.723   1.00 8.27  ? 128 LEU A CA    1 
ATOM   1029 C  C     . LEU A 1 131 ? 0.368   -9.726  3.151   1.00 8.63  ? 128 LEU A C     1 
ATOM   1030 O  O     . LEU A 1 131 ? -0.778  -10.070 3.522   1.00 9.58  ? 128 LEU A O     1 
ATOM   1031 C  CB    . LEU A 1 131 ? 0.636   -8.145  1.196   1.00 8.22  ? 128 LEU A CB    1 
ATOM   1032 C  CG    . LEU A 1 131 ? -0.740  -8.405  0.550   1.00 8.29  ? 128 LEU A CG    1 
ATOM   1033 C  CD1   . LEU A 1 131 ? -1.854  -7.498  1.045   1.00 8.48  ? 128 LEU A CD1   1 
ATOM   1034 C  CD2   . LEU A 1 131 ? -0.591  -8.364  -0.967  1.00 8.20  ? 128 LEU A CD2   1 
ATOM   1035 N  N     . ASN A 1 132 ? 1.386   -10.566 3.128   1.00 7.09  ? 129 ASN A N     1 
ATOM   1036 C  CA    . ASN A 1 132 ? 1.234   -11.953 3.513   1.00 8.28  ? 129 ASN A CA    1 
ATOM   1037 C  C     . ASN A 1 132 ? 0.804   -12.044 4.978   1.00 7.61  ? 129 ASN A C     1 
ATOM   1038 O  O     . ASN A 1 132 ? 0.110   -12.989 5.371   1.00 7.74  ? 129 ASN A O     1 
ATOM   1039 C  CB    . ASN A 1 132 ? 2.541   -12.710 3.291   1.00 8.51  ? 129 ASN A CB    1 
ATOM   1040 C  CG    . ASN A 1 132 ? 2.446   -14.155 3.682   1.00 9.24  ? 129 ASN A CG    1 
ATOM   1041 O  OD1   . ASN A 1 132 ? 1.717   -14.943 3.062   1.00 10.52 ? 129 ASN A OD1   1 
ATOM   1042 N  ND2   . ASN A 1 132 ? 3.174   -14.523 4.708   1.00 10.15 ? 129 ASN A ND2   1 
ATOM   1043 N  N     . ASP A 1 133 ? 1.221   -11.083 5.787   1.00 7.39  ? 130 ASP A N     1 
ATOM   1044 C  CA    . ASP A 1 133 ? 0.845   -11.082 7.196   1.00 7.25  ? 130 ASP A CA    1 
ATOM   1045 C  C     . ASP A 1 133 ? -0.648  -11.008 7.399   1.00 7.25  ? 130 ASP A C     1 
ATOM   1046 O  O     . ASP A 1 133 ? -1.126  -11.574 8.329   1.00 7.42  ? 130 ASP A O     1 
ATOM   1047 C  CB    . ASP A 1 133 ? 1.458   -9.935  7.977   1.00 7.84  ? 130 ASP A CB    1 
ATOM   1048 C  CG    . ASP A 1 133 ? 2.965   -10.087 8.215   1.00 8.60  ? 130 ASP A CG    1 
ATOM   1049 O  OD1   . ASP A 1 133 ? 3.481   -11.200 8.270   1.00 8.59  ? 130 ASP A OD1   1 
ATOM   1050 O  OD2   . ASP A 1 133 ? 3.566   -9.049  8.396   1.00 9.14  ? 130 ASP A OD2   1 
ATOM   1051 N  N     . ILE A 1 134 ? -1.338  -10.275 6.537   1.00 7.18  ? 131 ILE A N     1 
ATOM   1052 C  CA    . ILE A 1 134 ? -2.785  -10.113 6.629   1.00 8.21  ? 131 ILE A CA    1 
ATOM   1053 C  C     . ILE A 1 134 ? -3.653  -10.782 5.574   1.00 8.75  ? 131 ILE A C     1 
ATOM   1054 O  O     . ILE A 1 134 ? -4.877  -10.836 5.758   1.00 9.61  ? 131 ILE A O     1 
ATOM   1055 C  CB    . ILE A 1 134 ? -3.172  -8.617  6.737   1.00 8.35  ? 131 ILE A CB    1 
ATOM   1056 C  CG1   . ILE A 1 134 ? -2.743  -7.827  5.522   1.00 9.14  ? 131 ILE A CG1   1 
ATOM   1057 C  CG2   . ILE A 1 134 ? -2.525  -7.977  7.986   1.00 8.69  ? 131 ILE A CG2   1 
ATOM   1058 C  CD1   . ILE A 1 134 ? -3.353  -6.447  5.441   1.00 9.80  ? 131 ILE A CD1   1 
ATOM   1059 N  N     . ALA A 1 135 ? -3.045  -11.254 4.482   1.00 7.91  ? 132 ALA A N     1 
ATOM   1060 C  CA    . ALA A 1 135 ? -3.768  -11.722 3.297   1.00 7.98  ? 132 ALA A CA    1 
ATOM   1061 C  C     . ALA A 1 135 ? -3.091  -12.915 2.653   1.00 8.43  ? 132 ALA A C     1 
ATOM   1062 O  O     . ALA A 1 135 ? -3.152  -13.091 1.431   1.00 7.07  ? 132 ALA A O     1 
ATOM   1063 C  CB    . ALA A 1 135 ? -3.892  -10.604 2.317   1.00 9.15  ? 132 ALA A CB    1 
ATOM   1064 N  N     . ALA A 1 136 ? -2.518  -13.787 3.483   1.00 7.78  ? 133 ALA A N     1 
ATOM   1065 C  CA    . ALA A 1 136 ? -1.814  -14.969 2.979   1.00 7.18  ? 133 ALA A CA    1 
ATOM   1066 C  C     . ALA A 1 136 ? -2.633  -15.794 1.965   1.00 7.88  ? 133 ALA A C     1 
ATOM   1067 O  O     . ALA A 1 136 ? -2.044  -16.332 1.036   1.00 7.72  ? 133 ALA A O     1 
ATOM   1068 C  CB    . ALA A 1 136 ? -1.383  -15.833 4.141   1.00 8.25  ? 133 ALA A CB    1 
ATOM   1069 N  N     . ASN A 1 137 ? -3.940  -15.985 2.211   1.00 8.10  ? 134 ASN A N     1 
ATOM   1070 C  CA    . ASN A 1 137 ? -4.759  -16.858 1.389   1.00 9.79  ? 134 ASN A CA    1 
ATOM   1071 C  C     . ASN A 1 137 ? -5.508  -16.125 0.287   1.00 9.41  ? 134 ASN A C     1 
ATOM   1072 O  O     . ASN A 1 137 ? -6.327  -16.728 -0.412  1.00 9.16  ? 134 ASN A O     1 
ATOM   1073 C  CB    . ASN A 1 137 ? -5.735  -17.646 2.269   1.00 11.78 ? 134 ASN A CB    1 
ATOM   1074 C  CG    . ASN A 1 137 ? -5.011  -18.681 3.108   1.00 14.74 ? 134 ASN A CG    1 
ATOM   1075 O  OD1   . ASN A 1 137 ? -4.037  -19.281 2.656   1.00 17.30 ? 134 ASN A OD1   1 
ATOM   1076 N  ND2   . ASN A 1 137 ? -5.467  -18.890 4.316   1.00 16.41 ? 134 ASN A ND2   1 
ATOM   1077 N  N     . VAL A 1 138 ? -5.275  -14.841 0.148   1.00 9.14  ? 135 VAL A N     1 
ATOM   1078 C  CA    . VAL A 1 138 ? -5.913  -14.045 -0.904  1.00 9.42  ? 135 VAL A CA    1 
ATOM   1079 C  C     . VAL A 1 138 ? -5.222  -14.336 -2.221  1.00 10.23 ? 135 VAL A C     1 
ATOM   1080 O  O     . VAL A 1 138 ? -4.017  -14.347 -2.295  1.00 9.39  ? 135 VAL A O     1 
ATOM   1081 C  CB    . VAL A 1 138 ? -5.905  -12.539 -0.551  1.00 10.65 ? 135 VAL A CB    1 
ATOM   1082 C  CG1   . VAL A 1 138 ? -6.372  -11.681 -1.726  1.00 12.87 ? 135 VAL A CG1   1 
ATOM   1083 C  CG2   . VAL A 1 138 ? -6.795  -12.326 0.681   1.00 11.03 ? 135 VAL A CG2   1 
ATOM   1084 N  N     . VAL A 1 139 ? -6.001  -14.547 -3.279  1.00 10.72 ? 136 VAL A N     1 
ATOM   1085 C  CA    . VAL A 1 139 ? -5.442  -14.834 -4.608  1.00 11.73 ? 136 VAL A CA    1 
ATOM   1086 C  C     . VAL A 1 139 ? -5.141  -13.526 -5.308  1.00 11.75 ? 136 VAL A C     1 
ATOM   1087 O  O     . VAL A 1 139 ? -6.004  -12.640 -5.336  1.00 11.86 ? 136 VAL A O     1 
ATOM   1088 C  CB    . VAL A 1 139 ? -6.437  -15.662 -5.462  1.00 12.26 ? 136 VAL A CB    1 
ATOM   1089 C  CG1   . VAL A 1 139 ? -5.897  -15.812 -6.886  1.00 14.69 ? 136 VAL A CG1   1 
ATOM   1090 C  CG2   . VAL A 1 139 ? -6.710  -17.003 -4.794  1.00 13.24 ? 136 VAL A CG2   1 
ATOM   1091 N  N     . GLU A 1 140 ? -3.907  -13.381 -5.822  1.00 11.22 ? 137 GLU A N     1 
ATOM   1092 C  CA    . GLU A 1 140 ? -3.494  -12.228 -6.624  1.00 11.12 ? 137 GLU A CA    1 
ATOM   1093 C  C     . GLU A 1 140 ? -3.950  -12.557 -8.057  1.00 10.57 ? 137 GLU A C     1 
ATOM   1094 O  O     . GLU A 1 140 ? -3.527  -13.575 -8.611  1.00 9.80  ? 137 GLU A O     1 
ATOM   1095 C  CB    . GLU A 1 140 ? -1.977  -12.066 -6.505  1.00 11.80 ? 137 GLU A CB    1 
ATOM   1096 C  CG    . GLU A 1 140 ? -1.432  -10.807 -7.143  1.00 12.21 ? 137 GLU A CG    1 
ATOM   1097 C  CD    . GLU A 1 140 ? -1.454  -10.890 -8.624  1.00 13.56 ? 137 GLU A CD    1 
ATOM   1098 O  OE1   . GLU A 1 140 ? -0.786  -11.800 -9.192  1.00 11.96 ? 137 GLU A OE1   1 
ATOM   1099 O  OE2   . GLU A 1 140 ? -2.165  -10.089 -9.269  1.00 13.82 ? 137 GLU A OE2   1 
ATOM   1100 N  N     . PRO A 1 141 ? -4.872  -11.771 -8.639  1.00 9.34  ? 138 PRO A N     1 
ATOM   1101 C  CA    . PRO A 1 141 ? -5.558  -12.169 -9.872  1.00 9.49  ? 138 PRO A CA    1 
ATOM   1102 C  C     . PRO A 1 141 ? -4.716  -12.326 -11.134 1.00 10.29 ? 138 PRO A C     1 
ATOM   1103 O  O     . PRO A 1 141 ? -5.109  -13.113 -11.994 1.00 11.37 ? 138 PRO A O     1 
ATOM   1104 C  CB    . PRO A 1 141 ? -6.617  -11.076 -10.072 1.00 10.76 ? 138 PRO A CB    1 
ATOM   1105 C  CG    . PRO A 1 141 ? -6.692  -10.350 -8.840  1.00 9.84  ? 138 PRO A CG    1 
ATOM   1106 C  CD    . PRO A 1 141 ? -5.561  -10.655 -7.957  1.00 9.80  ? 138 PRO A CD    1 
ATOM   1107 N  N     . ARG A 1 142 ? -3.622  -11.576 -11.259 1.00 10.87 ? 139 ARG A N     1 
ATOM   1108 C  CA    . ARG A 1 142 ? -2.763  -11.664 -12.466 1.00 12.48 ? 139 ARG A CA    1 
ATOM   1109 C  C     . ARG A 1 142 ? -2.031  -13.020 -12.504 1.00 11.37 ? 139 ARG A C     1 
ATOM   1110 O  O     . ARG A 1 142 ? -2.124  -13.765 -13.492 1.00 13.29 ? 139 ARG A O     1 
ATOM   1111 C  CB    . ARG A 1 142 ? -1.776  -10.500 -12.509 1.00 14.18 ? 139 ARG A CB    1 
ATOM   1112 C  CG    . ARG A 1 142 ? -2.442  -9.116  -12.628 1.00 15.81 ? 139 ARG A CG    1 
ATOM   1113 C  CD    . ARG A 1 142 ? -1.350  -8.024  -12.625 1.00 17.69 ? 139 ARG A CD    1 
ATOM   1114 N  NE    . ARG A 1 142 ? -1.846  -6.629  -12.520 1.00 14.19 ? 139 ARG A NE    1 
ATOM   1115 C  CZ    . ARG A 1 142 ? -2.464  -6.025  -13.522 1.00 13.68 ? 139 ARG A CZ    1 
ATOM   1116 N  NH1   . ARG A 1 142 ? -2.599  -6.654  -14.691 1.00 14.45 ? 139 ARG A NH1   1 
ATOM   1117 N  NH2   . ARG A 1 142 ? -2.924  -4.797  -13.397 1.00 12.86 ? 139 ARG A NH2   1 
ATOM   1118 N  N     . SER A 1 143 ? -1.415  -13.376 -11.388 1.00 10.80 ? 140 SER A N     1 
ATOM   1119 C  CA    . SER A 1 143 ? -0.631  -14.639 -11.277 1.00 10.42 ? 140 SER A CA    1 
ATOM   1120 C  C     . SER A 1 143 ? -1.525  -15.824 -10.980 1.00 10.63 ? 140 SER A C     1 
ATOM   1121 O  O     . SER A 1 143 ? -1.138  -16.973 -11.230 1.00 10.63 ? 140 SER A O     1 
ATOM   1122 C  CB    . SER A 1 143 ? 0.413   -14.512 -10.170 1.00 11.26 ? 140 SER A CB    1 
ATOM   1123 O  OG    . SER A 1 143 ? -0.206  -14.403 -8.897  1.00 10.83 ? 140 SER A OG    1 
ATOM   1124 N  N     . LYS A 1 144 ? -2.731  -15.555 -10.452 1.00 9.51  ? 141 LYS A N     1 
ATOM   1125 C  CA    . LYS A 1 144 ? -3.635  -16.571 -9.956  1.00 11.34 ? 141 LYS A CA    1 
ATOM   1126 C  C     . LYS A 1 144 ? -3.022  -17.376 -8.802  1.00 11.79 ? 141 LYS A C     1 
ATOM   1127 O  O     . LYS A 1 144 ? -3.471  -18.508 -8.521  1.00 12.18 ? 141 LYS A O     1 
ATOM   1128 C  CB    . LYS A 1 144 ? -4.083  -17.503 -11.094 1.00 11.70 ? 141 LYS A CB    1 
ATOM   1129 C  CG    . LYS A 1 144 ? -4.874  -16.766 -12.139 1.00 11.70 ? 141 LYS A CG    1 
ATOM   1130 C  CD    . LYS A 1 144 ? -5.250  -17.718 -13.264 1.00 15.01 ? 141 LYS A CD    1 
ATOM   1131 C  CE    . LYS A 1 144 ? -5.974  -16.960 -14.338 1.00 16.28 ? 141 LYS A CE    1 
ATOM   1132 N  NZ    . LYS A 1 144 ? -7.285  -16.545 -13.816 1.00 19.08 ? 141 LYS A NZ    1 
ATOM   1133 N  N     . LEU A 1 145 ? -2.050  -16.788 -8.113  1.00 10.87 ? 142 LEU A N     1 
ATOM   1134 C  CA    . LEU A 1 145 ? -1.422  -17.410 -6.940  1.00 11.12 ? 142 LEU A CA    1 
ATOM   1135 C  C     . LEU A 1 145 ? -1.852  -16.709 -5.661  1.00 10.09 ? 142 LEU A C     1 
ATOM   1136 O  O     . LEU A 1 145 ? -2.031  -15.497 -5.640  1.00 11.12 ? 142 LEU A O     1 
ATOM   1137 C  CB    . LEU A 1 145 ? 0.094   -17.348 -7.046  1.00 12.23 ? 142 LEU A CB    1 
ATOM   1138 C  CG    . LEU A 1 145 ? 0.736   -18.168 -8.161  1.00 14.25 ? 142 LEU A CG    1 
ATOM   1139 C  CD1   . LEU A 1 145 ? 2.228   -17.877 -8.274  1.00 15.76 ? 142 LEU A CD1   1 
ATOM   1140 C  CD2   . LEU A 1 145 ? 0.503   -19.613 -7.900  1.00 16.27 ? 142 LEU A CD2   1 
ATOM   1141 N  N     . LYS A 1 146 ? -1.967  -17.470 -4.584  1.00 10.53 ? 143 LYS A N     1 
ATOM   1142 C  CA    . LYS A 1 146 ? -2.186  -16.852 -3.279  1.00 10.01 ? 143 LYS A CA    1 
ATOM   1143 C  C     . LYS A 1 146 ? -0.937  -16.072 -2.871  1.00 8.85  ? 143 LYS A C     1 
ATOM   1144 O  O     . LYS A 1 146 ? 0.192   -16.432 -3.187  1.00 9.65  ? 143 LYS A O     1 
ATOM   1145 C  CB    . LYS A 1 146 ? -2.537  -17.908 -2.217  1.00 11.22 ? 143 LYS A CB    1 
ATOM   1146 C  CG    . LYS A 1 146 ? -3.869  -18.600 -2.469  1.00 14.17 ? 143 LYS A CG    1 
ATOM   1147 C  CD    . LYS A 1 146 ? -4.141  -19.653 -1.402  1.00 17.83 ? 143 LYS A CD    1 
ATOM   1148 C  CE    . LYS A 1 146 ? -5.396  -20.464 -1.656  1.00 26.14 ? 143 LYS A CE    1 
ATOM   1149 N  NZ    . LYS A 1 146 ? -6.604  -19.595 -1.750  1.00 31.00 ? 143 LYS A NZ    1 
ATOM   1150 N  N     . VAL A 1 147 ? -1.150  -15.018 -2.092  1.00 9.29  ? 144 VAL A N     1 
ATOM   1151 C  CA    . VAL A 1 147 ? -0.044  -14.219 -1.566  1.00 8.85  ? 144 VAL A CA    1 
ATOM   1152 C  C     . VAL A 1 147 ? 1.018   -15.071 -0.900  1.00 8.69  ? 144 VAL A C     1 
ATOM   1153 O  O     . VAL A 1 147 ? 2.224   -14.849 -1.111  1.00 8.20  ? 144 VAL A O     1 
ATOM   1154 C  CB    . VAL A 1 147 ? -0.561  -13.084 -0.645  1.00 8.57  ? 144 VAL A CB    1 
ATOM   1155 C  CG1   . VAL A 1 147 ? 0.587   -12.332 0.015   1.00 9.84  ? 144 VAL A CG1   1 
ATOM   1156 C  CG2   . VAL A 1 147 ? -1.475  -12.144 -1.452  1.00 9.43  ? 144 VAL A CG2   1 
ATOM   1157 N  N     . LYS A 1 148 ? 0.613   -16.109 -0.159  1.00 8.33  ? 145 LYS A N     1 
ATOM   1158 C  CA    . LYS A 1 148 ? 1.596   -16.928 0.559   1.00 8.93  ? 145 LYS A CA    1 
ATOM   1159 C  C     . LYS A 1 148 ? 2.507   -17.700 -0.383  1.00 9.07  ? 145 LYS A C     1 
ATOM   1160 O  O     . LYS A 1 148 ? 3.555   -18.191 0.045   1.00 9.42  ? 145 LYS A O     1 
ATOM   1161 C  CB    . LYS A 1 148 ? 0.908   -17.890 1.527   1.00 9.05  ? 145 LYS A CB    1 
ATOM   1162 C  CG    . LYS A 1 148 ? 0.084   -18.971 0.853   1.00 9.27  ? 145 LYS A CG    1 
ATOM   1163 C  CD    . LYS A 1 148 ? -0.690  -19.767 1.914   1.00 10.37 ? 145 LYS A CD    1 
ATOM   1164 C  CE    . LYS A 1 148 ? -1.602  -20.773 1.256   1.00 12.98 ? 145 LYS A CE    1 
ATOM   1165 N  NZ    . LYS A 1 148 ? -2.452  -21.532 2.230   1.00 15.06 ? 145 LYS A NZ    1 
ATOM   1166 N  N     . ASP A 1 149 ? 2.051   -17.863 -1.629  1.00 9.31  ? 146 ASP A N     1 
ATOM   1167 C  CA    . ASP A 1 149 ? 2.849   -18.521 -2.673  1.00 9.54  ? 146 ASP A CA    1 
ATOM   1168 C  C     . ASP A 1 149 ? 3.683   -17.579 -3.531  1.00 9.09  ? 146 ASP A C     1 
ATOM   1169 O  O     . ASP A 1 149 ? 4.476   -18.041 -4.348  1.00 10.61 ? 146 ASP A O     1 
ATOM   1170 C  CB    . ASP A 1 149 ? 1.951   -19.440 -3.508  1.00 10.33 ? 146 ASP A CB    1 
ATOM   1171 C  CG    . ASP A 1 149 ? 1.405   -20.586 -2.688  1.00 12.44 ? 146 ASP A CG    1 
ATOM   1172 O  OD1   . ASP A 1 149 ? 2.162   -21.128 -1.850  1.00 13.04 ? 146 ASP A OD1   1 
ATOM   1173 O  OD2   . ASP A 1 149 ? 0.236   -20.950 -2.876  1.00 16.25 ? 146 ASP A OD2   1 
ATOM   1174 N  N     . LEU A 1 150 ? 3.513   -16.289 -3.325  1.00 8.49  ? 147 LEU A N     1 
ATOM   1175 C  CA    . LEU A 1 150 ? 4.305   -15.229 -3.958  1.00 8.89  ? 147 LEU A CA    1 
ATOM   1176 C  C     . LEU A 1 150 ? 5.392   -14.663 -3.061  1.00 8.73  ? 147 LEU A C     1 
ATOM   1177 O  O     . LEU A 1 150 ? 6.472   -14.299 -3.522  1.00 8.36  ? 147 LEU A O     1 
ATOM   1178 C  CB    . LEU A 1 150 ? 3.355   -14.106 -4.343  1.00 8.81  ? 147 LEU A CB    1 
ATOM   1179 C  CG    . LEU A 1 150 ? 2.362   -14.413 -5.455  1.00 9.54  ? 147 LEU A CG    1 
ATOM   1180 C  CD1   . LEU A 1 150 ? 1.292   -13.327 -5.535  1.00 10.59 ? 147 LEU A CD1   1 
ATOM   1181 C  CD2   . LEU A 1 150 ? 3.094   -14.395 -6.787  1.00 10.54 ? 147 LEU A CD2   1 
ATOM   1182 N  N     . VAL A 1 151 ? 5.126   -14.597 -1.758  1.00 8.66  ? 148 VAL A N     1 
ATOM   1183 C  CA    . VAL A 1 151 ? 6.063   -14.021 -0.815  1.00 8.47  ? 148 VAL A CA    1 
ATOM   1184 C  C     . VAL A 1 151 ? 7.409   -14.733 -0.776  1.00 8.95  ? 148 VAL A C     1 
ATOM   1185 O  O     . VAL A 1 151 ? 7.510   -15.981 -0.945  1.00 8.44  ? 148 VAL A O     1 
ATOM   1186 C  CB    . VAL A 1 151 ? 5.409   -13.902 0.607   1.00 8.75  ? 148 VAL A CB    1 
ATOM   1187 C  CG1   . VAL A 1 151 ? 5.145   -15.275 1.237   1.00 9.55  ? 148 VAL A CG1   1 
ATOM   1188 C  CG2   . VAL A 1 151 ? 6.249   -12.990 1.480   1.00 9.06  ? 148 VAL A CG2   1 
ATOM   1189 N  N     . PHE A 1 152 ? 8.461   -13.937 -0.611  1.00 9.05  ? 149 PHE A N     1 
ATOM   1190 C  CA    . PHE A 1 152 ? 9.833   -14.451 -0.564  1.00 9.95  ? 149 PHE A CA    1 
ATOM   1191 C  C     . PHE A 1 152 ? 10.685  -13.746 0.492   1.00 10.39 ? 149 PHE A C     1 
ATOM   1192 O  O     . PHE A 1 152 ? 10.380  -12.638 0.919   1.00 10.57 ? 149 PHE A O     1 
ATOM   1193 C  CB    . PHE A 1 152 ? 10.486  -14.338 -1.943  1.00 10.25 ? 149 PHE A CB    1 
ATOM   1194 C  CG    . PHE A 1 152 ? 10.467  -12.938 -2.519  1.00 10.13 ? 149 PHE A CG    1 
ATOM   1195 C  CD1   . PHE A 1 152 ? 11.473  -12.012 -2.209  1.00 9.93  ? 149 PHE A CD1   1 
ATOM   1196 C  CD2   . PHE A 1 152 ? 9.454   -12.561 -3.386  1.00 9.44  ? 149 PHE A CD2   1 
ATOM   1197 C  CE1   . PHE A 1 152 ? 11.417  -10.726 -2.727  1.00 9.95  ? 149 PHE A CE1   1 
ATOM   1198 C  CE2   . PHE A 1 152 ? 9.396   -11.281 -3.921  1.00 10.18 ? 149 PHE A CE2   1 
ATOM   1199 C  CZ    . PHE A 1 152 ? 10.407  -10.366 -3.594  1.00 10.34 ? 149 PHE A CZ    1 
ATOM   1200 N  N     . VAL A 1 153 ? 11.776  -14.394 0.863   1.00 12.32 ? 150 VAL A N     1 
ATOM   1201 C  CA    . VAL A 1 153 ? 12.660  -13.879 1.912   1.00 13.87 ? 150 VAL A CA    1 
ATOM   1202 C  C     . VAL A 1 153 ? 13.416  -12.675 1.375   1.00 13.17 ? 150 VAL A C     1 
ATOM   1203 O  O     . VAL A 1 153 ? 13.871  -12.695 0.243   1.00 12.49 ? 150 VAL A O     1 
ATOM   1204 C  CB    . VAL A 1 153 ? 13.632  -14.978 2.420   1.00 15.19 ? 150 VAL A CB    1 
ATOM   1205 C  CG1   . VAL A 1 153 ? 14.653  -14.408 3.406   1.00 16.67 ? 150 VAL A CG1   1 
ATOM   1206 C  CG2   . VAL A 1 153 ? 12.844  -16.119 3.050   1.00 15.55 ? 150 VAL A CG2   1 
ATOM   1207 N  N     . ASP A 1 154 ? 13.498  -11.611 2.167   1.00 12.10 ? 151 ASP A N     1 
ATOM   1208 C  CA    . ASP A 1 154 ? 14.287  -10.448 1.792   1.00 12.69 ? 151 ASP A CA    1 
ATOM   1209 C  C     . ASP A 1 154 ? 14.853  -9.783  3.055   1.00 12.93 ? 151 ASP A C     1 
ATOM   1210 O  O     . ASP A 1 154 ? 14.119  -9.177  3.813   1.00 11.23 ? 151 ASP A O     1 
ATOM   1211 C  CB    . ASP A 1 154 ? 13.455  -9.499  0.951   1.00 12.79 ? 151 ASP A CB    1 
ATOM   1212 C  CG    . ASP A 1 154 ? 14.260  -8.355  0.362   1.00 15.86 ? 151 ASP A CG    1 
ATOM   1213 O  OD1   . ASP A 1 154 ? 15.297  -7.922  0.931   1.00 14.67 ? 151 ASP A OD1   1 
ATOM   1214 O  OD2   . ASP A 1 154 ? 13.822  -7.844  -0.690  1.00 19.96 ? 151 ASP A OD2   1 
ATOM   1215 N  N     . ASP A 1 155 ? 16.169  -9.889  3.234   1.00 13.43 ? 152 ASP A N     1 
ATOM   1216 C  CA    . ASP A 1 155 ? 16.804  -9.416  4.470   1.00 15.92 ? 152 ASP A CA    1 
ATOM   1217 C  C     . ASP A 1 155 ? 16.819  -7.883  4.583   1.00 15.29 ? 152 ASP A C     1 
ATOM   1218 O  O     . ASP A 1 155 ? 17.182  -7.351  5.652   1.00 15.46 ? 152 ASP A O     1 
ATOM   1219 C  CB    . ASP A 1 155 ? 18.236  -9.956  4.620   1.00 18.84 ? 152 ASP A CB    1 
ATOM   1220 C  CG    . ASP A 1 155 ? 18.297  -11.477 4.685   1.00 22.23 ? 152 ASP A CG    1 
ATOM   1221 O  OD1   . ASP A 1 155 ? 17.270  -12.173 4.923   1.00 24.81 ? 152 ASP A OD1   1 
ATOM   1222 O  OD2   . ASP A 1 155 ? 19.401  -11.986 4.457   1.00 28.18 ? 152 ASP A OD2   1 
ATOM   1223 N  N     . SER A 1 156 ? 16.442  -7.179  3.509   1.00 12.87 ? 153 SER A N     1 
ATOM   1224 C  CA    . SER A 1 156 ? 16.338  -5.716  3.555   1.00 13.40 ? 153 SER A CA    1 
ATOM   1225 C  C     . SER A 1 156 ? 15.021  -5.258  4.133   1.00 12.27 ? 153 SER A C     1 
ATOM   1226 O  O     . SER A 1 156 ? 14.809  -4.053  4.263   1.00 13.02 ? 153 SER A O     1 
ATOM   1227 C  CB    . SER A 1 156 ? 16.542  -5.091  2.172   1.00 13.94 ? 153 SER A CB    1 
ATOM   1228 O  OG    . SER A 1 156 ? 15.415  -5.279  1.314   1.00 14.21 ? 153 SER A OG    1 
ATOM   1229 N  N     . VAL A 1 157 ? 14.130  -6.199  4.460   1.00 12.74 ? 154 VAL A N     1 
ATOM   1230 C  CA    . VAL A 1 157 ? 12.825  -5.906  5.060   1.00 11.40 ? 154 VAL A CA    1 
ATOM   1231 C  C     . VAL A 1 157 ? 12.927  -6.384  6.503   1.00 12.30 ? 154 VAL A C     1 
ATOM   1232 O  O     . VAL A 1 157 ? 13.125  -7.567  6.736   1.00 11.89 ? 154 VAL A O     1 
ATOM   1233 C  CB    . VAL A 1 157 ? 11.697  -6.606  4.288   1.00 11.51 ? 154 VAL A CB    1 
ATOM   1234 C  CG1   . VAL A 1 157 ? 10.333  -6.419  4.973   1.00 10.72 ? 154 VAL A CG1   1 
ATOM   1235 C  CG2   . VAL A 1 157 ? 11.659  -6.066  2.866   1.00 11.63 ? 154 VAL A CG2   1 
ATOM   1236 N  N     . LYS A 1 158 ? 12.837  -5.460  7.445   1.00 10.81 ? 155 LYS A N     1 
ATOM   1237 C  CA    . LYS A 1 158 ? 13.049  -5.770  8.866   1.00 12.32 ? 155 LYS A CA    1 
ATOM   1238 C  C     . LYS A 1 158 ? 11.795  -5.375  9.658   1.00 10.55 ? 155 LYS A C     1 
ATOM   1239 O  O     . LYS A 1 158 ? 11.183  -4.355  9.407   1.00 9.27  ? 155 LYS A O     1 
ATOM   1240 C  CB    . LYS A 1 158 ? 14.248  -5.004  9.414   1.00 15.09 ? 155 LYS A CB    1 
ATOM   1241 C  CG    . LYS A 1 158 ? 15.605  -5.527  8.953   1.00 20.69 ? 155 LYS A CG    1 
ATOM   1242 C  CD    . LYS A 1 158 ? 16.665  -4.454  9.053   1.00 27.24 ? 155 LYS A CD    1 
ATOM   1243 C  CE    . LYS A 1 158 ? 18.080  -5.001  8.905   1.00 32.67 ? 155 LYS A CE    1 
ATOM   1244 N  NZ    . LYS A 1 158 ? 18.209  -6.121  7.926   1.00 35.44 ? 155 LYS A NZ    1 
ATOM   1245 N  N     . ARG A 1 159 ? 11.424  -6.201  10.631  1.00 10.83 ? 156 ARG A N     1 
ATOM   1246 C  CA    . ARG A 1 159 ? 10.374  -5.835  11.567  1.00 12.57 ? 156 ARG A CA    1 
ATOM   1247 C  C     . ARG A 1 159 ? 10.771  -4.542  12.296  1.00 11.39 ? 156 ARG A C     1 
ATOM   1248 O  O     . ARG A 1 159 ? 11.905  -4.393  12.755  1.00 12.47 ? 156 ARG A O     1 
ATOM   1249 C  CB    . ARG A 1 159 ? 10.228  -6.939  12.613  1.00 15.49 ? 156 ARG A CB    1 
ATOM   1250 C  CG    . ARG A 1 159 ? 9.846   -8.292  12.037  1.00 17.72 ? 156 ARG A CG    1 
ATOM   1251 C  CD    . ARG A 1 159 ? 9.755   -9.330  13.158  1.00 18.52 ? 156 ARG A CD    1 
ATOM   1252 N  NE    . ARG A 1 159 ? 11.058  -9.623  13.775  1.00 22.27 ? 156 ARG A NE    1 
ATOM   1253 C  CZ    . ARG A 1 159 ? 12.007  -10.393 13.235  1.00 25.00 ? 156 ARG A CZ    1 
ATOM   1254 N  NH1   . ARG A 1 159 ? 11.844  -10.973 12.049  1.00 27.90 ? 156 ARG A NH1   1 
ATOM   1255 N  NH2   . ARG A 1 159 ? 13.140  -10.606 13.896  1.00 28.69 ? 156 ARG A NH2   1 
ATOM   1256 N  N     . TYR A 1 160 ? 9.859   -3.600  12.372  1.00 12.63 ? 157 TYR A N     1 
ATOM   1257 C  CA    . TYR A 1 160 ? 10.167  -2.316  12.980  1.00 14.56 ? 157 TYR A CA    1 
ATOM   1258 C  C     . TYR A 1 160 ? 9.696   -2.258  14.428  1.00 19.48 ? 157 TYR A C     1 
ATOM   1259 O  O     . TYR A 1 160 ? 8.503   -2.302  14.629  1.00 26.04 ? 157 TYR A O     1 
ATOM   1260 C  CB    . TYR A 1 160 ? 9.498   -1.226  12.173  1.00 16.01 ? 157 TYR A CB    1 
ATOM   1261 C  CG    . TYR A 1 160 ? 9.894   0.154   12.601  1.00 14.42 ? 157 TYR A CG    1 
ATOM   1262 C  CD1   . TYR A 1 160 ? 11.222  0.569   12.492  1.00 16.95 ? 157 TYR A CD1   1 
ATOM   1263 C  CD2   . TYR A 1 160 ? 8.961   1.028   13.094  1.00 16.46 ? 157 TYR A CD2   1 
ATOM   1264 C  CE1   . TYR A 1 160 ? 11.606  1.846   12.845  1.00 18.70 ? 157 TYR A CE1   1 
ATOM   1265 C  CE2   . TYR A 1 160 ? 9.332   2.302   13.486  1.00 18.18 ? 157 TYR A CE2   1 
ATOM   1266 C  CZ    . TYR A 1 160 ? 10.641  2.708   13.348  1.00 19.65 ? 157 TYR A CZ    1 
ATOM   1267 O  OH    . TYR A 1 160 ? 11.031  4.010   13.697  1.00 26.03 ? 157 TYR A OH    1 
HETATM 1268 P  PG    . APC B 2 .   ? 4.512   2.629   -7.445  1.00 12.18 ? 201 APC A PG    1 
HETATM 1269 O  O1G   . APC B 2 .   ? 4.690   2.115   -6.044  1.00 11.28 ? 201 APC A O1G   1 
HETATM 1270 O  O2G   . APC B 2 .   ? 3.104   2.956   -7.842  1.00 12.46 ? 201 APC A O2G   1 
HETATM 1271 O  O3G   . APC B 2 .   ? 5.302   1.828   -8.445  1.00 10.77 ? 201 APC A O3G   1 
HETATM 1272 P  PB    . APC B 2 .   ? 4.860   5.328   -6.653  1.00 13.14 ? 201 APC A PB    1 
HETATM 1273 O  O1B   . APC B 2 .   ? 3.837   4.924   -5.607  1.00 13.05 ? 201 APC A O1B   1 
HETATM 1274 O  O2B   . APC B 2 .   ? 6.176   6.034   -6.113  1.00 14.19 ? 201 APC A O2B   1 
HETATM 1275 O  O3B   . APC B 2 .   ? 5.308   4.051   -7.502  1.00 11.92 ? 201 APC A O3B   1 
HETATM 1276 P  PA    . APC B 2 .   ? 3.172   7.781   -7.222  1.00 14.19 ? 201 APC A PA    1 
HETATM 1277 O  O1A   . APC B 2 .   ? 2.594   7.491   -5.803  1.00 12.06 ? 201 APC A O1A   1 
HETATM 1278 O  O2A   . APC B 2 .   ? 4.085   8.963   -7.240  1.00 15.85 ? 201 APC A O2A   1 
HETATM 1279 C  C3A   . APC B 2 .   ? 4.042   6.364   -7.895  1.00 12.62 ? 201 APC A C3A   1 
HETATM 1280 O  "O5'" . APC B 2 .   ? 1.794   7.971   -8.041  1.00 15.98 ? 201 APC A "O5'" 1 
HETATM 1281 C  "C5'" . APC B 2 .   ? 1.755   8.282   -9.397  1.00 20.96 ? 201 APC A "C5'" 1 
HETATM 1282 C  "C4'" . APC B 2 .   ? 0.470   7.769   -10.030 1.00 17.06 ? 201 APC A "C4'" 1 
HETATM 1283 O  "O4'" . APC B 2 .   ? 0.513   6.333   -10.061 1.00 16.20 ? 201 APC A "O4'" 1 
HETATM 1284 C  "C3'" . APC B 2 .   ? -0.895  8.058   -9.435  1.00 20.88 ? 201 APC A "C3'" 1 
HETATM 1285 O  "O3'" . APC B 2 .   ? -1.353  9.387   -9.659  1.00 18.82 ? 201 APC A "O3'" 1 
HETATM 1286 C  "C2'" . APC B 2 .   ? -1.731  7.054   -10.202 1.00 22.20 ? 201 APC A "C2'" 1 
HETATM 1287 O  "O2'" . APC B 2 .   ? -2.331  7.678   -11.359 1.00 25.77 ? 201 APC A "O2'" 1 
HETATM 1288 C  "C1'" . APC B 2 .   ? -0.725  6.007   -10.653 1.00 16.69 ? 201 APC A "C1'" 1 
HETATM 1289 N  N9    . APC B 2 .   ? -1.125  4.634   -10.315 1.00 16.86 ? 201 APC A N9    1 
HETATM 1290 C  C8    . APC B 2 .   ? -1.245  3.633   -11.201 1.00 19.49 ? 201 APC A C8    1 
HETATM 1291 N  N7    . APC B 2 .   ? -1.691  2.500   -10.574 1.00 17.33 ? 201 APC A N7    1 
HETATM 1292 C  C5    . APC B 2 .   ? -1.808  2.798   -9.245  1.00 14.65 ? 201 APC A C5    1 
HETATM 1293 C  C6    . APC B 2 .   ? -2.198  2.051   -8.044  1.00 14.19 ? 201 APC A C6    1 
HETATM 1294 N  N6    . APC B 2 .   ? -2.548  0.744   -8.226  1.00 12.66 ? 201 APC A N6    1 
HETATM 1295 N  N1    . APC B 2 .   ? -2.204  2.719   -6.863  1.00 13.72 ? 201 APC A N1    1 
HETATM 1296 C  C2    . APC B 2 .   ? -1.841  4.029   -6.767  1.00 14.49 ? 201 APC A C2    1 
HETATM 1297 N  N3    . APC B 2 .   ? -1.470  4.774   -7.841  1.00 14.51 ? 201 APC A N3    1 
HETATM 1298 C  C4    . APC B 2 .   ? -1.437  4.214   -9.073  1.00 15.23 ? 201 APC A C4    1 
HETATM 1299 C  C1    . 5RZ C 3 .   ? 10.959  1.877   -8.456  1.00 23.74 ? 202 5RZ A C1    1 
HETATM 1300 C  C2    . 5RZ C 3 .   ? 11.425  -0.274  -7.540  1.00 21.47 ? 202 5RZ A C2    1 
HETATM 1301 C  C3    . 5RZ C 3 .   ? 11.895  1.634   -9.442  1.00 22.20 ? 202 5RZ A C3    1 
HETATM 1302 C  C4    . 5RZ C 3 .   ? 12.369  -0.507  -8.522  1.00 20.96 ? 202 5RZ A C4    1 
HETATM 1303 C  C5    . 5RZ C 3 .   ? 10.711  0.917   -7.497  1.00 23.45 ? 202 5RZ A C5    1 
HETATM 1304 C  C6    . 5RZ C 3 .   ? 9.213   2.249   -2.126  1.00 11.49 ? 202 5RZ A C6    1 
HETATM 1305 C  C7    . 5RZ C 3 .   ? 12.598  0.459   -9.485  1.00 25.38 ? 202 5RZ A C7    1 
HETATM 1306 C  C8    . 5RZ C 3 .   ? 10.531  1.933   -2.327  1.00 11.39 ? 202 5RZ A C8    1 
HETATM 1307 C  C9    . 5RZ C 3 .   ? 8.573   1.798   -0.913  1.00 11.19 ? 202 5RZ A C9    1 
HETATM 1308 C  C10   . 5RZ C 3 .   ? 10.779  0.819   -0.445  1.00 11.17 ? 202 5RZ A C10   1 
HETATM 1309 C  C11   . 5RZ C 3 .   ? 9.757   3.061   -4.010  1.00 14.88 ? 202 5RZ A C11   1 
HETATM 1310 C  C12   . 5RZ C 3 .   ? 9.722   1.158   -6.420  1.00 23.29 ? 202 5RZ A C12   1 
HETATM 1311 C  C13   . 5RZ C 3 .   ? 8.861   2.419   -6.344  1.00 22.65 ? 202 5RZ A C13   1 
HETATM 1312 N  N14   . 5RZ C 3 .   ? 11.355  1.245   -1.532  1.00 11.73 ? 202 5RZ A N14   1 
HETATM 1313 N  N15   . 5RZ C 3 .   ? 10.888  2.474   -3.540  1.00 13.66 ? 202 5RZ A N15   1 
HETATM 1314 N  N16   . 5RZ C 3 .   ? 9.452   1.075   -0.141  1.00 11.22 ? 202 5RZ A N16   1 
HETATM 1315 N  N17   . 5RZ C 3 .   ? 8.732   2.963   -3.200  1.00 13.77 ? 202 5RZ A N17   1 
HETATM 1316 N  N18   . 5RZ C 3 .   ? 11.443  0.085   0.514   1.00 12.46 ? 202 5RZ A N18   1 
HETATM 1317 O  O19   . 5RZ C 3 .   ? 9.621   0.312   -5.549  1.00 24.57 ? 202 5RZ A O19   1 
HETATM 1318 O  O20   . 5RZ C 3 .   ? 7.423   2.000   -0.576  1.00 12.05 ? 202 5RZ A O20   1 
HETATM 1319 S  S21   . 5RZ C 3 .   ? 9.683   3.863   -5.562  1.00 18.63 ? 202 5RZ A S21   1 
HETATM 1320 BR BR1   . 5RZ C 3 .   ? 13.866  0.243   -10.889 1.00 28.60 ? 202 5RZ A BR1   1 
HETATM 1321 MG MG    . MG  D 4 .   ? 4.438   3.173   -4.289  1.00 10.33 ? 203 MG  A MG    1 
HETATM 1322 MG MG    . MG  E 4 .   ? 2.007   5.656   -5.049  1.00 11.24 ? 204 MG  A MG    1 
HETATM 1323 N  N     . NO3 F 5 .   ? 7.627   14.967  0.404   1.00 23.48 ? 205 NO3 A N     1 
HETATM 1324 O  O1    . NO3 F 5 .   ? 7.628   16.160  0.123   1.00 32.87 ? 205 NO3 A O1    1 
HETATM 1325 O  O2    . NO3 F 5 .   ? 8.731   14.323  0.895   1.00 21.43 ? 205 NO3 A O2    1 
HETATM 1326 O  O3    . NO3 F 5 .   ? 6.489   14.253  0.225   1.00 19.54 ? 205 NO3 A O3    1 
HETATM 1327 O  O     . HOH G 6 .   ? 4.805   -2.206  -14.296 1.00 18.51 ? 301 HOH A O     1 
HETATM 1328 O  O     . HOH G 6 .   ? -15.223 5.525   6.826   1.00 14.29 ? 302 HOH A O     1 
HETATM 1329 O  O     . HOH G 6 .   ? 8.988   5.220   14.554  1.00 30.90 ? 303 HOH A O     1 
HETATM 1330 O  O     . HOH G 6 .   ? 3.956   11.283  -8.403  1.00 25.19 ? 304 HOH A O     1 
HETATM 1331 O  O     . HOH G 6 .   ? 12.970  10.657  10.402  1.00 24.51 ? 305 HOH A O     1 
HETATM 1332 O  O     . HOH G 6 .   ? -3.139  -12.270 9.843   1.00 23.06 ? 306 HOH A O     1 
HETATM 1333 O  O     . HOH G 6 .   ? 19.368  5.268   2.748   1.00 27.34 ? 307 HOH A O     1 
HETATM 1334 O  O     . HOH G 6 .   ? 6.832   3.191   -10.411 1.00 32.33 ? 308 HOH A O     1 
HETATM 1335 O  O     . HOH G 6 .   ? 5.974   17.980  3.501   1.00 27.13 ? 309 HOH A O     1 
HETATM 1336 O  O     . HOH G 6 .   ? -4.347  -1.780  -20.980 1.00 40.18 ? 310 HOH A O     1 
HETATM 1337 O  O     . HOH G 6 .   ? 1.046   -1.831  12.359  1.00 30.11 ? 311 HOH A O     1 
HETATM 1338 O  O     . HOH G 6 .   ? -7.570  -14.113 -12.230 1.00 28.92 ? 312 HOH A O     1 
HETATM 1339 O  O     . HOH G 6 .   ? -6.622  -8.736  5.997   1.00 22.88 ? 313 HOH A O     1 
HETATM 1340 O  O     . HOH G 6 .   ? -15.411 -9.140  -8.954  1.00 24.56 ? 314 HOH A O     1 
HETATM 1341 O  O     . HOH G 6 .   ? -11.525 -7.347  -14.006 1.00 27.52 ? 315 HOH A O     1 
HETATM 1342 O  O     . HOH G 6 .   ? 16.365  4.127   9.206   1.00 26.84 ? 316 HOH A O     1 
HETATM 1343 O  O     . HOH G 6 .   ? -11.196 -9.028  7.715   1.00 30.51 ? 317 HOH A O     1 
HETATM 1344 O  O     . HOH G 6 .   ? -16.942 -5.773  -9.508  1.00 24.88 ? 318 HOH A O     1 
HETATM 1345 O  O     . HOH G 6 .   ? 5.972   -18.188 -1.183  1.00 25.92 ? 319 HOH A O     1 
HETATM 1346 O  O     . HOH G 6 .   ? 6.451   3.874   -4.330  1.00 12.45 ? 320 HOH A O     1 
HETATM 1347 O  O     . HOH G 6 .   ? 0.532   9.629   -5.829  1.00 28.25 ? 321 HOH A O     1 
HETATM 1348 O  O     . HOH G 6 .   ? -15.801 6.301   -10.563 1.00 27.20 ? 322 HOH A O     1 
HETATM 1349 O  O     . HOH G 6 .   ? 3.382   15.076  6.918   1.00 27.85 ? 323 HOH A O     1 
HETATM 1350 O  O     . HOH G 6 .   ? 0.199   6.523   -4.670  1.00 11.11 ? 324 HOH A O     1 
HETATM 1351 O  O     . HOH G 6 .   ? 7.804   11.554  -4.579  1.00 21.61 ? 325 HOH A O     1 
HETATM 1352 O  O     . HOH G 6 .   ? 1.394   4.903   -6.998  1.00 11.96 ? 326 HOH A O     1 
HETATM 1353 O  O     . HOH G 6 .   ? -1.526  -20.285 -4.849  1.00 24.24 ? 327 HOH A O     1 
HETATM 1354 O  O     . HOH G 6 .   ? 12.203  -7.041  -2.738  1.00 20.62 ? 328 HOH A O     1 
HETATM 1355 O  O     . HOH G 6 .   ? -6.001  -5.959  -17.801 1.00 36.44 ? 329 HOH A O     1 
HETATM 1356 O  O     . HOH G 6 .   ? -0.129  11.189  -8.005  1.00 27.24 ? 330 HOH A O     1 
HETATM 1357 O  O     . HOH G 6 .   ? -10.151 -4.558  -17.090 1.00 20.07 ? 331 HOH A O     1 
HETATM 1358 O  O     . HOH G 6 .   ? 13.027  4.628   -6.412  1.00 19.46 ? 332 HOH A O     1 
HETATM 1359 O  O     . HOH G 6 .   ? 6.744   -13.305 -6.082  1.00 21.82 ? 333 HOH A O     1 
HETATM 1360 O  O     . HOH G 6 .   ? 2.483   3.864   -10.414 1.00 19.68 ? 334 HOH A O     1 
HETATM 1361 O  O     . HOH G 6 .   ? 3.393   -0.376  -3.471  1.00 13.67 ? 335 HOH A O     1 
HETATM 1362 O  O     . HOH G 6 .   ? 7.107   -5.716  12.374  1.00 23.56 ? 336 HOH A O     1 
HETATM 1363 O  O     . HOH G 6 .   ? 5.624   -11.736 9.940   1.00 17.38 ? 337 HOH A O     1 
HETATM 1364 O  O     . HOH G 6 .   ? 8.263   4.773   -8.438  1.00 18.64 ? 338 HOH A O     1 
HETATM 1365 O  O     . HOH G 6 .   ? 4.240   -3.014  13.563  1.00 33.60 ? 339 HOH A O     1 
HETATM 1366 O  O     . HOH G 6 .   ? 8.647   -11.010 -0.508  1.00 16.53 ? 340 HOH A O     1 
HETATM 1367 O  O     . HOH G 6 .   ? 15.475  -6.384  -2.376  1.00 41.84 ? 341 HOH A O     1 
HETATM 1368 O  O     . HOH G 6 .   ? -0.324  13.057  -4.082  1.00 35.36 ? 342 HOH A O     1 
HETATM 1369 O  O     . HOH G 6 .   ? 14.513  -14.675 -1.600  1.00 32.20 ? 343 HOH A O     1 
HETATM 1370 O  O     . HOH G 6 .   ? -13.992 -9.272  -6.827  1.00 19.46 ? 344 HOH A O     1 
HETATM 1371 O  O     . HOH G 6 .   ? 14.388  6.847   7.183   1.00 14.04 ? 345 HOH A O     1 
HETATM 1372 O  O     . HOH G 6 .   ? 6.352   4.569   -0.988  1.00 13.85 ? 346 HOH A O     1 
HETATM 1373 O  O     . HOH G 6 .   ? 4.770   -12.213 5.929   1.00 18.07 ? 347 HOH A O     1 
HETATM 1374 O  O     . HOH G 6 .   ? 11.634  -9.952  6.611   1.00 30.87 ? 348 HOH A O     1 
HETATM 1375 O  O     . HOH G 6 .   ? -5.367  6.286   -17.555 1.00 30.54 ? 349 HOH A O     1 
HETATM 1376 O  O     . HOH G 6 .   ? -8.815  -14.657 -3.004  1.00 22.63 ? 350 HOH A O     1 
HETATM 1377 O  O     . HOH G 6 .   ? 13.381  -3.363  0.822   1.00 15.42 ? 351 HOH A O     1 
HETATM 1378 O  O     . HOH G 6 .   ? -7.568  -6.894  -7.436  1.00 10.82 ? 352 HOH A O     1 
HETATM 1379 O  O     . HOH G 6 .   ? 8.036   17.247  -7.098  1.00 34.92 ? 353 HOH A O     1 
HETATM 1380 O  O     . HOH G 6 .   ? 8.603   7.141   13.050  1.00 18.68 ? 354 HOH A O     1 
HETATM 1381 O  O     . HOH G 6 .   ? 12.095  -17.005 -0.229  1.00 32.28 ? 355 HOH A O     1 
HETATM 1382 O  O     . HOH G 6 .   ? -16.752 -1.634  -8.289  1.00 29.19 ? 356 HOH A O     1 
HETATM 1383 O  O     . HOH G 6 .   ? -8.992  -7.850  -2.633  1.00 24.20 ? 357 HOH A O     1 
HETATM 1384 O  O     . HOH G 6 .   ? 5.234   1.792   -2.981  1.00 12.69 ? 358 HOH A O     1 
HETATM 1385 O  O     . HOH G 6 .   ? -14.479 -8.031  -2.411  1.00 29.76 ? 359 HOH A O     1 
HETATM 1386 O  O     . HOH G 6 .   ? 10.649  7.617   11.507  1.00 17.78 ? 360 HOH A O     1 
HETATM 1387 O  O     . HOH G 6 .   ? -12.333 -5.590  11.226  1.00 38.23 ? 361 HOH A O     1 
HETATM 1388 O  O     . HOH G 6 .   ? 8.204   11.161  -11.620 1.00 28.95 ? 362 HOH A O     1 
HETATM 1389 O  O     . HOH G 6 .   ? 3.866   -1.849  1.644   1.00 12.68 ? 363 HOH A O     1 
HETATM 1390 O  O     . HOH G 6 .   ? -17.566 4.965   5.757   1.00 33.78 ? 364 HOH A O     1 
HETATM 1391 O  O     . HOH G 6 .   ? 6.381   9.036   16.368  1.00 41.52 ? 365 HOH A O     1 
HETATM 1392 O  O     . HOH G 6 .   ? -4.670  -13.577 -14.864 1.00 37.67 ? 366 HOH A O     1 
HETATM 1393 O  O     . HOH G 6 .   ? 2.862   -7.803  -9.629  1.00 24.46 ? 367 HOH A O     1 
HETATM 1394 O  O     . HOH G 6 .   ? -15.532 9.372   -0.028  1.00 45.87 ? 368 HOH A O     1 
HETATM 1395 O  O     . HOH G 6 .   ? 4.396   -18.588 2.823   1.00 32.81 ? 369 HOH A O     1 
HETATM 1396 O  O     . HOH G 6 .   ? 7.396   14.561  10.246  1.00 26.73 ? 370 HOH A O     1 
HETATM 1397 O  O     . HOH G 6 .   ? -2.107  -9.247  -15.975 1.00 38.07 ? 371 HOH A O     1 
HETATM 1398 O  O     . HOH G 6 .   ? 12.442  -11.901 4.891   1.00 20.86 ? 372 HOH A O     1 
HETATM 1399 O  O     . HOH G 6 .   ? -7.805  -3.670  -18.190 1.00 16.85 ? 373 HOH A O     1 
HETATM 1400 O  O     . HOH G 6 .   ? -17.137 0.646   4.240   1.00 43.09 ? 374 HOH A O     1 
HETATM 1401 O  O     . HOH G 6 .   ? 17.412  -1.827  -3.000  1.00 32.22 ? 375 HOH A O     1 
HETATM 1402 O  O     . HOH G 6 .   ? 11.534  -4.920  -0.733  1.00 17.22 ? 376 HOH A O     1 
HETATM 1403 O  O     . HOH G 6 .   ? -14.912 0.165   -9.629  1.00 31.93 ? 377 HOH A O     1 
HETATM 1404 O  O     . HOH G 6 .   ? -5.720  -14.724 4.208   1.00 21.64 ? 378 HOH A O     1 
HETATM 1405 O  O     . HOH G 6 .   ? 10.629  -10.483 9.393   1.00 35.20 ? 379 HOH A O     1 
HETATM 1406 O  O     . HOH G 6 .   ? -4.251  4.822   13.016  1.00 40.31 ? 380 HOH A O     1 
HETATM 1407 O  O     . HOH G 6 .   ? 7.982   -11.150 8.782   1.00 28.46 ? 381 HOH A O     1 
HETATM 1408 O  O     . HOH G 6 .   ? 3.213   2.492   -0.504  1.00 15.91 ? 382 HOH A O     1 
HETATM 1409 O  O     . HOH G 6 .   ? -8.974  -14.919 -15.721 1.00 42.74 ? 383 HOH A O     1 
HETATM 1410 O  O     . HOH G 6 .   ? 0.298   -7.927  -9.715  1.00 27.28 ? 384 HOH A O     1 
HETATM 1411 O  O     . HOH G 6 .   ? -15.305 3.652   8.954   1.00 42.22 ? 385 HOH A O     1 
HETATM 1412 O  O     . HOH G 6 .   ? 17.780  -11.181 1.014   1.00 38.34 ? 386 HOH A O     1 
HETATM 1413 O  O     . HOH G 6 .   ? -16.454 7.411   7.935   1.00 34.73 ? 387 HOH A O     1 
HETATM 1414 O  O     . HOH G 6 .   ? 13.692  -8.104  11.372  1.00 33.10 ? 388 HOH A O     1 
HETATM 1415 O  O     . HOH G 6 .   ? 16.676  -1.760  -5.610  1.00 29.85 ? 389 HOH A O     1 
HETATM 1416 O  O     . HOH G 6 .   ? 3.416   -2.549  -5.330  1.00 14.46 ? 390 HOH A O     1 
HETATM 1417 O  O     . HOH G 6 .   ? -10.249 -9.942  -1.339  1.00 29.01 ? 391 HOH A O     1 
HETATM 1418 O  O     . HOH G 6 .   ? -4.052  10.295  -10.955 1.00 37.03 ? 392 HOH A O     1 
HETATM 1419 O  O     . HOH G 6 .   ? 0.348   -4.388  -16.486 1.00 35.34 ? 393 HOH A O     1 
HETATM 1420 O  O     . HOH G 6 .   ? -8.307  -14.987 -9.769  1.00 31.00 ? 394 HOH A O     1 
HETATM 1421 O  O     . HOH G 6 .   ? 17.028  -4.147  -1.368  1.00 49.88 ? 395 HOH A O     1 
HETATM 1422 O  O     . HOH G 6 .   ? 13.473  -6.878  -5.344  1.00 52.45 ? 396 HOH A O     1 
HETATM 1423 O  O     . HOH G 6 .   ? 3.288   -0.287  -0.710  1.00 14.40 ? 397 HOH A O     1 
HETATM 1424 O  O     . HOH G 6 .   ? 4.700   14.450  10.991  1.00 42.92 ? 398 HOH A O     1 
HETATM 1425 O  O     . HOH G 6 .   ? -12.614 -10.026 -2.987  1.00 35.48 ? 399 HOH A O     1 
HETATM 1426 O  O     . HOH G 6 .   ? 5.729   17.229  6.457   1.00 39.25 ? 400 HOH A O     1 
HETATM 1427 O  O     . HOH G 6 .   ? 7.373   -13.588 5.275   1.00 38.95 ? 401 HOH A O     1 
# 
